data_7C87
#
_entry.id   7C87
#
_cell.length_a   76.065
_cell.length_b   103.134
_cell.length_c   104.956
_cell.angle_alpha   106.026
_cell.angle_beta   104.752
_cell.angle_gamma   92.595
#
_symmetry.space_group_name_H-M   'P 1'
#
loop_
_entity.id
_entity.type
_entity.pdbx_description
1 polymer Peroxiredoxin
2 non-polymer 'CITRIC ACID'
3 water water
#
_entity_poly.entity_id   1
_entity_poly.type   'polypeptide(L)'
_entity_poly.pdbx_seq_one_letter_code
;MPGSIPLIGERFPEMEVTTDHGVIKLPDHYVSQGKWFVLFSHPADFTPVSTTEFVSFARRYEDFQRLGVDLIGLSVDSVC
SHIKWKEWIERHIGVRIPFPIIADPQGTVARRLGLLHAESATHTVRGVFIVDARGVIRTMLYYPMELGRLVDEILRIVKA
LKLGDSLKRAVPADWPNNEIIGEGLIVPPPTTEDQARARMESGQYRSLDWWFSWDTPASRDDVEEARRYLRRAAEKPAKL
LYEEARTHLH
;
_entity_poly.pdbx_strand_id   A,B,C,D,E,F,G,H,I,J
#
loop_
_chem_comp.id
_chem_comp.type
_chem_comp.name
_chem_comp.formula
CIT non-polymer 'CITRIC ACID' 'C6 H8 O7'
#
# COMPACT_ATOMS: atom_id res chain seq x y z
N PRO A 2 10.17 15.01 19.88
CA PRO A 2 9.73 15.26 18.49
C PRO A 2 10.67 16.12 17.62
N GLY A 3 11.98 15.84 17.62
CA GLY A 3 12.95 16.51 16.72
C GLY A 3 14.06 15.57 16.29
N SER A 4 14.68 15.85 15.14
CA SER A 4 15.85 15.12 14.60
C SER A 4 17.09 16.02 14.62
N ILE A 5 18.29 15.44 14.81
CA ILE A 5 19.59 16.17 14.89
C ILE A 5 20.66 15.39 14.12
N PRO A 6 21.76 16.06 13.69
CA PRO A 6 22.94 15.36 13.22
C PRO A 6 23.68 15.02 14.52
N LEU A 7 24.65 14.12 14.50
CA LEU A 7 25.19 13.51 15.75
C LEU A 7 26.70 13.71 15.83
N ILE A 8 27.24 13.70 17.05
CA ILE A 8 28.69 13.66 17.35
C ILE A 8 29.28 12.44 16.62
N GLY A 9 30.43 12.61 15.99
CA GLY A 9 31.08 11.58 15.17
C GLY A 9 30.66 11.65 13.70
N GLU A 10 29.53 12.29 13.36
CA GLU A 10 29.10 12.44 11.95
C GLU A 10 29.75 13.67 11.32
N ARG A 11 29.98 13.60 10.02
CA ARG A 11 30.40 14.76 9.21
C ARG A 11 29.29 15.81 9.27
N PHE A 12 29.65 17.07 9.45
CA PHE A 12 28.67 18.17 9.35
C PHE A 12 27.99 18.04 7.99
N PRO A 13 26.65 18.09 7.90
CA PRO A 13 25.97 17.87 6.62
C PRO A 13 26.35 18.92 5.56
N GLU A 14 26.66 18.47 4.35
CA GLU A 14 26.94 19.33 3.16
C GLU A 14 25.79 20.31 2.98
N MET A 15 26.09 21.59 2.96
CA MET A 15 25.03 22.57 2.65
C MET A 15 25.68 23.84 2.12
N GLU A 16 24.97 24.48 1.22
CA GLU A 16 25.24 25.87 0.77
C GLU A 16 24.44 26.78 1.67
N VAL A 17 25.06 27.78 2.29
CA VAL A 17 24.31 28.72 3.16
C VAL A 17 24.60 30.14 2.67
N THR A 18 23.57 30.97 2.64
CA THR A 18 23.64 32.44 2.43
C THR A 18 23.95 33.10 3.78
N THR A 19 25.09 33.77 3.86
CA THR A 19 25.54 34.58 5.01
C THR A 19 25.59 36.04 4.56
N ASP A 20 25.88 36.93 5.48
CA ASP A 20 26.07 38.38 5.22
C ASP A 20 27.49 38.66 4.70
N HIS A 21 28.32 37.62 4.49
CA HIS A 21 29.65 37.70 3.81
C HIS A 21 29.61 36.95 2.46
N GLY A 22 28.43 36.50 2.05
CA GLY A 22 28.19 35.82 0.77
C GLY A 22 27.86 34.36 1.01
N VAL A 23 27.74 33.60 -0.09
CA VAL A 23 27.39 32.16 -0.07
C VAL A 23 28.67 31.42 0.34
N ILE A 24 28.58 30.49 1.30
CA ILE A 24 29.68 29.53 1.55
C ILE A 24 29.12 28.11 1.61
N LYS A 25 29.99 27.11 1.38
CA LYS A 25 29.64 25.68 1.50
C LYS A 25 30.16 25.18 2.85
N LEU A 26 29.29 24.52 3.60
CA LEU A 26 29.68 23.90 4.89
C LEU A 26 29.72 22.40 4.66
N PRO A 27 30.67 21.66 5.29
CA PRO A 27 31.80 22.23 6.04
C PRO A 27 33.06 22.61 5.23
N ASP A 28 33.04 22.38 3.91
CA ASP A 28 34.21 22.41 2.98
C ASP A 28 34.95 23.74 3.11
N HIS A 29 34.22 24.85 3.16
CA HIS A 29 34.82 26.20 3.32
C HIS A 29 35.83 26.24 4.46
N TYR A 30 35.58 25.57 5.60
CA TYR A 30 36.51 25.59 6.77
C TYR A 30 37.49 24.41 6.65
N VAL A 31 37.04 23.26 6.17
CA VAL A 31 37.90 22.04 5.96
C VAL A 31 39.09 22.39 5.04
N SER A 32 38.80 23.05 3.92
CA SER A 32 39.73 23.68 2.93
C SER A 32 40.89 24.42 3.61
N GLN A 33 40.59 25.17 4.67
CA GLN A 33 41.56 26.05 5.34
C GLN A 33 42.24 25.34 6.52
N GLY A 34 41.96 24.05 6.77
CA GLY A 34 42.41 23.35 7.99
C GLY A 34 41.86 23.99 9.26
N LYS A 35 40.68 24.61 9.18
CA LYS A 35 40.05 25.33 10.34
C LYS A 35 38.89 24.52 10.91
N TRP A 36 38.84 24.45 12.24
CA TRP A 36 37.62 24.15 13.03
C TRP A 36 36.61 25.27 12.83
N PHE A 37 35.33 25.01 13.02
CA PHE A 37 34.37 26.13 13.17
C PHE A 37 33.36 25.80 14.27
N VAL A 38 32.93 26.87 14.93
CA VAL A 38 31.76 26.87 15.85
C VAL A 38 30.65 27.57 15.08
N LEU A 39 29.61 26.82 14.75
CA LEU A 39 28.36 27.38 14.21
C LEU A 39 27.43 27.49 15.41
N PHE A 40 26.86 28.66 15.64
CA PHE A 40 25.88 28.86 16.73
C PHE A 40 24.67 29.61 16.16
N SER A 41 23.55 29.45 16.83
CA SER A 41 22.27 30.07 16.43
C SER A 41 21.72 30.96 17.54
N HIS A 42 20.83 31.86 17.15
CA HIS A 42 20.12 32.80 18.02
C HIS A 42 18.76 33.04 17.39
N PRO A 43 17.71 33.24 18.20
CA PRO A 43 16.34 33.29 17.69
C PRO A 43 16.13 34.36 16.60
N ALA A 44 16.56 35.60 16.82
CA ALA A 44 16.24 36.75 15.93
C ALA A 44 17.22 37.89 16.19
N ASP A 45 17.46 38.69 15.18
CA ASP A 45 18.31 39.91 15.25
C ASP A 45 17.56 40.92 16.14
N PHE A 46 18.28 41.84 16.77
CA PHE A 46 17.72 42.95 17.57
C PHE A 46 16.91 42.35 18.74
N THR A 47 17.52 41.36 19.39
CA THR A 47 17.06 40.73 20.64
C THR A 47 18.24 40.85 21.59
N PRO A 48 17.93 41.16 22.86
CA PRO A 48 18.95 41.54 23.82
C PRO A 48 19.91 40.40 24.25
N VAL A 49 19.44 39.21 24.60
CA VAL A 49 20.38 38.12 25.01
C VAL A 49 21.30 37.82 23.81
N SER A 50 20.73 37.66 22.61
CA SER A 50 21.51 37.42 21.38
C SER A 50 22.58 38.52 21.23
N THR A 51 22.27 39.78 21.55
CA THR A 51 23.24 40.88 21.38
C THR A 51 24.42 40.64 22.33
N THR A 52 24.16 40.34 23.60
CA THR A 52 25.21 40.07 24.61
C THR A 52 26.09 38.90 24.16
N GLU A 53 25.50 37.89 23.52
CA GLU A 53 26.25 36.71 23.03
C GLU A 53 27.20 37.08 21.88
N PHE A 54 26.72 37.84 20.88
CA PHE A 54 27.54 38.32 19.74
C PHE A 54 28.72 39.13 20.27
N VAL A 55 28.46 39.99 21.25
CA VAL A 55 29.52 40.83 21.85
C VAL A 55 30.54 39.92 22.54
N SER A 56 30.10 38.89 23.26
CA SER A 56 30.97 37.97 24.04
C SER A 56 31.87 37.17 23.07
N PHE A 57 31.33 36.77 21.92
CA PHE A 57 32.05 36.05 20.83
C PHE A 57 33.06 36.99 20.14
N ALA A 58 32.60 38.19 19.78
CA ALA A 58 33.44 39.22 19.15
C ALA A 58 34.66 39.53 20.03
N ARG A 59 34.47 39.75 21.33
CA ARG A 59 35.59 40.08 22.27
C ARG A 59 36.51 38.89 22.50
N ARG A 60 36.05 37.67 22.27
CA ARG A 60 36.87 36.44 22.41
C ARG A 60 37.41 36.00 21.03
N TYR A 61 37.15 36.75 19.96
CA TYR A 61 37.48 36.36 18.57
C TYR A 61 38.95 35.95 18.42
N GLU A 62 39.81 36.77 18.99
CA GLU A 62 41.28 36.58 19.06
C GLU A 62 41.58 35.19 19.65
N ASP A 63 40.95 34.82 20.78
CA ASP A 63 41.18 33.51 21.45
C ASP A 63 40.77 32.39 20.49
N PHE A 64 39.62 32.54 19.80
CA PHE A 64 39.15 31.57 18.79
C PHE A 64 40.17 31.49 17.62
N GLN A 65 40.72 32.63 17.19
CA GLN A 65 41.69 32.70 16.05
C GLN A 65 42.98 32.01 16.47
N ARG A 66 43.47 32.18 17.70
CA ARG A 66 44.70 31.50 18.21
C ARG A 66 44.56 29.98 18.04
N LEU A 67 43.36 29.43 18.22
CA LEU A 67 43.08 27.97 18.16
C LEU A 67 42.82 27.51 16.73
N GLY A 68 42.85 28.39 15.73
CA GLY A 68 42.47 28.03 14.36
C GLY A 68 41.01 27.59 14.28
N VAL A 69 40.14 28.39 14.94
CA VAL A 69 38.66 28.22 15.01
C VAL A 69 38.02 29.47 14.40
N ASP A 70 37.20 29.31 13.36
CA ASP A 70 36.31 30.39 12.84
C ASP A 70 34.95 30.29 13.52
N LEU A 71 34.21 31.40 13.51
CA LEU A 71 32.84 31.50 14.04
C LEU A 71 31.86 31.77 12.91
N ILE A 72 30.66 31.22 13.01
CA ILE A 72 29.59 31.52 12.04
C ILE A 72 28.25 31.45 12.77
N GLY A 73 27.46 32.52 12.68
CA GLY A 73 26.13 32.65 13.30
C GLY A 73 25.04 32.17 12.37
N LEU A 74 23.81 32.13 12.86
CA LEU A 74 22.60 31.59 12.20
C LEU A 74 21.39 32.19 12.94
N SER A 75 20.50 32.85 12.18
CA SER A 75 19.10 33.13 12.59
C SER A 75 18.18 33.03 11.37
N VAL A 76 16.87 33.04 11.58
CA VAL A 76 15.86 32.96 10.49
C VAL A 76 15.69 34.34 9.83
N ASP A 77 16.40 35.36 10.33
CA ASP A 77 16.35 36.74 9.77
C ASP A 77 17.21 36.77 8.52
N SER A 78 16.90 37.69 7.60
CA SER A 78 17.50 37.85 6.26
C SER A 78 18.80 38.67 6.39
N VAL A 79 19.57 38.74 5.30
CA VAL A 79 20.97 39.27 5.28
C VAL A 79 20.94 40.76 5.60
N CYS A 80 19.90 41.47 5.18
CA CYS A 80 19.77 42.94 5.38
C CYS A 80 19.62 43.22 6.89
N SER A 81 18.67 42.58 7.58
CA SER A 81 18.55 42.59 9.06
C SER A 81 19.90 42.29 9.71
N HIS A 82 20.63 41.25 9.29
CA HIS A 82 21.93 40.93 9.94
C HIS A 82 22.86 42.14 9.87
N ILE A 83 22.96 42.75 8.69
CA ILE A 83 23.92 43.88 8.46
C ILE A 83 23.46 45.09 9.30
N LYS A 84 22.16 45.43 9.29
CA LYS A 84 21.61 46.54 10.14
C LYS A 84 21.92 46.25 11.61
N TRP A 85 21.83 44.99 12.05
CA TRP A 85 22.02 44.57 13.47
C TRP A 85 23.47 44.78 13.87
N LYS A 86 24.38 44.39 13.00
CA LYS A 86 25.83 44.52 13.26
C LYS A 86 26.19 46.01 13.35
N GLU A 87 25.65 46.84 12.44
CA GLU A 87 25.86 48.30 12.40
C GLU A 87 25.42 48.87 13.75
N TRP A 88 24.23 48.45 14.20
CA TRP A 88 23.70 48.91 15.51
C TRP A 88 24.67 48.55 16.65
N ILE A 89 25.17 47.30 16.69
CA ILE A 89 26.12 46.84 17.75
C ILE A 89 27.42 47.68 17.69
N GLU A 90 27.99 47.89 16.50
CA GLU A 90 29.22 48.72 16.34
C GLU A 90 28.98 50.13 16.88
N ARG A 91 27.89 50.77 16.43
CA ARG A 91 27.56 52.19 16.74
C ARG A 91 27.27 52.37 18.23
N HIS A 92 26.42 51.54 18.83
CA HIS A 92 25.87 51.77 20.19
C HIS A 92 26.71 51.03 21.24
N ILE A 93 27.39 49.92 20.90
CA ILE A 93 28.21 49.18 21.91
C ILE A 93 29.71 49.35 21.64
N GLY A 94 30.12 49.73 20.42
CA GLY A 94 31.53 49.99 20.10
C GLY A 94 32.29 48.69 19.81
N VAL A 95 31.57 47.64 19.42
CA VAL A 95 32.19 46.32 19.20
C VAL A 95 31.79 45.89 17.80
N ARG A 96 32.78 45.65 16.96
CA ARG A 96 32.60 45.21 15.55
C ARG A 96 32.41 43.69 15.59
N ILE A 97 31.37 43.16 14.94
CA ILE A 97 31.19 41.69 14.82
C ILE A 97 31.93 41.24 13.55
N PRO A 98 33.10 40.57 13.64
CA PRO A 98 33.88 40.27 12.43
C PRO A 98 33.48 39.03 11.62
N PHE A 99 32.68 38.12 12.19
CA PHE A 99 32.38 36.78 11.63
C PHE A 99 31.05 36.85 10.91
N PRO A 100 30.78 35.93 9.96
CA PRO A 100 29.50 35.91 9.27
C PRO A 100 28.32 35.37 10.10
N ILE A 101 27.11 35.70 9.64
CA ILE A 101 25.82 35.17 10.15
C ILE A 101 25.08 34.57 8.96
N ILE A 102 24.67 33.31 9.08
CA ILE A 102 23.76 32.68 8.09
C ILE A 102 22.37 33.30 8.24
N ALA A 103 21.76 33.63 7.09
CA ALA A 103 20.33 33.94 6.96
C ALA A 103 19.59 32.64 6.65
N ASP A 104 18.61 32.27 7.46
CA ASP A 104 17.88 30.99 7.28
C ASP A 104 16.38 31.26 7.22
N PRO A 105 15.88 32.16 6.36
CA PRO A 105 14.45 32.44 6.28
C PRO A 105 13.42 31.29 6.28
N GLN A 106 13.63 30.16 5.62
CA GLN A 106 12.54 29.13 5.70
C GLN A 106 12.92 28.01 6.67
N GLY A 107 13.96 28.21 7.50
CA GLY A 107 14.42 27.23 8.49
C GLY A 107 14.97 25.98 7.84
N THR A 108 15.46 26.05 6.59
CA THR A 108 16.11 24.90 5.90
C THR A 108 17.26 24.38 6.74
N VAL A 109 18.17 25.27 7.14
CA VAL A 109 19.38 24.91 7.93
C VAL A 109 18.92 24.50 9.32
N ALA A 110 17.99 25.27 9.90
CA ALA A 110 17.50 25.09 11.28
C ALA A 110 16.98 23.66 11.43
N ARG A 111 16.13 23.21 10.52
CA ARG A 111 15.47 21.86 10.52
C ARG A 111 16.56 20.80 10.35
N ARG A 112 17.49 21.01 9.43
CA ARG A 112 18.61 20.07 9.19
C ARG A 112 19.48 19.95 10.44
N LEU A 113 19.67 21.03 11.22
CA LEU A 113 20.53 20.97 12.44
C LEU A 113 19.71 20.76 13.73
N GLY A 114 18.38 20.55 13.64
CA GLY A 114 17.49 20.37 14.82
C GLY A 114 17.44 21.57 15.75
N LEU A 115 17.43 22.79 15.20
CA LEU A 115 17.53 24.07 15.96
C LEU A 115 16.15 24.65 16.26
N LEU A 116 15.10 24.04 15.75
CA LEU A 116 13.70 24.45 16.06
C LEU A 116 13.19 23.48 17.13
N HIS A 117 12.98 23.97 18.35
CA HIS A 117 12.51 23.18 19.52
C HIS A 117 11.10 23.68 19.86
N ALA A 118 10.46 23.09 20.86
CA ALA A 118 9.05 23.36 21.23
C ALA A 118 8.91 24.79 21.74
N GLU A 119 10.00 25.40 22.19
CA GLU A 119 9.96 26.72 22.86
C GLU A 119 9.52 27.79 21.84
N SER A 120 9.76 27.56 20.54
CA SER A 120 9.30 28.43 19.44
C SER A 120 9.23 27.62 18.15
N ALA A 121 8.06 27.59 17.51
CA ALA A 121 7.84 26.96 16.19
C ALA A 121 8.67 27.73 15.15
N THR A 122 8.90 29.03 15.36
CA THR A 122 9.33 29.98 14.30
C THR A 122 10.82 30.33 14.44
N HIS A 123 11.35 30.38 15.66
CA HIS A 123 12.74 30.86 15.90
C HIS A 123 13.57 29.78 16.55
N THR A 124 14.81 29.81 16.16
CA THR A 124 15.86 28.84 16.52
C THR A 124 16.20 29.03 18.00
N VAL A 125 16.49 27.94 18.71
CA VAL A 125 17.10 28.01 20.06
C VAL A 125 18.57 28.45 19.91
N ARG A 126 19.33 28.37 21.00
CA ARG A 126 20.75 28.82 21.07
C ARG A 126 21.65 27.58 20.90
N GLY A 127 21.67 27.01 19.70
CA GLY A 127 22.44 25.80 19.38
C GLY A 127 23.92 26.12 19.16
N VAL A 128 24.82 25.18 19.45
CA VAL A 128 26.29 25.30 19.21
C VAL A 128 26.77 23.99 18.60
N PHE A 129 27.31 24.02 17.39
CA PHE A 129 28.01 22.89 16.74
C PHE A 129 29.50 23.24 16.65
N ILE A 130 30.30 22.49 17.37
CA ILE A 130 31.79 22.56 17.34
C ILE A 130 32.20 21.47 16.35
N VAL A 131 32.78 21.88 15.21
CA VAL A 131 33.11 21.03 14.03
C VAL A 131 34.62 21.10 13.83
N ASP A 132 35.32 19.97 13.74
CA ASP A 132 36.80 19.98 13.65
C ASP A 132 37.22 20.20 12.19
N ALA A 133 38.53 20.25 11.95
CA ALA A 133 39.14 20.59 10.63
C ALA A 133 38.88 19.47 9.62
N ARG A 134 38.42 18.29 10.06
CA ARG A 134 38.01 17.19 9.14
C ARG A 134 36.51 17.31 8.86
N GLY A 135 35.85 18.32 9.43
CA GLY A 135 34.42 18.58 9.20
C GLY A 135 33.52 17.67 10.02
N VAL A 136 34.04 17.08 11.10
CA VAL A 136 33.29 16.17 12.01
C VAL A 136 32.72 17.00 13.17
N ILE A 137 31.47 16.73 13.56
CA ILE A 137 30.79 17.30 14.76
C ILE A 137 31.38 16.65 16.03
N ARG A 138 31.90 17.48 16.93
CA ARG A 138 32.70 17.01 18.09
C ARG A 138 31.92 17.22 19.38
N THR A 139 31.03 18.22 19.41
CA THR A 139 30.20 18.62 20.59
C THR A 139 29.00 19.42 20.07
N MET A 140 27.84 19.24 20.71
CA MET A 140 26.58 19.97 20.42
C MET A 140 25.98 20.46 21.75
N LEU A 141 25.64 21.75 21.81
CA LEU A 141 24.97 22.37 22.96
C LEU A 141 23.68 23.01 22.50
N TYR A 142 22.62 22.88 23.31
CA TYR A 142 21.31 23.51 23.05
C TYR A 142 20.92 24.30 24.29
N TYR A 143 21.20 25.59 24.27
CA TYR A 143 20.71 26.55 25.28
C TYR A 143 19.35 27.07 24.80
N PRO A 144 18.51 27.52 25.75
CA PRO A 144 17.17 28.01 25.41
C PRO A 144 17.14 29.51 25.13
N MET A 145 15.96 30.08 24.83
CA MET A 145 15.79 31.51 24.48
C MET A 145 16.23 32.38 25.67
N GLU A 146 15.88 31.95 26.87
CA GLU A 146 15.91 32.79 28.10
C GLU A 146 17.30 32.80 28.75
N LEU A 147 18.30 32.11 28.18
CA LEU A 147 19.62 31.90 28.88
C LEU A 147 20.75 32.07 27.87
N GLY A 148 21.62 33.03 28.12
CA GLY A 148 22.85 33.23 27.34
C GLY A 148 23.88 32.14 27.60
N ARG A 149 24.69 31.86 26.60
CA ARG A 149 25.79 30.88 26.68
C ARG A 149 26.92 31.45 27.52
N LEU A 150 27.73 30.55 28.07
CA LEU A 150 29.06 30.84 28.64
C LEU A 150 30.13 30.59 27.56
N VAL A 151 30.55 31.63 26.84
CA VAL A 151 31.43 31.48 25.65
C VAL A 151 32.81 30.91 26.04
N ASP A 152 33.32 31.23 27.24
CA ASP A 152 34.60 30.64 27.74
C ASP A 152 34.52 29.10 27.77
N GLU A 153 33.34 28.51 28.00
CA GLU A 153 33.23 27.02 28.02
C GLU A 153 33.39 26.51 26.59
N ILE A 154 32.93 27.27 25.59
CA ILE A 154 33.12 26.90 24.16
C ILE A 154 34.61 26.92 23.81
N LEU A 155 35.39 27.91 24.29
CA LEU A 155 36.86 27.93 24.09
C LEU A 155 37.50 26.74 24.80
N ARG A 156 37.14 26.49 26.07
CA ARG A 156 37.68 25.36 26.86
C ARG A 156 37.42 24.04 26.12
N ILE A 157 36.20 23.79 25.64
CA ILE A 157 35.85 22.57 24.87
C ILE A 157 36.82 22.43 23.68
N VAL A 158 36.97 23.45 22.83
CA VAL A 158 37.80 23.35 21.58
C VAL A 158 39.28 23.18 21.95
N LYS A 159 39.73 23.87 23.00
CA LYS A 159 41.12 23.74 23.50
C LYS A 159 41.36 22.31 23.99
N ALA A 160 40.48 21.79 24.83
CA ALA A 160 40.56 20.44 25.43
C ALA A 160 40.46 19.36 24.33
N LEU A 161 39.60 19.55 23.35
CA LEU A 161 39.40 18.58 22.24
C LEU A 161 40.69 18.52 21.40
N LYS A 162 41.24 19.67 21.03
CA LYS A 162 42.49 19.76 20.22
C LYS A 162 43.65 19.15 20.98
N LEU A 163 43.69 19.35 22.29
CA LEU A 163 44.73 18.76 23.18
C LEU A 163 44.59 17.22 23.23
N GLY A 164 43.36 16.73 23.39
CA GLY A 164 43.10 15.28 23.41
C GLY A 164 43.52 14.62 22.10
N ASP A 165 43.18 15.24 20.99
CA ASP A 165 43.54 14.79 19.61
C ASP A 165 45.06 14.74 19.46
N SER A 166 45.82 15.79 19.81
CA SER A 166 47.27 15.85 19.52
C SER A 166 48.05 14.95 20.49
N LEU A 167 47.66 14.84 21.76
CA LEU A 167 48.37 13.98 22.76
C LEU A 167 47.73 12.58 22.86
N LYS A 168 46.65 12.27 22.13
CA LYS A 168 45.94 10.96 22.20
C LYS A 168 45.50 10.65 23.64
N ARG A 169 44.68 11.53 24.21
CA ARG A 169 44.32 11.47 25.64
C ARG A 169 42.85 11.82 25.75
N ALA A 170 42.22 11.39 26.82
CA ALA A 170 40.86 11.81 27.18
C ALA A 170 40.98 12.92 28.23
N VAL A 171 40.00 13.82 28.30
CA VAL A 171 40.06 14.97 29.22
C VAL A 171 39.12 14.76 30.40
N PRO A 172 39.63 14.81 31.65
CA PRO A 172 38.80 14.57 32.81
C PRO A 172 37.82 15.75 33.01
N ALA A 173 36.78 15.50 33.79
CA ALA A 173 35.83 16.54 34.27
C ALA A 173 36.60 17.78 34.72
N ASP A 174 36.15 18.96 34.29
CA ASP A 174 36.59 20.27 34.87
C ASP A 174 38.06 20.56 34.56
N TRP A 175 38.69 19.84 33.62
CA TRP A 175 40.09 20.10 33.20
C TRP A 175 40.22 21.58 32.81
N PRO A 176 41.33 22.28 33.14
CA PRO A 176 42.51 21.71 33.82
C PRO A 176 42.51 21.70 35.34
N ASN A 177 41.34 21.77 35.96
CA ASN A 177 41.20 21.85 37.44
C ASN A 177 40.45 20.63 37.92
N ASN A 178 40.76 19.44 37.37
CA ASN A 178 40.06 18.23 37.82
C ASN A 178 40.40 17.94 39.28
N GLU A 179 39.44 17.59 40.10
CA GLU A 179 39.65 17.40 41.57
C GLU A 179 40.44 16.12 41.91
N ILE A 180 40.59 15.18 40.96
CA ILE A 180 41.35 13.92 41.18
C ILE A 180 42.78 14.07 40.62
N ILE A 181 42.93 14.54 39.37
CA ILE A 181 44.24 14.50 38.67
C ILE A 181 44.66 15.90 38.22
N GLY A 182 43.97 16.94 38.69
CA GLY A 182 44.27 18.33 38.31
C GLY A 182 44.28 18.52 36.79
N GLU A 183 45.45 18.79 36.25
CA GLU A 183 45.69 19.03 34.79
C GLU A 183 46.10 17.74 34.08
N GLY A 184 46.18 16.62 34.79
CA GLY A 184 46.37 15.29 34.19
C GLY A 184 45.37 15.01 33.08
N LEU A 185 45.84 14.30 32.06
CA LEU A 185 45.05 13.78 30.92
C LEU A 185 45.06 12.26 31.00
N ILE A 186 43.94 11.63 30.61
CA ILE A 186 43.64 10.20 30.86
C ILE A 186 44.10 9.41 29.64
N VAL A 187 44.81 8.31 29.85
CA VAL A 187 45.13 7.36 28.74
C VAL A 187 43.88 6.56 28.43
N PRO A 188 43.46 6.41 27.14
CA PRO A 188 42.28 5.59 26.85
C PRO A 188 42.40 4.24 27.54
N PRO A 189 41.35 3.72 28.19
CA PRO A 189 41.49 2.44 28.92
C PRO A 189 41.85 1.26 28.01
N PRO A 190 42.51 0.19 28.53
CA PRO A 190 42.72 -1.05 27.77
C PRO A 190 41.38 -1.63 27.30
N THR A 191 41.34 -2.27 26.13
CA THR A 191 40.13 -2.93 25.54
C THR A 191 40.24 -4.47 25.64
N THR A 192 41.32 -5.00 26.21
CA THR A 192 41.46 -6.46 26.42
C THR A 192 42.16 -6.70 27.75
N GLU A 193 41.98 -7.89 28.30
CA GLU A 193 42.65 -8.31 29.55
C GLU A 193 44.17 -8.34 29.37
N ASP A 194 44.64 -8.84 28.22
CA ASP A 194 46.09 -8.88 27.90
C ASP A 194 46.64 -7.45 27.98
N GLN A 195 46.02 -6.47 27.29
CA GLN A 195 46.40 -5.03 27.40
C GLN A 195 46.34 -4.55 28.85
N ALA A 196 45.30 -4.88 29.61
CA ALA A 196 45.16 -4.42 31.02
C ALA A 196 46.41 -4.84 31.80
N ARG A 197 46.72 -6.13 31.80
CA ARG A 197 47.92 -6.71 32.47
C ARG A 197 49.19 -6.03 31.93
N ALA A 198 49.42 -5.93 30.62
CA ALA A 198 50.68 -5.33 30.10
C ALA A 198 50.84 -3.92 30.70
N ARG A 199 49.77 -3.11 30.68
CA ARG A 199 49.78 -1.71 31.17
C ARG A 199 50.10 -1.67 32.67
N MET A 200 49.50 -2.54 33.49
CA MET A 200 49.73 -2.52 34.95
C MET A 200 51.16 -2.97 35.32
N GLU A 201 51.80 -3.87 34.57
CA GLU A 201 53.16 -4.33 34.94
C GLU A 201 54.21 -3.48 34.20
N SER A 202 53.82 -2.55 33.33
CA SER A 202 54.75 -1.62 32.63
C SER A 202 55.17 -0.48 33.59
N GLY A 203 54.28 -0.10 34.53
CA GLY A 203 54.49 1.03 35.46
C GLY A 203 54.79 2.36 34.77
N GLN A 204 54.55 2.47 33.47
CA GLN A 204 54.73 3.69 32.63
C GLN A 204 53.81 4.86 33.05
N TYR A 205 52.68 4.59 33.71
CA TYR A 205 51.67 5.63 34.05
C TYR A 205 51.31 5.52 35.52
N ARG A 206 51.05 6.66 36.16
CA ARG A 206 50.26 6.75 37.42
C ARG A 206 48.88 6.16 37.08
N SER A 207 48.35 5.35 37.98
CA SER A 207 47.09 4.56 37.83
C SER A 207 46.32 4.56 39.14
N LEU A 208 45.00 4.41 39.05
CA LEU A 208 44.13 4.11 40.21
C LEU A 208 43.64 2.66 40.09
N ASP A 209 43.69 2.13 38.87
CA ASP A 209 43.29 0.77 38.46
C ASP A 209 43.72 0.63 37.02
N TRP A 210 43.64 -0.57 36.44
CA TRP A 210 44.08 -0.81 35.04
C TRP A 210 43.24 0.00 34.06
N TRP A 211 42.05 0.46 34.45
CA TRP A 211 41.17 1.23 33.52
C TRP A 211 41.37 2.76 33.70
N PHE A 212 42.15 3.19 34.70
CA PHE A 212 42.29 4.62 35.11
C PHE A 212 43.77 4.94 35.27
N SER A 213 44.41 5.22 34.14
CA SER A 213 45.80 5.71 33.99
C SER A 213 45.78 7.14 33.44
N TRP A 214 46.77 7.95 33.84
CA TRP A 214 46.91 9.35 33.38
C TRP A 214 48.38 9.79 33.48
N ASP A 215 48.74 10.79 32.69
CA ASP A 215 50.04 11.50 32.81
C ASP A 215 49.75 13.00 32.67
N THR A 216 50.79 13.82 32.63
CA THR A 216 50.67 15.31 32.56
C THR A 216 51.51 15.79 31.40
N PRO A 217 51.10 15.50 30.14
CA PRO A 217 51.88 15.83 28.96
C PRO A 217 51.47 17.11 28.25
N ALA A 218 50.43 17.81 28.76
CA ALA A 218 50.04 19.16 28.29
C ALA A 218 51.14 20.12 28.74
N SER A 219 51.58 21.04 27.88
CA SER A 219 52.52 22.13 28.23
C SER A 219 51.88 23.04 29.31
N ARG A 220 52.71 23.73 30.07
CA ARG A 220 52.31 24.76 31.07
C ARG A 220 51.43 25.78 30.35
N ASP A 221 51.82 26.16 29.12
CA ASP A 221 51.10 27.15 28.28
C ASP A 221 49.69 26.65 27.96
N ASP A 222 49.56 25.39 27.48
CA ASP A 222 48.24 24.77 27.13
C ASP A 222 47.33 24.85 28.36
N VAL A 223 47.83 24.44 29.51
CA VAL A 223 47.10 24.34 30.80
C VAL A 223 46.67 25.74 31.24
N GLU A 224 47.60 26.72 31.20
CA GLU A 224 47.34 28.10 31.71
C GLU A 224 46.41 28.84 30.74
N GLU A 225 46.54 28.63 29.44
CA GLU A 225 45.63 29.24 28.44
C GLU A 225 44.21 28.71 28.73
N ALA A 226 44.02 27.41 28.93
CA ALA A 226 42.69 26.80 29.22
C ALA A 226 42.16 27.40 30.51
N ARG A 227 43.00 27.53 31.52
CA ARG A 227 42.58 27.98 32.86
C ARG A 227 42.21 29.47 32.81
N ARG A 228 42.89 30.25 31.96
CA ARG A 228 42.61 31.70 31.72
C ARG A 228 41.16 31.85 31.23
N TYR A 229 40.67 30.95 30.37
CA TYR A 229 39.28 31.01 29.88
C TYR A 229 38.35 31.04 31.08
N LEU A 230 38.59 30.12 32.02
CA LEU A 230 37.73 29.94 33.21
C LEU A 230 37.91 31.15 34.15
N ARG A 231 39.14 31.65 34.32
CA ARG A 231 39.40 32.84 35.18
C ARG A 231 38.61 34.00 34.56
N ARG A 232 38.68 34.20 33.25
CA ARG A 232 37.87 35.26 32.60
C ARG A 232 36.38 35.09 32.95
N ALA A 233 35.84 33.88 32.87
CA ALA A 233 34.38 33.65 33.08
C ALA A 233 34.03 34.01 34.52
N ALA A 234 34.92 33.76 35.47
CA ALA A 234 34.67 33.96 36.90
C ALA A 234 34.93 35.41 37.35
N GLU A 235 35.60 36.26 36.56
CA GLU A 235 36.06 37.63 36.96
C GLU A 235 34.91 38.62 36.74
N LYS A 236 34.59 39.43 37.76
CA LYS A 236 33.63 40.56 37.68
C LYS A 236 34.24 41.57 36.70
N PRO A 237 33.55 41.98 35.61
CA PRO A 237 34.19 42.78 34.56
C PRO A 237 34.74 44.11 35.10
N ALA A 238 35.85 44.61 34.56
CA ALA A 238 36.54 45.83 35.03
C ALA A 238 35.63 47.05 34.81
N LYS A 239 35.13 47.24 33.59
CA LYS A 239 34.11 48.30 33.30
C LYS A 239 33.08 47.76 32.28
N LEU A 240 31.81 47.85 32.68
CA LEU A 240 30.63 47.47 31.89
C LEU A 240 30.54 48.41 30.69
N LEU A 241 30.44 47.82 29.49
CA LEU A 241 30.34 48.54 28.20
C LEU A 241 29.05 49.37 28.10
N TYR A 242 28.07 49.19 29.01
CA TYR A 242 26.79 49.94 29.02
C TYR A 242 27.06 51.43 29.31
N GLU A 243 27.98 51.75 30.22
CA GLU A 243 28.35 53.15 30.60
C GLU A 243 28.97 53.88 29.40
N GLU A 244 29.85 53.22 28.63
CA GLU A 244 30.44 53.80 27.39
C GLU A 244 29.35 54.00 26.32
N ALA A 245 28.10 53.61 26.60
CA ALA A 245 26.99 53.51 25.61
C ALA A 245 25.63 53.85 26.26
N PRO B 2 21.87 10.97 10.86
CA PRO B 2 21.16 11.65 11.96
C PRO B 2 20.50 10.71 13.01
N GLY B 3 19.70 11.32 13.89
CA GLY B 3 18.96 10.64 14.98
C GLY B 3 17.99 11.62 15.63
N SER B 4 17.05 11.12 16.43
CA SER B 4 15.89 11.87 16.98
C SER B 4 16.18 12.26 18.44
N ILE B 5 15.72 13.44 18.88
CA ILE B 5 15.87 13.91 20.29
C ILE B 5 14.56 14.50 20.79
N PRO B 6 14.39 14.59 22.13
CA PRO B 6 13.28 15.32 22.72
C PRO B 6 13.80 16.77 22.69
N LEU B 7 12.93 17.75 22.85
CA LEU B 7 13.30 19.17 22.54
C LEU B 7 13.05 20.06 23.74
N ILE B 8 13.81 21.15 23.82
CA ILE B 8 13.60 22.20 24.84
C ILE B 8 12.17 22.68 24.68
N GLY B 9 11.45 22.80 25.80
CA GLY B 9 10.05 23.26 25.85
C GLY B 9 9.11 22.07 25.85
N GLU B 10 9.57 20.87 25.52
CA GLU B 10 8.70 19.67 25.62
C GLU B 10 8.76 19.14 27.05
N ARG B 11 7.70 18.45 27.45
CA ARG B 11 7.68 17.55 28.62
C ARG B 11 8.71 16.45 28.42
N PHE B 12 9.54 16.20 29.42
CA PHE B 12 10.47 15.05 29.41
C PHE B 12 9.61 13.82 29.19
N PRO B 13 9.96 12.93 28.25
CA PRO B 13 9.09 11.81 27.95
C PRO B 13 8.78 10.95 29.19
N GLU B 14 7.52 10.59 29.33
CA GLU B 14 6.97 9.67 30.35
C GLU B 14 7.68 8.29 30.25
N MET B 15 8.34 7.83 31.31
CA MET B 15 9.03 6.51 31.22
C MET B 15 9.28 5.99 32.63
N GLU B 16 9.18 4.69 32.80
CA GLU B 16 9.59 3.96 34.01
C GLU B 16 11.03 3.51 33.77
N VAL B 17 11.93 3.81 34.69
CA VAL B 17 13.36 3.45 34.53
C VAL B 17 13.77 2.69 35.78
N THR B 18 14.69 1.77 35.59
CA THR B 18 15.32 0.98 36.68
C THR B 18 16.61 1.69 37.06
N THR B 19 16.75 2.08 38.33
CA THR B 19 18.02 2.69 38.85
C THR B 19 18.56 1.77 39.95
N ASP B 20 19.77 2.05 40.41
CA ASP B 20 20.42 1.32 41.53
C ASP B 20 19.79 1.73 42.87
N HIS B 21 18.80 2.64 42.86
CA HIS B 21 17.94 3.01 44.02
C HIS B 21 16.52 2.44 43.87
N GLY B 22 16.22 1.78 42.75
CA GLY B 22 14.89 1.20 42.49
C GLY B 22 14.26 1.78 41.24
N VAL B 23 12.97 1.52 41.09
CA VAL B 23 12.17 1.85 39.89
C VAL B 23 11.55 3.21 40.13
N ILE B 24 11.70 4.14 39.20
CA ILE B 24 11.03 5.48 39.29
C ILE B 24 10.42 5.85 37.93
N LYS B 25 9.37 6.66 37.99
CA LYS B 25 8.72 7.27 36.80
C LYS B 25 9.30 8.67 36.63
N LEU B 26 9.82 8.95 35.44
CA LEU B 26 10.31 10.29 35.04
C LEU B 26 9.26 10.91 34.15
N PRO B 27 8.99 12.22 34.24
CA PRO B 27 9.58 13.09 35.26
C PRO B 27 8.83 13.15 36.61
N ASP B 28 7.74 12.39 36.74
CA ASP B 28 6.76 12.46 37.84
C ASP B 28 7.43 12.43 39.22
N HIS B 29 8.41 11.55 39.38
CA HIS B 29 9.12 11.27 40.64
C HIS B 29 9.68 12.57 41.18
N TYR B 30 10.16 13.44 40.29
CA TYR B 30 10.77 14.73 40.68
C TYR B 30 9.71 15.83 40.71
N VAL B 31 8.85 15.95 39.70
CA VAL B 31 7.71 16.92 39.63
C VAL B 31 6.90 16.86 40.95
N SER B 32 6.59 15.67 41.45
CA SER B 32 5.72 15.44 42.64
C SER B 32 6.40 15.94 43.91
N GLN B 33 7.71 16.19 43.87
CA GLN B 33 8.52 16.74 44.97
C GLN B 33 8.85 18.23 44.74
N GLY B 34 8.44 18.82 43.62
CA GLY B 34 8.81 20.20 43.28
C GLY B 34 10.28 20.34 42.93
N LYS B 35 10.93 19.24 42.53
CA LYS B 35 12.39 19.22 42.26
C LYS B 35 12.65 19.35 40.74
N TRP B 36 13.67 20.12 40.39
CA TRP B 36 14.34 20.01 39.07
C TRP B 36 15.18 18.74 39.08
N PHE B 37 15.53 18.22 37.91
CA PHE B 37 16.55 17.17 37.83
C PHE B 37 17.40 17.37 36.60
N VAL B 38 18.65 16.98 36.80
CA VAL B 38 19.67 16.88 35.74
C VAL B 38 19.82 15.39 35.53
N LEU B 39 19.44 14.93 34.35
CA LEU B 39 19.71 13.54 33.92
C LEU B 39 20.92 13.65 33.01
N PHE B 40 21.98 12.93 33.35
CA PHE B 40 23.19 12.89 32.50
C PHE B 40 23.56 11.43 32.25
N SER B 41 24.24 11.20 31.13
CA SER B 41 24.67 9.86 30.67
C SER B 41 26.20 9.79 30.65
N HIS B 42 26.70 8.56 30.70
CA HIS B 42 28.13 8.24 30.54
C HIS B 42 28.18 6.92 29.77
N PRO B 43 29.23 6.68 28.97
CA PRO B 43 29.28 5.48 28.12
C PRO B 43 29.21 4.14 28.89
N ALA B 44 30.02 3.96 29.92
CA ALA B 44 30.09 2.69 30.64
C ALA B 44 30.70 2.91 32.01
N ASP B 45 30.38 2.01 32.93
CA ASP B 45 30.93 1.97 34.30
C ASP B 45 32.40 1.52 34.21
N PHE B 46 33.18 1.84 35.23
CA PHE B 46 34.64 1.58 35.28
C PHE B 46 35.31 2.15 34.04
N THR B 47 34.92 3.37 33.68
CA THR B 47 35.64 4.21 32.70
C THR B 47 36.12 5.48 33.41
N PRO B 48 37.34 5.93 33.06
CA PRO B 48 38.03 6.97 33.82
C PRO B 48 37.43 8.39 33.69
N VAL B 49 37.07 8.87 32.49
CA VAL B 49 36.40 10.20 32.36
C VAL B 49 35.09 10.17 33.14
N SER B 50 34.27 9.14 32.92
CA SER B 50 32.97 9.00 33.64
C SER B 50 33.20 9.06 35.14
N THR B 51 34.18 8.32 35.66
CA THR B 51 34.54 8.36 37.10
C THR B 51 34.85 9.83 37.53
N THR B 52 35.64 10.58 36.79
CA THR B 52 35.96 11.98 37.21
C THR B 52 34.68 12.80 37.30
N GLU B 53 33.74 12.54 36.40
CA GLU B 53 32.50 13.32 36.32
C GLU B 53 31.62 12.96 37.49
N PHE B 54 31.54 11.69 37.85
CA PHE B 54 30.71 11.29 39.01
C PHE B 54 31.27 11.92 40.27
N VAL B 55 32.58 11.92 40.43
CA VAL B 55 33.22 12.58 41.60
C VAL B 55 32.89 14.07 41.57
N SER B 56 32.99 14.74 40.43
CA SER B 56 32.68 16.19 40.32
C SER B 56 31.22 16.46 40.75
N PHE B 57 30.25 15.67 40.26
CA PHE B 57 28.82 15.80 40.61
C PHE B 57 28.62 15.56 42.11
N ALA B 58 29.23 14.52 42.66
CA ALA B 58 29.09 14.17 44.09
C ALA B 58 29.66 15.30 44.95
N ARG B 59 30.80 15.87 44.57
CA ARG B 59 31.39 17.03 45.28
C ARG B 59 30.41 18.22 45.27
N ARG B 60 29.61 18.39 44.19
CA ARG B 60 28.68 19.54 44.04
C ARG B 60 27.26 19.14 44.44
N TYR B 61 27.08 17.97 45.05
CA TYR B 61 25.74 17.41 45.37
C TYR B 61 24.92 18.39 46.22
N GLU B 62 25.53 18.94 47.27
CA GLU B 62 24.88 19.89 48.19
C GLU B 62 24.51 21.19 47.45
N ASP B 63 25.38 21.69 46.58
CA ASP B 63 25.07 22.88 45.76
C ASP B 63 23.79 22.58 44.98
N PHE B 64 23.66 21.38 44.40
CA PHE B 64 22.44 20.98 43.65
C PHE B 64 21.25 20.90 44.60
N GLN B 65 21.44 20.26 45.75
CA GLN B 65 20.35 20.06 46.74
C GLN B 65 19.84 21.44 47.17
N ARG B 66 20.74 22.41 47.41
CA ARG B 66 20.43 23.79 47.85
C ARG B 66 19.56 24.49 46.81
N LEU B 67 19.76 24.23 45.52
CA LEU B 67 18.89 24.78 44.44
C LEU B 67 17.60 23.97 44.27
N GLY B 68 17.41 22.85 44.97
CA GLY B 68 16.23 22.00 44.73
C GLY B 68 16.38 21.25 43.42
N VAL B 69 17.60 20.79 43.14
CA VAL B 69 17.91 20.00 41.92
C VAL B 69 18.42 18.62 42.36
N ASP B 70 17.82 17.57 41.84
CA ASP B 70 18.27 16.18 42.02
C ASP B 70 19.11 15.78 40.80
N LEU B 71 19.98 14.81 40.99
CA LEU B 71 20.87 14.29 39.94
C LEU B 71 20.46 12.85 39.66
N ILE B 72 20.55 12.43 38.40
CA ILE B 72 20.32 11.01 38.01
C ILE B 72 21.21 10.69 36.83
N GLY B 73 22.10 9.69 36.97
CA GLY B 73 22.97 9.26 35.86
C GLY B 73 22.30 8.22 34.98
N LEU B 74 23.01 7.72 33.98
CA LEU B 74 22.48 6.77 32.97
C LEU B 74 23.67 6.18 32.22
N SER B 75 23.76 4.85 32.19
CA SER B 75 24.57 4.12 31.18
C SER B 75 23.88 2.78 30.87
N VAL B 76 24.36 2.09 29.83
CA VAL B 76 23.75 0.82 29.34
C VAL B 76 24.21 -0.32 30.24
N ASP B 77 25.12 -0.08 31.17
CA ASP B 77 25.48 -1.08 32.21
C ASP B 77 24.29 -1.33 33.18
N SER B 78 24.33 -2.46 33.87
CA SER B 78 23.26 -2.99 34.74
C SER B 78 23.45 -2.56 36.19
N VAL B 79 22.41 -2.72 37.01
CA VAL B 79 22.35 -2.23 38.41
C VAL B 79 23.54 -2.77 39.22
N CYS B 80 23.85 -4.06 39.14
CA CYS B 80 24.95 -4.65 39.95
C CYS B 80 26.28 -3.99 39.58
N SER B 81 26.51 -3.80 38.29
CA SER B 81 27.71 -3.08 37.79
C SER B 81 27.73 -1.65 38.37
N HIS B 82 26.62 -0.92 38.36
CA HIS B 82 26.54 0.44 38.94
C HIS B 82 27.02 0.44 40.38
N ILE B 83 26.48 -0.47 41.19
CA ILE B 83 26.74 -0.52 42.65
C ILE B 83 28.21 -0.89 42.89
N LYS B 84 28.74 -1.90 42.20
CA LYS B 84 30.18 -2.24 42.32
C LYS B 84 31.04 -1.03 41.94
N TRP B 85 30.65 -0.28 40.91
CA TRP B 85 31.46 0.88 40.45
C TRP B 85 31.43 1.95 41.53
N LYS B 86 30.25 2.24 42.06
CA LYS B 86 30.12 3.17 43.19
C LYS B 86 30.98 2.70 44.38
N GLU B 87 30.95 1.42 44.76
CA GLU B 87 31.80 0.89 45.87
C GLU B 87 33.25 1.23 45.58
N TRP B 88 33.71 0.99 44.36
CA TRP B 88 35.10 1.23 43.94
C TRP B 88 35.45 2.69 44.21
N ILE B 89 34.61 3.59 43.71
CA ILE B 89 34.79 5.06 43.86
C ILE B 89 34.86 5.38 45.36
N GLU B 90 33.96 4.88 46.17
CA GLU B 90 33.95 5.12 47.64
C GLU B 90 35.26 4.59 48.23
N ARG B 91 35.67 3.38 47.86
CA ARG B 91 36.87 2.74 48.45
C ARG B 91 38.16 3.42 47.97
N HIS B 92 38.33 3.72 46.67
CA HIS B 92 39.63 4.16 46.11
C HIS B 92 39.78 5.70 46.04
N ILE B 93 38.67 6.44 45.99
CA ILE B 93 38.71 7.92 45.85
C ILE B 93 38.21 8.58 47.13
N GLY B 94 37.52 7.87 47.99
CA GLY B 94 37.01 8.42 49.25
C GLY B 94 35.72 9.21 49.03
N VAL B 95 35.07 9.06 47.88
CA VAL B 95 33.84 9.86 47.56
C VAL B 95 32.67 8.90 47.34
N ARG B 96 31.64 9.05 48.16
CA ARG B 96 30.35 8.34 48.06
C ARG B 96 29.49 9.02 46.98
N ILE B 97 28.95 8.26 46.04
CA ILE B 97 27.97 8.76 45.03
C ILE B 97 26.59 8.57 45.65
N PRO B 98 25.93 9.66 46.08
CA PRO B 98 24.64 9.54 46.74
C PRO B 98 23.43 9.51 45.78
N PHE B 99 23.62 9.73 44.48
CA PHE B 99 22.46 9.88 43.57
C PHE B 99 22.29 8.60 42.74
N PRO B 100 21.09 8.35 42.20
CA PRO B 100 20.84 7.14 41.44
C PRO B 100 21.46 7.18 40.03
N ILE B 101 21.71 5.99 39.49
CA ILE B 101 22.18 5.76 38.11
C ILE B 101 21.15 4.85 37.43
N ILE B 102 20.60 5.28 36.31
CA ILE B 102 19.69 4.44 35.49
C ILE B 102 20.53 3.31 34.87
N ALA B 103 19.96 2.11 34.83
CA ALA B 103 20.51 0.95 34.08
C ALA B 103 19.72 0.87 32.78
N ASP B 104 20.38 1.01 31.64
CA ASP B 104 19.69 1.05 30.34
C ASP B 104 20.26 0.01 29.37
N PRO B 105 20.30 -1.28 29.77
CA PRO B 105 20.88 -2.32 28.91
C PRO B 105 20.33 -2.49 27.48
N GLN B 106 19.07 -2.28 27.20
CA GLN B 106 18.74 -2.47 25.75
C GLN B 106 18.84 -1.12 25.02
N GLY B 107 19.32 -0.07 25.70
CA GLY B 107 19.35 1.30 25.17
C GLY B 107 17.98 1.87 24.90
N THR B 108 16.94 1.41 25.60
CA THR B 108 15.55 1.90 25.49
C THR B 108 15.51 3.39 25.84
N VAL B 109 16.12 3.77 26.96
CA VAL B 109 16.14 5.20 27.37
C VAL B 109 17.08 5.97 26.44
N ALA B 110 18.24 5.43 26.08
CA ALA B 110 19.27 6.13 25.26
C ALA B 110 18.65 6.53 23.91
N ARG B 111 17.89 5.63 23.29
CA ARG B 111 17.23 5.89 21.98
C ARG B 111 16.14 6.95 22.14
N ARG B 112 15.30 6.85 23.18
CA ARG B 112 14.25 7.85 23.46
C ARG B 112 14.89 9.24 23.58
N LEU B 113 16.07 9.35 24.19
CA LEU B 113 16.69 10.67 24.49
C LEU B 113 17.79 11.06 23.49
N GLY B 114 18.03 10.29 22.42
CA GLY B 114 19.04 10.60 21.38
C GLY B 114 20.49 10.61 21.90
N LEU B 115 20.83 9.68 22.78
CA LEU B 115 22.12 9.61 23.48
C LEU B 115 23.09 8.68 22.75
N LEU B 116 22.65 8.01 21.70
CA LEU B 116 23.55 7.18 20.85
C LEU B 116 23.94 7.98 19.61
N HIS B 117 25.18 8.38 19.53
CA HIS B 117 25.72 9.20 18.42
C HIS B 117 26.67 8.32 17.60
N ALA B 118 27.27 8.84 16.55
CA ALA B 118 28.06 8.05 15.58
C ALA B 118 29.38 7.64 16.22
N GLU B 119 29.81 8.32 17.29
CA GLU B 119 31.05 7.97 18.02
C GLU B 119 30.94 6.54 18.57
N SER B 120 29.75 6.07 18.91
CA SER B 120 29.56 4.68 19.37
C SER B 120 28.14 4.21 19.18
N ALA B 121 27.98 3.07 18.52
CA ALA B 121 26.68 2.40 18.27
C ALA B 121 26.11 1.82 19.56
N THR B 122 26.94 1.58 20.58
CA THR B 122 26.57 0.74 21.75
C THR B 122 26.55 1.54 23.07
N HIS B 123 27.31 2.63 23.18
CA HIS B 123 27.45 3.39 24.44
C HIS B 123 27.02 4.84 24.26
N THR B 124 26.31 5.38 25.25
CA THR B 124 25.81 6.76 25.15
C THR B 124 27.01 7.70 25.18
N VAL B 125 26.90 8.82 24.47
CA VAL B 125 27.78 9.99 24.72
C VAL B 125 27.41 10.59 26.09
N ARG B 126 27.96 11.77 26.39
CA ARG B 126 27.87 12.43 27.69
C ARG B 126 26.75 13.47 27.57
N GLY B 127 25.52 13.01 27.63
CA GLY B 127 24.34 13.86 27.49
C GLY B 127 23.94 14.49 28.81
N VAL B 128 23.31 15.65 28.73
CA VAL B 128 22.78 16.37 29.93
C VAL B 128 21.42 16.93 29.54
N PHE B 129 20.39 16.55 30.31
CA PHE B 129 19.01 17.08 30.22
C PHE B 129 18.73 17.80 31.52
N ILE B 130 18.48 19.09 31.40
CA ILE B 130 18.07 19.88 32.58
C ILE B 130 16.57 20.03 32.51
N VAL B 131 15.90 19.50 33.54
CA VAL B 131 14.41 19.35 33.55
C VAL B 131 13.88 20.13 34.77
N ASP B 132 12.88 20.97 34.53
CA ASP B 132 12.37 21.86 35.59
C ASP B 132 11.33 21.10 36.40
N ALA B 133 10.82 21.74 37.44
CA ALA B 133 9.87 21.18 38.41
C ALA B 133 8.51 20.97 37.75
N ARG B 134 8.29 21.41 36.51
CA ARG B 134 7.01 21.10 35.79
C ARG B 134 7.24 19.87 34.94
N GLY B 135 8.47 19.37 34.90
CA GLY B 135 8.83 18.22 34.04
C GLY B 135 9.22 18.64 32.63
N VAL B 136 9.60 19.90 32.44
CA VAL B 136 9.83 20.47 31.08
C VAL B 136 11.34 20.51 30.82
N ILE B 137 11.78 20.02 29.67
CA ILE B 137 13.20 20.11 29.23
C ILE B 137 13.58 21.59 29.03
N ARG B 138 14.63 22.05 29.71
CA ARG B 138 15.02 23.49 29.72
C ARG B 138 16.30 23.74 28.93
N THR B 139 17.15 22.72 28.83
CA THR B 139 18.53 22.79 28.27
C THR B 139 19.02 21.35 28.05
N MET B 140 19.71 21.14 26.93
CA MET B 140 20.34 19.86 26.53
C MET B 140 21.77 20.11 26.09
N LEU B 141 22.72 19.33 26.60
CA LEU B 141 24.16 19.40 26.22
C LEU B 141 24.58 18.00 25.75
N TYR B 142 25.41 17.93 24.72
CA TYR B 142 25.95 16.64 24.24
C TYR B 142 27.47 16.76 24.18
N TYR B 143 28.14 16.30 25.23
CA TYR B 143 29.61 16.22 25.28
C TYR B 143 29.99 14.85 24.73
N PRO B 144 31.20 14.68 24.16
CA PRO B 144 31.61 13.42 23.54
C PRO B 144 32.35 12.52 24.54
N MET B 145 32.75 11.33 24.09
CA MET B 145 33.47 10.35 24.95
C MET B 145 34.76 10.97 25.50
N GLU B 146 35.49 11.71 24.67
CA GLU B 146 36.91 12.09 24.96
C GLU B 146 37.03 13.31 25.89
N LEU B 147 35.92 13.92 26.32
CA LEU B 147 35.91 15.26 26.99
C LEU B 147 34.89 15.21 28.13
N GLY B 148 35.36 15.31 29.36
CA GLY B 148 34.48 15.44 30.54
C GLY B 148 33.80 16.80 30.60
N ARG B 149 32.64 16.84 31.23
CA ARG B 149 31.81 18.07 31.32
C ARG B 149 32.46 19.02 32.34
N LEU B 150 32.06 20.29 32.26
CA LEU B 150 32.36 21.35 33.28
C LEU B 150 31.13 21.45 34.18
N VAL B 151 31.13 20.78 35.34
CA VAL B 151 29.89 20.60 36.12
C VAL B 151 29.44 21.96 36.67
N ASP B 152 30.37 22.87 36.95
CA ASP B 152 30.02 24.24 37.41
C ASP B 152 29.19 24.98 36.35
N GLU B 153 29.34 24.73 35.05
CA GLU B 153 28.44 25.38 34.06
C GLU B 153 27.03 24.82 34.24
N ILE B 154 26.89 23.53 34.59
CA ILE B 154 25.56 22.92 34.82
C ILE B 154 24.88 23.59 36.03
N LEU B 155 25.63 23.91 37.07
CA LEU B 155 25.11 24.69 38.23
C LEU B 155 24.71 26.11 37.79
N ARG B 156 25.57 26.79 37.02
CA ARG B 156 25.28 28.13 36.51
C ARG B 156 23.97 28.07 35.69
N ILE B 157 23.78 27.07 34.83
CA ILE B 157 22.56 26.98 34.00
C ILE B 157 21.33 26.89 34.91
N VAL B 158 21.27 25.94 35.85
CA VAL B 158 20.03 25.73 36.67
C VAL B 158 19.81 26.94 37.57
N LYS B 159 20.87 27.52 38.11
CA LYS B 159 20.76 28.72 38.96
C LYS B 159 20.13 29.87 38.13
N ALA B 160 20.62 30.09 36.92
CA ALA B 160 20.22 31.23 36.09
C ALA B 160 18.79 31.02 35.56
N LEU B 161 18.42 29.79 35.19
CA LEU B 161 17.06 29.44 34.70
C LEU B 161 16.07 29.75 35.83
N LYS B 162 16.35 29.25 37.02
CA LYS B 162 15.49 29.47 38.23
C LYS B 162 15.33 30.96 38.51
N LEU B 163 16.39 31.77 38.48
CA LEU B 163 16.31 33.24 38.69
C LEU B 163 15.41 33.84 37.62
N GLY B 164 15.70 33.51 36.36
CA GLY B 164 14.92 34.00 35.20
C GLY B 164 13.45 33.66 35.35
N ASP B 165 13.11 32.46 35.83
CA ASP B 165 11.69 32.05 36.04
C ASP B 165 11.08 32.91 37.16
N SER B 166 11.80 33.08 38.25
CA SER B 166 11.38 33.73 39.52
C SER B 166 11.13 35.22 39.28
N LEU B 167 12.07 35.88 38.58
CA LEU B 167 12.13 37.34 38.38
C LEU B 167 11.58 37.74 37.01
N LYS B 168 11.13 36.76 36.21
CA LYS B 168 10.52 37.00 34.87
C LYS B 168 11.53 37.75 33.97
N ARG B 169 12.76 37.25 33.92
CA ARG B 169 13.90 37.88 33.21
C ARG B 169 14.61 36.85 32.32
N ALA B 170 15.23 37.34 31.24
CA ALA B 170 16.23 36.63 30.44
C ALA B 170 17.62 36.97 31.02
N VAL B 171 18.56 36.06 30.80
CA VAL B 171 19.88 36.06 31.48
C VAL B 171 20.89 36.30 30.38
N PRO B 172 21.74 37.35 30.51
CA PRO B 172 22.69 37.74 29.47
C PRO B 172 23.85 36.74 29.35
N ALA B 173 24.54 36.73 28.22
CA ALA B 173 25.74 35.90 28.04
C ALA B 173 26.64 36.01 29.28
N ASP B 174 27.21 34.89 29.73
CA ASP B 174 28.31 34.90 30.72
C ASP B 174 27.81 35.45 32.07
N TRP B 175 26.49 35.51 32.30
CA TRP B 175 25.94 35.94 33.61
C TRP B 175 26.52 35.04 34.70
N PRO B 176 26.91 35.53 35.90
CA PRO B 176 26.73 36.92 36.33
C PRO B 176 27.84 37.96 36.04
N ASN B 177 28.65 37.72 35.01
CA ASN B 177 29.80 38.57 34.63
C ASN B 177 29.67 39.01 33.18
N ASN B 178 28.48 39.43 32.78
CA ASN B 178 28.27 39.93 31.40
C ASN B 178 29.09 41.23 31.24
N GLU B 179 29.68 41.39 30.07
CA GLU B 179 30.62 42.50 29.80
C GLU B 179 29.82 43.78 29.51
N ILE B 180 28.53 43.68 29.15
CA ILE B 180 27.67 44.88 28.91
C ILE B 180 26.95 45.28 30.21
N ILE B 181 26.25 44.34 30.86
CA ILE B 181 25.35 44.71 31.99
C ILE B 181 25.73 43.98 33.27
N GLY B 182 26.88 43.30 33.31
CA GLY B 182 27.42 42.69 34.54
C GLY B 182 26.49 41.62 35.05
N GLU B 183 25.89 41.83 36.21
CA GLU B 183 24.97 40.89 36.88
C GLU B 183 23.53 41.25 36.53
N GLY B 184 23.37 42.25 35.66
CA GLY B 184 22.06 42.65 35.12
C GLY B 184 21.30 41.48 34.51
N LEU B 185 19.98 41.48 34.71
CA LEU B 185 19.04 40.60 33.99
C LEU B 185 18.23 41.42 32.98
N ILE B 186 17.86 40.79 31.87
CA ILE B 186 17.25 41.44 30.68
C ILE B 186 15.72 41.36 30.80
N VAL B 187 15.03 42.48 30.57
CA VAL B 187 13.54 42.51 30.52
C VAL B 187 13.12 41.96 29.16
N PRO B 188 12.18 40.97 29.08
CA PRO B 188 11.77 40.41 27.79
C PRO B 188 11.30 41.55 26.90
N PRO B 189 11.75 41.65 25.65
CA PRO B 189 11.49 42.85 24.87
C PRO B 189 10.00 43.00 24.56
N PRO B 190 9.53 44.24 24.26
CA PRO B 190 8.16 44.46 23.79
C PRO B 190 7.86 43.63 22.54
N THR B 191 6.61 43.22 22.37
CA THR B 191 6.08 42.38 21.26
C THR B 191 5.13 43.21 20.36
N THR B 192 4.97 44.51 20.66
CA THR B 192 4.12 45.44 19.87
C THR B 192 4.77 46.83 19.88
N GLU B 193 4.41 47.65 18.90
CA GLU B 193 4.88 49.05 18.80
C GLU B 193 4.35 49.88 19.97
N ASP B 194 3.10 49.70 20.37
CA ASP B 194 2.51 50.41 21.55
C ASP B 194 3.36 50.09 22.80
N GLN B 195 3.62 48.80 23.10
CA GLN B 195 4.48 48.38 24.26
C GLN B 195 5.85 49.05 24.15
N ALA B 196 6.45 49.04 22.96
CA ALA B 196 7.79 49.61 22.71
C ALA B 196 7.82 51.08 23.11
N ARG B 197 6.85 51.86 22.60
CA ARG B 197 6.70 53.33 22.88
C ARG B 197 6.51 53.51 24.39
N ALA B 198 5.56 52.78 25.00
CA ALA B 198 5.16 52.87 26.43
C ALA B 198 6.32 52.49 27.36
N ARG B 199 7.09 51.45 27.00
CA ARG B 199 8.29 50.99 27.76
C ARG B 199 9.33 52.12 27.78
N MET B 200 9.58 52.72 26.61
CA MET B 200 10.58 53.81 26.48
C MET B 200 10.13 55.06 27.27
N GLU B 201 8.83 55.36 27.30
CA GLU B 201 8.27 56.61 27.87
C GLU B 201 8.20 56.52 29.40
N SER B 202 7.96 55.31 29.94
CA SER B 202 7.83 55.05 31.39
C SER B 202 9.17 55.24 32.14
N GLY B 203 10.31 55.20 31.44
CA GLY B 203 11.65 55.44 32.02
C GLY B 203 11.97 54.52 33.20
N GLN B 204 11.27 53.39 33.31
CA GLN B 204 11.34 52.43 34.45
C GLN B 204 12.65 51.62 34.45
N TYR B 205 13.34 51.46 33.31
CA TYR B 205 14.55 50.60 33.22
C TYR B 205 15.69 51.29 32.47
N ARG B 206 16.92 50.98 32.87
CA ARG B 206 18.13 51.21 32.04
C ARG B 206 17.91 50.48 30.70
N SER B 207 18.39 51.08 29.62
CA SER B 207 17.99 50.72 28.24
C SER B 207 19.10 51.11 27.28
N LEU B 208 19.35 50.31 26.25
CA LEU B 208 20.20 50.68 25.10
C LEU B 208 19.29 50.99 23.90
N ASP B 209 18.05 50.49 23.91
CA ASP B 209 17.04 50.67 22.84
C ASP B 209 15.75 50.06 23.37
N TRP B 210 14.62 50.25 22.67
CA TRP B 210 13.29 49.80 23.16
C TRP B 210 13.26 48.28 23.35
N TRP B 211 14.19 47.57 22.71
CA TRP B 211 14.26 46.08 22.69
C TRP B 211 15.34 45.58 23.65
N PHE B 212 16.14 46.48 24.24
CA PHE B 212 17.24 46.10 25.16
C PHE B 212 17.16 46.91 26.46
N SER B 213 16.31 46.47 27.39
CA SER B 213 16.17 47.02 28.77
C SER B 213 16.65 45.97 29.78
N TRP B 214 17.20 46.39 30.91
CA TRP B 214 17.59 45.51 32.04
C TRP B 214 17.50 46.23 33.39
N ASP B 215 17.50 45.44 34.46
CA ASP B 215 17.62 45.94 35.85
C ASP B 215 18.51 44.94 36.60
N THR B 216 18.65 45.08 37.90
CA THR B 216 19.53 44.22 38.71
C THR B 216 18.66 43.70 39.84
N PRO B 217 17.69 42.80 39.57
CA PRO B 217 16.77 42.34 40.59
C PRO B 217 17.23 41.11 41.39
N ALA B 218 18.33 40.47 40.98
CA ALA B 218 18.90 39.28 41.66
C ALA B 218 19.52 39.72 42.99
N SER B 219 19.18 39.03 44.08
CA SER B 219 19.81 39.20 45.41
C SER B 219 21.33 39.05 45.30
N ARG B 220 22.05 39.71 46.19
CA ARG B 220 23.51 39.57 46.41
C ARG B 220 23.83 38.08 46.58
N ASP B 221 23.00 37.34 47.31
CA ASP B 221 23.34 35.92 47.65
C ASP B 221 23.25 35.07 46.38
N ASP B 222 22.24 35.30 45.53
CA ASP B 222 22.02 34.56 44.27
C ASP B 222 23.21 34.82 43.34
N VAL B 223 23.68 36.06 43.32
CA VAL B 223 24.78 36.47 42.40
C VAL B 223 26.08 35.80 42.87
N GLU B 224 26.37 35.90 44.17
CA GLU B 224 27.61 35.38 44.80
C GLU B 224 27.63 33.85 44.67
N GLU B 225 26.46 33.20 44.77
CA GLU B 225 26.34 31.73 44.58
C GLU B 225 26.83 31.39 43.17
N ALA B 226 26.30 32.09 42.17
CA ALA B 226 26.64 31.88 40.75
C ALA B 226 28.11 32.17 40.54
N ARG B 227 28.65 33.26 41.11
CA ARG B 227 30.08 33.62 40.98
C ARG B 227 30.96 32.55 41.65
N ARG B 228 30.52 31.99 42.78
CA ARG B 228 31.26 30.91 43.49
C ARG B 228 31.34 29.67 42.58
N TYR B 229 30.33 29.38 41.77
CA TYR B 229 30.41 28.21 40.86
C TYR B 229 31.57 28.42 39.89
N LEU B 230 31.64 29.62 39.28
CA LEU B 230 32.66 29.90 38.24
C LEU B 230 34.06 30.06 38.87
N ARG B 231 34.16 30.61 40.07
CA ARG B 231 35.48 30.76 40.74
C ARG B 231 35.98 29.34 41.05
N ARG B 232 35.10 28.43 41.48
CA ARG B 232 35.55 27.03 41.75
C ARG B 232 36.09 26.42 40.44
N ALA B 233 35.43 26.68 39.33
CA ALA B 233 35.76 26.11 38.02
C ALA B 233 37.16 26.60 37.62
N ALA B 234 37.45 27.88 37.90
CA ALA B 234 38.71 28.59 37.55
C ALA B 234 39.89 28.21 38.48
N GLU B 235 39.65 27.91 39.76
CA GLU B 235 40.76 27.67 40.72
C GLU B 235 41.19 26.21 40.69
N LYS B 236 42.51 25.97 40.75
CA LYS B 236 43.07 24.60 40.90
C LYS B 236 42.85 24.16 42.34
N PRO B 237 42.32 22.94 42.58
CA PRO B 237 42.18 22.43 43.94
C PRO B 237 43.54 22.46 44.63
N ALA B 238 43.60 22.70 45.93
CA ALA B 238 44.88 22.74 46.69
C ALA B 238 45.40 21.30 46.86
N LYS B 239 44.49 20.36 47.18
CA LYS B 239 44.74 18.90 47.31
C LYS B 239 43.98 18.12 46.22
N LEU B 240 44.70 17.34 45.42
CA LEU B 240 44.15 16.37 44.45
C LEU B 240 43.81 15.05 45.16
N LEU B 241 42.69 14.43 44.78
CA LEU B 241 42.12 13.23 45.43
C LEU B 241 42.99 12.00 45.11
N TYR B 242 43.75 11.99 44.02
CA TYR B 242 44.66 10.85 43.69
C TYR B 242 45.73 10.72 44.78
N GLU B 243 46.07 11.82 45.48
CA GLU B 243 47.15 11.90 46.52
C GLU B 243 46.66 11.34 47.86
N GLU B 244 45.35 11.31 48.12
CA GLU B 244 44.76 10.78 49.39
C GLU B 244 44.27 9.34 49.19
N ALA B 245 44.61 8.70 48.05
CA ALA B 245 44.20 7.31 47.68
C ALA B 245 45.25 6.32 48.20
N PRO C 2 16.72 -18.34 11.13
CA PRO C 2 15.45 -18.37 10.38
C PRO C 2 14.33 -19.27 10.92
N GLY C 3 13.96 -19.15 12.20
CA GLY C 3 12.71 -19.71 12.77
C GLY C 3 12.26 -18.99 14.03
N SER C 4 10.95 -18.99 14.31
CA SER C 4 10.28 -18.38 15.50
C SER C 4 10.00 -19.43 16.60
N ILE C 5 10.28 -19.10 17.85
CA ILE C 5 10.01 -19.98 19.03
C ILE C 5 9.08 -19.29 20.03
N PRO C 6 8.38 -20.06 20.88
CA PRO C 6 7.74 -19.50 22.07
C PRO C 6 8.88 -19.23 23.04
N LEU C 7 8.66 -18.39 24.06
CA LEU C 7 9.78 -17.92 24.91
C LEU C 7 9.54 -18.30 26.37
N ILE C 8 10.60 -18.51 27.10
CA ILE C 8 10.57 -18.69 28.58
C ILE C 8 9.84 -17.47 29.18
N GLY C 9 8.92 -17.72 30.09
CA GLY C 9 8.15 -16.69 30.80
C GLY C 9 6.81 -16.45 30.13
N GLU C 10 6.62 -16.94 28.89
CA GLU C 10 5.32 -16.87 28.16
C GLU C 10 4.46 -18.08 28.55
N ARG C 11 3.15 -17.88 28.57
CA ARG C 11 2.12 -18.95 28.54
C ARG C 11 2.39 -19.84 27.34
N PHE C 12 2.37 -21.15 27.54
CA PHE C 12 2.39 -22.11 26.44
C PHE C 12 1.23 -21.75 25.51
N PRO C 13 1.43 -21.66 24.20
CA PRO C 13 0.38 -21.18 23.29
C PRO C 13 -0.90 -22.03 23.35
N GLU C 14 -2.06 -21.40 23.49
CA GLU C 14 -3.39 -22.07 23.51
C GLU C 14 -3.48 -22.95 22.27
N MET C 15 -3.78 -24.22 22.41
CA MET C 15 -4.00 -25.06 21.21
C MET C 15 -4.78 -26.32 21.59
N GLU C 16 -5.55 -26.83 20.65
CA GLU C 16 -6.18 -28.16 20.69
C GLU C 16 -5.24 -29.11 19.94
N VAL C 17 -4.86 -30.24 20.54
CA VAL C 17 -4.01 -31.25 19.86
C VAL C 17 -4.73 -32.62 19.90
N THR C 18 -4.51 -33.44 18.88
CA THR C 18 -4.98 -34.85 18.80
C THR C 18 -3.83 -35.75 19.28
N THR C 19 -4.05 -36.50 20.34
CA THR C 19 -3.10 -37.51 20.86
C THR C 19 -3.70 -38.90 20.65
N ASP C 20 -2.87 -39.91 20.85
CA ASP C 20 -3.29 -41.33 20.84
C ASP C 20 -4.12 -41.64 22.11
N HIS C 21 -4.35 -40.67 23.00
CA HIS C 21 -5.26 -40.76 24.17
C HIS C 21 -6.54 -39.93 23.95
N GLY C 22 -6.66 -39.22 22.83
CA GLY C 22 -7.82 -38.37 22.52
C GLY C 22 -7.39 -36.93 22.27
N VAL C 23 -8.35 -36.02 22.19
CA VAL C 23 -8.15 -34.58 21.88
C VAL C 23 -7.96 -33.84 23.19
N ILE C 24 -6.94 -33.00 23.33
CA ILE C 24 -6.82 -32.18 24.56
C ILE C 24 -6.46 -30.76 24.21
N LYS C 25 -6.74 -29.85 25.15
CA LYS C 25 -6.34 -28.43 25.09
C LYS C 25 -5.06 -28.25 25.92
N LEU C 26 -4.06 -27.63 25.32
CA LEU C 26 -2.78 -27.28 25.98
C LEU C 26 -2.81 -25.77 26.16
N PRO C 27 -2.31 -25.24 27.30
CA PRO C 27 -1.86 -26.05 28.44
C PRO C 27 -2.96 -26.42 29.45
N ASP C 28 -4.20 -26.03 29.16
CA ASP C 28 -5.41 -26.14 30.04
C ASP C 28 -5.51 -27.53 30.67
N HIS C 29 -5.36 -28.61 29.89
CA HIS C 29 -5.56 -30.02 30.34
C HIS C 29 -4.73 -30.29 31.59
N TYR C 30 -3.51 -29.73 31.65
CA TYR C 30 -2.51 -29.99 32.71
C TYR C 30 -2.69 -28.93 33.79
N VAL C 31 -2.87 -27.67 33.40
CA VAL C 31 -3.16 -26.56 34.39
C VAL C 31 -4.35 -26.99 35.27
N SER C 32 -5.40 -27.53 34.67
CA SER C 32 -6.65 -27.96 35.36
C SER C 32 -6.38 -29.02 36.42
N GLN C 33 -5.37 -29.88 36.22
CA GLN C 33 -4.98 -30.96 37.16
C GLN C 33 -3.88 -30.49 38.12
N GLY C 34 -3.46 -29.22 38.07
CA GLY C 34 -2.37 -28.74 38.96
C GLY C 34 -1.03 -29.33 38.57
N LYS C 35 -0.91 -29.82 37.32
CA LYS C 35 0.31 -30.53 36.83
C LYS C 35 1.21 -29.60 36.01
N TRP C 36 2.51 -29.78 36.19
CA TRP C 36 3.53 -29.40 35.20
C TRP C 36 3.41 -30.38 34.03
N PHE C 37 3.93 -30.03 32.86
CA PHE C 37 4.11 -31.06 31.81
C PHE C 37 5.41 -30.81 31.08
N VAL C 38 6.00 -31.92 30.60
CA VAL C 38 7.16 -31.87 29.67
C VAL C 38 6.60 -32.31 28.33
N LEU C 39 6.53 -31.38 27.36
CA LEU C 39 6.24 -31.71 25.96
C LEU C 39 7.58 -31.88 25.27
N PHE C 40 7.74 -32.99 24.59
CA PHE C 40 8.98 -33.29 23.83
C PHE C 40 8.56 -33.90 22.51
N SER C 41 9.42 -33.67 21.53
CA SER C 41 9.17 -34.04 20.13
C SER C 41 10.24 -35.06 19.72
N HIS C 42 9.92 -35.82 18.69
CA HIS C 42 10.87 -36.74 18.02
C HIS C 42 10.56 -36.68 16.53
N PRO C 43 11.52 -36.99 15.64
CA PRO C 43 11.31 -36.85 14.20
C PRO C 43 10.19 -37.72 13.62
N ALA C 44 10.19 -39.00 13.90
CA ALA C 44 9.19 -39.96 13.39
C ALA C 44 9.14 -41.19 14.28
N ASP C 45 8.01 -41.86 14.22
CA ASP C 45 7.76 -43.23 14.75
C ASP C 45 8.68 -44.26 14.06
N PHE C 46 8.99 -45.35 14.74
CA PHE C 46 9.80 -46.47 14.23
C PHE C 46 11.16 -45.93 13.77
N THR C 47 11.73 -45.06 14.58
CA THR C 47 13.14 -44.59 14.49
C THR C 47 13.84 -44.98 15.79
N PRO C 48 15.12 -45.40 15.71
CA PRO C 48 15.81 -45.99 16.85
C PRO C 48 16.17 -45.05 18.02
N VAL C 49 16.72 -43.86 17.77
CA VAL C 49 17.06 -42.94 18.88
C VAL C 49 15.75 -42.61 19.58
N SER C 50 14.73 -42.20 18.81
CA SER C 50 13.40 -41.85 19.39
C SER C 50 12.92 -43.01 20.28
N THR C 51 13.10 -44.26 19.84
CA THR C 51 12.63 -45.45 20.61
C THR C 51 13.43 -45.50 21.93
N THR C 52 14.74 -45.29 21.88
CA THR C 52 15.55 -45.29 23.13
C THR C 52 15.03 -44.17 24.04
N GLU C 53 14.57 -43.04 23.48
CA GLU C 53 14.13 -41.94 24.36
C GLU C 53 12.80 -42.31 25.01
N PHE C 54 11.86 -42.89 24.26
CA PHE C 54 10.53 -43.22 24.83
C PHE C 54 10.69 -44.25 25.96
N VAL C 55 11.60 -45.18 25.78
CA VAL C 55 11.91 -46.19 26.84
C VAL C 55 12.54 -45.52 28.05
N SER C 56 13.46 -44.56 27.85
CA SER C 56 14.05 -43.80 28.98
C SER C 56 12.96 -43.03 29.75
N PHE C 57 12.06 -42.36 29.04
CA PHE C 57 11.02 -41.53 29.69
C PHE C 57 10.09 -42.47 30.48
N ALA C 58 9.70 -43.59 29.88
CA ALA C 58 8.77 -44.59 30.47
C ALA C 58 9.38 -45.17 31.75
N ARG C 59 10.69 -45.40 31.77
CA ARG C 59 11.42 -45.87 32.99
C ARG C 59 11.38 -44.79 34.06
N ARG C 60 11.34 -43.52 33.65
CA ARG C 60 11.38 -42.38 34.61
C ARG C 60 9.98 -41.87 34.94
N TYR C 61 8.92 -42.52 34.46
CA TYR C 61 7.56 -41.92 34.44
C TYR C 61 7.10 -41.69 35.89
N GLU C 62 7.33 -42.68 36.73
CA GLU C 62 7.00 -42.62 38.18
C GLU C 62 7.74 -41.46 38.83
N ASP C 63 9.01 -41.27 38.49
CA ASP C 63 9.83 -40.13 38.99
C ASP C 63 9.15 -38.81 38.57
N PHE C 64 8.60 -38.74 37.36
CA PHE C 64 7.87 -37.52 36.89
C PHE C 64 6.58 -37.36 37.69
N GLN C 65 5.78 -38.42 37.79
CA GLN C 65 4.49 -38.42 38.50
C GLN C 65 4.69 -37.92 39.93
N ARG C 66 5.69 -38.43 40.63
CA ARG C 66 5.99 -38.07 42.05
C ARG C 66 6.20 -36.57 42.16
N LEU C 67 6.73 -35.95 41.11
CA LEU C 67 7.01 -34.50 41.08
C LEU C 67 5.76 -33.72 40.67
N GLY C 68 4.66 -34.37 40.33
CA GLY C 68 3.48 -33.63 39.84
C GLY C 68 3.64 -33.19 38.38
N VAL C 69 4.26 -34.04 37.56
CA VAL C 69 4.72 -33.74 36.18
C VAL C 69 4.21 -34.83 35.24
N ASP C 70 3.55 -34.45 34.17
CA ASP C 70 3.13 -35.40 33.12
C ASP C 70 4.01 -35.16 31.89
N LEU C 71 4.01 -36.15 31.00
CA LEU C 71 4.81 -36.21 29.78
C LEU C 71 3.84 -36.25 28.61
N ILE C 72 4.17 -35.54 27.56
CA ILE C 72 3.44 -35.65 26.28
C ILE C 72 4.48 -35.56 25.16
N GLY C 73 4.42 -36.52 24.24
CA GLY C 73 5.24 -36.57 23.02
C GLY C 73 4.57 -35.84 21.87
N LEU C 74 5.24 -35.83 20.72
CA LEU C 74 4.87 -35.11 19.49
C LEU C 74 5.80 -35.65 18.38
N SER C 75 5.21 -36.14 17.31
CA SER C 75 5.86 -36.22 15.98
C SER C 75 4.81 -35.90 14.92
N VAL C 76 5.25 -35.80 13.69
CA VAL C 76 4.38 -35.53 12.52
C VAL C 76 3.62 -36.80 12.11
N ASP C 77 3.88 -37.97 12.71
CA ASP C 77 3.14 -39.22 12.36
C ASP C 77 1.71 -39.16 12.92
N SER C 78 0.82 -40.04 12.43
CA SER C 78 -0.61 -40.04 12.80
C SER C 78 -0.83 -40.98 13.98
N VAL C 79 -2.04 -40.94 14.54
CA VAL C 79 -2.42 -41.68 15.78
C VAL C 79 -2.22 -43.19 15.57
N CYS C 80 -2.56 -43.75 14.41
CA CYS C 80 -2.50 -45.22 14.19
C CYS C 80 -1.04 -45.66 14.21
N SER C 81 -0.15 -44.88 13.57
CA SER C 81 1.33 -45.13 13.67
C SER C 81 1.78 -45.03 15.12
N HIS C 82 1.34 -44.02 15.88
CA HIS C 82 1.74 -43.89 17.30
C HIS C 82 1.38 -45.20 18.04
N ILE C 83 0.18 -45.74 17.81
CA ILE C 83 -0.34 -46.90 18.60
C ILE C 83 0.42 -48.13 18.16
N LYS C 84 0.70 -48.29 16.86
CA LYS C 84 1.47 -49.44 16.33
C LYS C 84 2.90 -49.41 16.87
N TRP C 85 3.50 -48.22 16.95
CA TRP C 85 4.88 -48.07 17.45
C TRP C 85 4.91 -48.45 18.93
N LYS C 86 3.98 -47.96 19.73
CA LYS C 86 3.90 -48.29 21.18
C LYS C 86 3.72 -49.79 21.41
N GLU C 87 2.91 -50.45 20.57
CA GLU C 87 2.71 -51.92 20.60
C GLU C 87 4.04 -52.59 20.29
N TRP C 88 4.72 -52.13 19.24
CA TRP C 88 6.06 -52.61 18.91
C TRP C 88 6.95 -52.51 20.16
N ILE C 89 7.00 -51.36 20.83
CA ILE C 89 7.94 -51.18 21.99
C ILE C 89 7.58 -52.17 23.10
N GLU C 90 6.29 -52.34 23.41
CA GLU C 90 5.83 -53.20 24.53
C GLU C 90 6.17 -54.65 24.19
N ARG C 91 5.95 -55.07 22.96
CA ARG C 91 6.18 -56.48 22.54
C ARG C 91 7.68 -56.80 22.47
N HIS C 92 8.48 -55.95 21.83
CA HIS C 92 9.89 -56.24 21.47
C HIS C 92 10.86 -55.82 22.59
N ILE C 93 10.48 -54.87 23.45
CA ILE C 93 11.40 -54.33 24.49
C ILE C 93 10.81 -54.61 25.88
N GLY C 94 9.52 -54.87 25.99
CA GLY C 94 8.88 -55.22 27.26
C GLY C 94 8.52 -53.99 28.07
N VAL C 95 8.41 -52.83 27.42
CA VAL C 95 8.15 -51.55 28.15
C VAL C 95 6.87 -50.97 27.59
N ARG C 96 5.91 -50.71 28.47
CA ARG C 96 4.66 -49.99 28.13
C ARG C 96 4.98 -48.49 28.17
N ILE C 97 4.62 -47.75 27.12
CA ILE C 97 4.66 -46.25 27.10
C ILE C 97 3.33 -45.74 27.64
N PRO C 98 3.22 -45.18 28.86
CA PRO C 98 1.92 -44.85 29.42
C PRO C 98 1.37 -43.46 29.04
N PHE C 99 2.17 -42.61 28.40
CA PHE C 99 1.83 -41.18 28.24
C PHE C 99 1.47 -40.95 26.78
N PRO C 100 0.68 -39.89 26.49
CA PRO C 100 0.22 -39.62 25.13
C PRO C 100 1.32 -39.07 24.22
N ILE C 101 1.09 -39.24 22.93
CA ILE C 101 1.91 -38.68 21.81
C ILE C 101 0.95 -37.87 20.95
N ILE C 102 1.30 -36.61 20.71
CA ILE C 102 0.57 -35.74 19.75
C ILE C 102 0.83 -36.25 18.34
N ALA C 103 -0.21 -36.33 17.53
CA ALA C 103 -0.15 -36.53 16.08
C ALA C 103 -0.17 -35.16 15.40
N ASP C 104 0.88 -34.76 14.68
CA ASP C 104 0.97 -33.40 14.07
C ASP C 104 1.30 -33.51 12.59
N PRO C 105 0.47 -34.19 11.78
CA PRO C 105 0.79 -34.42 10.37
C PRO C 105 0.94 -33.15 9.50
N GLN C 106 0.28 -32.08 9.83
CA GLN C 106 0.49 -30.90 8.94
C GLN C 106 1.57 -29.99 9.54
N GLY C 107 2.13 -30.32 10.70
CA GLY C 107 3.20 -29.53 11.30
C GLY C 107 2.71 -28.24 11.92
N THR C 108 1.40 -28.11 12.15
CA THR C 108 0.73 -26.97 12.84
C THR C 108 1.38 -26.75 14.21
N VAL C 109 1.46 -27.80 15.01
CA VAL C 109 2.04 -27.69 16.38
C VAL C 109 3.53 -27.39 16.25
N ALA C 110 4.22 -28.08 15.35
CA ALA C 110 5.68 -27.98 15.13
C ALA C 110 6.07 -26.53 14.78
N ARG C 111 5.33 -25.88 13.88
CA ARG C 111 5.62 -24.49 13.44
C ARG C 111 5.35 -23.51 14.58
N ARG C 112 4.29 -23.72 15.34
CA ARG C 112 4.00 -22.89 16.54
C ARG C 112 5.18 -22.98 17.53
N LEU C 113 5.83 -24.14 17.70
CA LEU C 113 6.83 -24.34 18.78
C LEU C 113 8.25 -24.22 18.25
N GLY C 114 8.40 -23.87 16.98
CA GLY C 114 9.73 -23.78 16.33
C GLY C 114 10.48 -25.11 16.34
N LEU C 115 9.82 -26.23 16.00
CA LEU C 115 10.43 -27.58 16.12
C LEU C 115 10.96 -28.06 14.77
N LEU C 116 10.76 -27.27 13.75
CA LEU C 116 11.29 -27.58 12.40
C LEU C 116 12.54 -26.73 12.24
N HIS C 117 13.71 -27.35 12.26
CA HIS C 117 15.04 -26.72 12.09
C HIS C 117 15.55 -27.10 10.70
N ALA C 118 16.78 -26.70 10.35
CA ALA C 118 17.33 -26.86 8.99
C ALA C 118 17.78 -28.30 8.78
N GLU C 119 17.91 -29.07 9.84
CA GLU C 119 18.30 -30.48 9.75
C GLU C 119 17.23 -31.25 8.95
N SER C 120 15.98 -30.85 9.00
CA SER C 120 14.87 -31.55 8.28
C SER C 120 13.73 -30.56 8.08
N ALA C 121 13.31 -30.35 6.84
CA ALA C 121 12.15 -29.50 6.54
C ALA C 121 10.85 -30.20 6.98
N THR C 122 10.85 -31.53 7.16
CA THR C 122 9.59 -32.33 7.30
C THR C 122 9.43 -32.94 8.70
N HIS C 123 10.52 -33.08 9.46
CA HIS C 123 10.50 -33.79 10.76
C HIS C 123 11.06 -32.89 11.86
N THR C 124 10.40 -32.90 13.00
CA THR C 124 10.82 -32.10 14.16
C THR C 124 12.16 -32.61 14.67
N VAL C 125 12.96 -31.69 15.19
CA VAL C 125 14.10 -32.06 16.05
C VAL C 125 13.57 -32.56 17.40
N ARG C 126 14.46 -32.71 18.35
CA ARG C 126 14.21 -33.31 19.67
C ARG C 126 14.06 -32.16 20.65
N GLY C 127 12.94 -31.47 20.56
CA GLY C 127 12.59 -30.32 21.39
C GLY C 127 11.98 -30.76 22.70
N VAL C 128 12.19 -29.93 23.72
CA VAL C 128 11.71 -30.13 25.09
C VAL C 128 11.19 -28.80 25.60
N PHE C 129 9.92 -28.76 25.98
CA PHE C 129 9.24 -27.65 26.66
C PHE C 129 8.88 -28.10 28.07
N ILE C 130 9.43 -27.40 29.05
CA ILE C 130 9.08 -27.61 30.47
C ILE C 130 8.12 -26.50 30.85
N VAL C 131 6.88 -26.89 31.16
CA VAL C 131 5.74 -25.98 31.41
C VAL C 131 5.23 -26.23 32.83
N ASP C 132 5.10 -25.17 33.62
CA ASP C 132 4.70 -25.26 35.04
C ASP C 132 3.17 -25.31 35.13
N ALA C 133 2.63 -25.37 36.35
CA ALA C 133 1.19 -25.62 36.62
C ALA C 133 0.36 -24.34 36.43
N ARG C 134 0.98 -23.20 36.12
CA ARG C 134 0.28 -21.98 35.64
C ARG C 134 0.27 -21.95 34.11
N GLY C 135 0.80 -22.99 33.46
CA GLY C 135 0.87 -23.03 31.97
C GLY C 135 1.99 -22.16 31.40
N VAL C 136 3.04 -21.87 32.18
CA VAL C 136 4.12 -20.93 31.77
C VAL C 136 5.36 -21.76 31.35
N ILE C 137 5.94 -21.43 30.22
CA ILE C 137 7.17 -22.12 29.73
C ILE C 137 8.32 -21.70 30.64
N ARG C 138 9.08 -22.66 31.17
CA ARG C 138 10.15 -22.43 32.18
C ARG C 138 11.53 -22.75 31.59
N THR C 139 11.61 -23.62 30.59
CA THR C 139 12.90 -24.08 30.02
C THR C 139 12.61 -24.69 28.66
N MET C 140 13.52 -24.55 27.72
CA MET C 140 13.38 -25.13 26.36
C MET C 140 14.72 -25.71 25.93
N LEU C 141 14.72 -26.91 25.40
CA LEU C 141 15.94 -27.60 24.93
C LEU C 141 15.68 -28.06 23.51
N TYR C 142 16.67 -27.92 22.64
CA TYR C 142 16.57 -28.37 21.24
C TYR C 142 17.75 -29.27 20.95
N TYR C 143 17.54 -30.58 21.02
CA TYR C 143 18.56 -31.59 20.68
C TYR C 143 18.30 -31.94 19.23
N PRO C 144 19.36 -32.37 18.51
CA PRO C 144 19.23 -32.71 17.10
C PRO C 144 18.77 -34.15 16.87
N MET C 145 18.61 -34.52 15.61
CA MET C 145 18.24 -35.87 15.17
C MET C 145 19.23 -36.91 15.70
N GLU C 146 20.51 -36.60 15.65
CA GLU C 146 21.59 -37.62 15.77
C GLU C 146 21.94 -37.89 17.24
N LEU C 147 21.27 -37.24 18.20
CA LEU C 147 21.71 -37.26 19.62
C LEU C 147 20.48 -37.40 20.51
N GLY C 148 20.45 -38.48 21.28
CA GLY C 148 19.42 -38.73 22.31
C GLY C 148 19.58 -37.80 23.47
N ARG C 149 18.45 -37.39 24.03
CA ARG C 149 18.39 -36.64 25.30
C ARG C 149 18.95 -37.45 26.49
N LEU C 150 19.41 -36.70 27.52
CA LEU C 150 19.75 -37.16 28.89
C LEU C 150 18.54 -36.87 29.78
N VAL C 151 17.68 -37.86 29.98
CA VAL C 151 16.33 -37.63 30.56
C VAL C 151 16.46 -37.27 32.04
N ASP C 152 17.53 -37.74 32.70
CA ASP C 152 17.77 -37.40 34.12
C ASP C 152 18.00 -35.90 34.31
N GLU C 153 18.49 -35.20 33.29
CA GLU C 153 18.71 -33.74 33.37
C GLU C 153 17.35 -33.05 33.31
N ILE C 154 16.39 -33.63 32.61
CA ILE C 154 15.02 -33.07 32.55
C ILE C 154 14.39 -33.19 33.94
N LEU C 155 14.55 -34.34 34.61
CA LEU C 155 14.09 -34.49 36.01
C LEU C 155 14.78 -33.47 36.92
N ARG C 156 16.10 -33.29 36.79
CA ARG C 156 16.86 -32.34 37.65
C ARG C 156 16.35 -30.90 37.42
N ILE C 157 16.12 -30.53 36.15
CA ILE C 157 15.57 -29.20 35.81
C ILE C 157 14.24 -29.04 36.56
N VAL C 158 13.31 -30.01 36.44
CA VAL C 158 11.95 -29.85 36.99
C VAL C 158 12.04 -29.74 38.51
N LYS C 159 12.76 -30.65 39.15
CA LYS C 159 12.95 -30.64 40.61
C LYS C 159 13.57 -29.32 41.08
N ALA C 160 14.63 -28.85 40.45
CA ALA C 160 15.34 -27.61 40.89
C ALA C 160 14.39 -26.40 40.75
N LEU C 161 13.56 -26.39 39.72
CA LEU C 161 12.60 -25.28 39.44
C LEU C 161 11.54 -25.26 40.56
N LYS C 162 10.94 -26.41 40.89
CA LYS C 162 9.89 -26.56 41.95
C LYS C 162 10.50 -26.14 43.28
N LEU C 163 11.71 -26.57 43.59
CA LEU C 163 12.46 -26.17 44.80
C LEU C 163 12.69 -24.65 44.79
N GLY C 164 13.23 -24.10 43.71
CA GLY C 164 13.50 -22.65 43.63
C GLY C 164 12.22 -21.85 43.81
N ASP C 165 11.11 -22.31 43.22
CA ASP C 165 9.80 -21.63 43.29
C ASP C 165 9.28 -21.63 44.73
N SER C 166 9.34 -22.78 45.41
CA SER C 166 8.77 -22.97 46.76
C SER C 166 9.67 -22.32 47.81
N LEU C 167 10.99 -22.44 47.70
CA LEU C 167 11.96 -21.88 48.69
C LEU C 167 12.30 -20.43 48.37
N LYS C 168 11.80 -19.85 47.28
CA LYS C 168 12.14 -18.47 46.84
C LYS C 168 13.66 -18.33 46.70
N ARG C 169 14.26 -19.22 45.90
CA ARG C 169 15.73 -19.25 45.69
C ARG C 169 16.06 -19.48 44.20
N ALA C 170 17.24 -19.05 43.82
CA ALA C 170 17.86 -19.38 42.53
C ALA C 170 18.79 -20.59 42.77
N VAL C 171 19.02 -21.39 41.73
CA VAL C 171 19.74 -22.68 41.82
C VAL C 171 21.09 -22.57 41.13
N PRO C 172 22.20 -22.88 41.86
CA PRO C 172 23.53 -22.71 41.33
C PRO C 172 23.80 -23.74 40.22
N ALA C 173 24.83 -23.46 39.42
CA ALA C 173 25.39 -24.44 38.45
C ALA C 173 25.55 -25.82 39.12
N ASP C 174 25.07 -26.87 38.45
CA ASP C 174 25.39 -28.28 38.76
C ASP C 174 24.75 -28.68 40.10
N TRP C 175 23.78 -27.92 40.58
CA TRP C 175 23.03 -28.27 41.81
C TRP C 175 22.46 -29.69 41.68
N PRO C 176 22.50 -30.57 42.71
CA PRO C 176 22.94 -30.24 44.07
C PRO C 176 24.42 -30.41 44.39
N ASN C 177 25.29 -30.47 43.37
CA ASN C 177 26.74 -30.75 43.51
C ASN C 177 27.55 -29.54 43.01
N ASN C 178 27.14 -28.34 43.41
CA ASN C 178 27.82 -27.11 42.97
C ASN C 178 29.21 -27.04 43.65
N GLU C 179 30.24 -26.64 42.93
CA GLU C 179 31.65 -26.68 43.41
C GLU C 179 31.84 -25.59 44.48
N ILE C 180 31.08 -24.51 44.42
CA ILE C 180 31.28 -23.35 45.33
C ILE C 180 30.45 -23.58 46.60
N ILE C 181 29.15 -23.90 46.49
CA ILE C 181 28.21 -23.95 47.65
C ILE C 181 27.51 -25.31 47.76
N GLY C 182 27.90 -26.32 46.99
CA GLY C 182 27.30 -27.67 47.14
C GLY C 182 25.80 -27.71 46.88
N GLU C 183 24.99 -28.03 47.88
CA GLU C 183 23.51 -28.13 47.76
C GLU C 183 22.83 -26.81 48.18
N GLY C 184 23.62 -25.82 48.55
CA GLY C 184 23.13 -24.46 48.82
C GLY C 184 22.32 -23.89 47.68
N LEU C 185 21.35 -23.05 48.02
CA LEU C 185 20.50 -22.31 47.06
C LEU C 185 20.76 -20.82 47.26
N ILE C 186 20.65 -20.07 46.19
CA ILE C 186 21.10 -18.66 46.15
C ILE C 186 19.91 -17.74 46.47
N VAL C 187 20.15 -16.79 47.37
CA VAL C 187 19.14 -15.73 47.66
C VAL C 187 19.15 -14.78 46.48
N PRO C 188 17.99 -14.47 45.83
CA PRO C 188 17.96 -13.49 44.75
C PRO C 188 18.67 -12.21 45.20
N PRO C 189 19.62 -11.66 44.41
CA PRO C 189 20.44 -10.53 44.87
C PRO C 189 19.66 -9.24 45.13
N PRO C 190 20.17 -8.33 46.00
CA PRO C 190 19.52 -7.04 46.24
C PRO C 190 19.33 -6.32 44.91
N THR C 191 18.28 -5.51 44.75
CA THR C 191 18.07 -4.71 43.52
C THR C 191 18.41 -3.23 43.77
N THR C 192 18.73 -2.83 45.01
CA THR C 192 19.05 -1.43 45.37
C THR C 192 20.24 -1.40 46.30
N GLU C 193 20.88 -0.25 46.38
CA GLU C 193 21.98 0.00 47.34
C GLU C 193 21.48 -0.12 48.78
N ASP C 194 20.29 0.37 49.07
CA ASP C 194 19.74 0.25 50.44
C ASP C 194 19.62 -1.25 50.79
N GLN C 195 18.98 -2.07 49.92
CA GLN C 195 18.84 -3.53 50.16
C GLN C 195 20.21 -4.17 50.31
N ALA C 196 21.19 -3.80 49.49
CA ALA C 196 22.56 -4.38 49.56
C ALA C 196 23.19 -4.07 50.93
N ARG C 197 23.10 -2.82 51.38
CA ARG C 197 23.63 -2.40 52.72
C ARG C 197 22.91 -3.21 53.78
N ALA C 198 21.57 -3.27 53.75
CA ALA C 198 20.75 -3.98 54.75
C ALA C 198 21.13 -5.47 54.79
N ARG C 199 21.31 -6.10 53.62
CA ARG C 199 21.55 -7.56 53.55
C ARG C 199 22.89 -7.85 54.25
N MET C 200 23.92 -7.04 53.97
CA MET C 200 25.30 -7.24 54.46
C MET C 200 25.43 -6.85 55.94
N GLU C 201 24.49 -6.09 56.50
CA GLU C 201 24.53 -5.67 57.92
C GLU C 201 23.39 -6.40 58.65
N SER C 202 22.86 -7.47 58.06
CA SER C 202 22.00 -8.45 58.79
C SER C 202 22.86 -9.67 59.12
N GLY C 203 23.84 -10.03 58.28
CA GLY C 203 24.56 -11.32 58.37
C GLY C 203 23.60 -12.49 58.62
N GLN C 204 22.37 -12.41 58.10
CA GLN C 204 21.35 -13.50 58.09
C GLN C 204 21.84 -14.68 57.22
N TYR C 205 22.71 -14.45 56.23
CA TYR C 205 23.16 -15.49 55.28
C TYR C 205 24.66 -15.50 55.12
N ARG C 206 25.20 -16.68 54.80
CA ARG C 206 26.57 -16.85 54.28
C ARG C 206 26.62 -16.03 52.98
N SER C 207 27.74 -15.35 52.70
CA SER C 207 27.87 -14.43 51.54
C SER C 207 29.32 -14.39 51.10
N LEU C 208 29.53 -14.21 49.81
CA LEU C 208 30.87 -13.90 49.25
C LEU C 208 30.91 -12.41 48.95
N ASP C 209 29.75 -11.77 48.87
CA ASP C 209 29.58 -10.34 48.53
C ASP C 209 28.10 -10.01 48.69
N TRP C 210 27.75 -8.72 48.62
CA TRP C 210 26.36 -8.29 48.86
C TRP C 210 25.45 -8.92 47.79
N TRP C 211 26.00 -9.33 46.63
CA TRP C 211 25.20 -9.88 45.50
C TRP C 211 25.24 -11.40 45.47
N PHE C 212 26.01 -12.06 46.35
CA PHE C 212 26.19 -13.53 46.36
C PHE C 212 26.03 -14.02 47.79
N SER C 213 24.78 -14.23 48.16
CA SER C 213 24.33 -14.87 49.42
C SER C 213 23.62 -16.19 49.13
N TRP C 214 23.71 -17.13 50.06
CA TRP C 214 23.09 -18.47 49.98
C TRP C 214 22.91 -19.07 51.38
N ASP C 215 21.97 -20.01 51.46
CA ASP C 215 21.67 -20.83 52.66
C ASP C 215 21.47 -22.27 52.14
N THR C 216 20.95 -23.17 52.99
CA THR C 216 20.75 -24.61 52.66
C THR C 216 19.36 -25.04 53.11
N PRO C 217 18.30 -24.48 52.51
CA PRO C 217 16.94 -24.71 52.99
C PRO C 217 16.30 -25.97 52.39
N ALA C 218 16.91 -26.61 51.42
CA ALA C 218 16.30 -27.81 50.80
C ALA C 218 16.40 -28.95 51.82
N SER C 219 15.40 -29.81 51.93
CA SER C 219 15.41 -30.98 52.82
C SER C 219 16.41 -32.02 52.29
N ARG C 220 16.93 -32.85 53.20
CA ARG C 220 17.71 -34.08 52.92
C ARG C 220 17.02 -34.81 51.74
N ASP C 221 15.71 -35.04 51.85
CA ASP C 221 14.93 -35.87 50.88
C ASP C 221 14.96 -35.25 49.48
N ASP C 222 14.68 -33.95 49.38
CA ASP C 222 14.69 -33.17 48.10
C ASP C 222 16.08 -33.29 47.47
N VAL C 223 17.14 -33.01 48.23
CA VAL C 223 18.54 -33.08 47.75
C VAL C 223 18.85 -34.50 47.26
N GLU C 224 18.48 -35.53 48.03
CA GLU C 224 18.87 -36.94 47.71
C GLU C 224 18.07 -37.39 46.48
N GLU C 225 16.82 -36.94 46.36
CA GLU C 225 15.99 -37.21 45.14
C GLU C 225 16.73 -36.70 43.89
N ALA C 226 17.24 -35.47 43.92
CA ALA C 226 17.97 -34.85 42.79
C ALA C 226 19.26 -35.61 42.50
N ARG C 227 19.99 -36.02 43.54
CA ARG C 227 21.29 -36.74 43.44
C ARG C 227 21.06 -38.14 42.86
N ARG C 228 19.92 -38.76 43.17
CA ARG C 228 19.45 -40.06 42.63
C ARG C 228 19.38 -39.97 41.09
N TYR C 229 18.90 -38.84 40.53
CA TYR C 229 18.72 -38.68 39.05
C TYR C 229 20.10 -38.71 38.40
N LEU C 230 21.01 -37.91 38.93
CA LEU C 230 22.38 -37.80 38.38
C LEU C 230 23.14 -39.11 38.59
N ARG C 231 23.01 -39.74 39.76
CA ARG C 231 23.67 -41.07 40.00
C ARG C 231 23.15 -42.09 38.97
N ARG C 232 21.83 -42.14 38.69
CA ARG C 232 21.32 -43.05 37.62
C ARG C 232 21.95 -42.66 36.26
N ALA C 233 22.09 -41.37 35.94
CA ALA C 233 22.70 -40.94 34.66
C ALA C 233 24.14 -41.47 34.56
N ALA C 234 24.93 -41.34 35.64
CA ALA C 234 26.37 -41.68 35.70
C ALA C 234 26.62 -43.20 35.69
N GLU C 235 25.70 -44.03 36.18
CA GLU C 235 25.91 -45.49 36.33
C GLU C 235 25.49 -46.28 35.10
N LYS C 236 26.31 -47.23 34.68
CA LYS C 236 25.98 -48.26 33.67
C LYS C 236 24.85 -49.12 34.22
N PRO C 237 23.72 -49.32 33.50
CA PRO C 237 22.65 -50.19 33.99
C PRO C 237 23.19 -51.62 34.22
N ALA C 238 22.69 -52.28 35.26
CA ALA C 238 23.02 -53.65 35.71
C ALA C 238 22.75 -54.65 34.58
N LYS C 239 21.59 -54.57 33.93
CA LYS C 239 21.30 -55.40 32.75
C LYS C 239 20.59 -54.57 31.66
N LEU C 240 20.93 -54.88 30.41
CA LEU C 240 20.43 -54.21 29.19
C LEU C 240 19.16 -54.88 28.67
N LEU C 241 18.21 -54.08 28.18
CA LEU C 241 16.88 -54.54 27.71
C LEU C 241 16.99 -55.31 26.39
N TYR C 242 18.09 -55.20 25.62
CA TYR C 242 18.22 -55.96 24.34
C TYR C 242 18.43 -57.46 24.68
N GLU C 243 19.07 -57.78 25.82
CA GLU C 243 19.35 -59.17 26.29
C GLU C 243 18.02 -59.91 26.57
N GLU C 244 16.99 -59.17 27.02
CA GLU C 244 15.68 -59.68 27.50
C GLU C 244 14.75 -59.95 26.30
N ALA C 245 14.93 -59.19 25.22
CA ALA C 245 14.45 -59.48 23.86
C ALA C 245 15.31 -60.62 23.28
N PRO D 2 6.04 -14.59 21.16
CA PRO D 2 7.22 -15.38 20.74
C PRO D 2 8.37 -14.48 20.25
N GLY D 3 9.44 -15.09 19.71
CA GLY D 3 10.66 -14.44 19.16
C GLY D 3 11.32 -15.33 18.12
N SER D 4 12.31 -14.85 17.37
CA SER D 4 13.04 -15.59 16.30
C SER D 4 14.34 -16.22 16.87
N ILE D 5 14.89 -17.25 16.21
CA ILE D 5 16.17 -17.93 16.59
C ILE D 5 16.90 -18.41 15.34
N PRO D 6 18.23 -18.67 15.41
CA PRO D 6 18.87 -19.48 14.39
C PRO D 6 18.46 -20.94 14.68
N LEU D 7 18.71 -21.86 13.76
CA LEU D 7 18.18 -23.24 13.90
C LEU D 7 19.32 -24.24 13.76
N ILE D 8 19.17 -25.39 14.41
CA ILE D 8 20.10 -26.54 14.25
C ILE D 8 20.19 -26.81 12.75
N GLY D 9 21.41 -27.05 12.27
CA GLY D 9 21.71 -27.29 10.84
C GLY D 9 22.02 -26.00 10.08
N GLU D 10 21.66 -24.83 10.62
CA GLU D 10 22.09 -23.53 10.03
C GLU D 10 23.51 -23.17 10.49
N ARG D 11 24.22 -22.46 9.62
CA ARG D 11 25.50 -21.78 9.90
C ARG D 11 25.24 -20.73 10.98
N PHE D 12 26.03 -20.70 12.04
CA PHE D 12 25.91 -19.65 13.07
C PHE D 12 25.93 -18.30 12.35
N PRO D 13 25.05 -17.34 12.61
CA PRO D 13 25.03 -16.12 11.80
C PRO D 13 26.36 -15.35 11.81
N GLU D 14 26.75 -14.79 10.66
CA GLU D 14 28.01 -14.05 10.50
C GLU D 14 27.90 -12.78 11.36
N MET D 15 28.88 -12.50 12.24
CA MET D 15 28.76 -11.28 13.07
C MET D 15 30.13 -10.98 13.67
N GLU D 16 30.45 -9.70 13.79
CA GLU D 16 31.61 -9.19 14.53
C GLU D 16 31.09 -8.88 15.93
N VAL D 17 31.81 -9.31 16.96
CA VAL D 17 31.40 -9.11 18.37
C VAL D 17 32.62 -8.56 19.12
N THR D 18 32.33 -7.66 20.06
CA THR D 18 33.35 -7.12 21.00
C THR D 18 33.34 -8.00 22.26
N THR D 19 34.51 -8.51 22.63
CA THR D 19 34.76 -9.33 23.83
C THR D 19 35.84 -8.65 24.65
N ASP D 20 36.08 -9.17 25.85
CA ASP D 20 37.13 -8.70 26.79
C ASP D 20 38.51 -9.20 26.35
N HIS D 21 38.58 -9.96 25.24
CA HIS D 21 39.83 -10.43 24.60
C HIS D 21 40.04 -9.73 23.25
N GLY D 22 39.13 -8.84 22.85
CA GLY D 22 39.26 -8.11 21.58
C GLY D 22 38.07 -8.37 20.71
N VAL D 23 38.09 -7.84 19.49
CA VAL D 23 36.99 -7.95 18.49
C VAL D 23 37.22 -9.28 17.77
N ILE D 24 36.18 -10.07 17.53
CA ILE D 24 36.31 -11.35 16.76
C ILE D 24 35.12 -11.48 15.82
N LYS D 25 35.33 -12.13 14.68
CA LYS D 25 34.22 -12.50 13.78
C LYS D 25 33.72 -13.89 14.22
N LEU D 26 32.42 -14.09 14.30
CA LEU D 26 31.84 -15.43 14.52
C LEU D 26 31.14 -15.81 13.23
N PRO D 27 31.12 -17.10 12.83
CA PRO D 27 31.91 -18.14 13.49
C PRO D 27 33.35 -18.30 12.99
N ASP D 28 33.81 -17.44 12.09
CA ASP D 28 35.10 -17.58 11.34
C ASP D 28 36.26 -17.73 12.32
N HIS D 29 36.26 -16.99 13.42
CA HIS D 29 37.39 -17.01 14.38
C HIS D 29 37.67 -18.44 14.82
N TYR D 30 36.62 -19.27 14.92
CA TYR D 30 36.77 -20.64 15.48
C TYR D 30 36.98 -21.65 14.33
N VAL D 31 36.28 -21.51 13.23
CA VAL D 31 36.43 -22.38 12.02
C VAL D 31 37.93 -22.42 11.64
N SER D 32 38.54 -21.22 11.48
CA SER D 32 39.97 -21.00 11.12
C SER D 32 40.92 -21.70 12.08
N GLN D 33 40.49 -22.01 13.30
CA GLN D 33 41.34 -22.74 14.26
C GLN D 33 41.01 -24.24 14.25
N GLY D 34 40.13 -24.69 13.35
CA GLY D 34 39.53 -26.06 13.38
C GLY D 34 38.79 -26.36 14.70
N LYS D 35 38.21 -25.36 15.34
CA LYS D 35 37.60 -25.52 16.68
C LYS D 35 36.08 -25.44 16.61
N TRP D 36 35.42 -26.25 17.42
CA TRP D 36 34.00 -26.10 17.84
C TRP D 36 33.95 -24.92 18.78
N PHE D 37 32.81 -24.27 18.96
CA PHE D 37 32.65 -23.40 20.15
C PHE D 37 31.27 -23.54 20.78
N VAL D 38 31.25 -23.32 22.08
CA VAL D 38 30.00 -23.21 22.87
C VAL D 38 29.88 -21.73 23.23
N LEU D 39 28.93 -21.05 22.59
CA LEU D 39 28.52 -19.70 22.98
C LEU D 39 27.43 -19.85 24.03
N PHE D 40 27.57 -19.23 25.19
CA PHE D 40 26.57 -19.28 26.26
C PHE D 40 26.39 -17.87 26.80
N SER D 41 25.19 -17.60 27.31
CA SER D 41 24.78 -16.25 27.73
C SER D 41 24.46 -16.27 29.22
N HIS D 42 24.52 -15.12 29.87
CA HIS D 42 24.10 -14.98 31.29
C HIS D 42 23.52 -13.59 31.39
N PRO D 43 22.61 -13.36 32.36
CA PRO D 43 21.89 -12.11 32.42
C PRO D 43 22.75 -10.86 32.64
N ALA D 44 23.63 -10.87 33.63
CA ALA D 44 24.43 -9.67 34.00
C ALA D 44 25.65 -10.11 34.80
N ASP D 45 26.70 -9.28 34.76
CA ASP D 45 27.93 -9.46 35.56
C ASP D 45 27.56 -9.25 37.04
N PHE D 46 28.32 -9.85 37.93
CA PHE D 46 28.14 -9.68 39.39
C PHE D 46 26.73 -10.15 39.75
N THR D 47 26.34 -11.28 39.16
CA THR D 47 25.15 -12.07 39.55
C THR D 47 25.61 -13.47 39.94
N PRO D 48 24.95 -14.04 40.96
CA PRO D 48 25.46 -15.23 41.65
C PRO D 48 25.35 -16.55 40.86
N VAL D 49 24.19 -16.85 40.29
CA VAL D 49 24.04 -18.11 39.51
C VAL D 49 25.04 -18.02 38.36
N SER D 50 25.07 -16.87 37.67
CA SER D 50 26.01 -16.67 36.54
C SER D 50 27.45 -16.90 37.04
N THR D 51 27.79 -16.43 38.23
CA THR D 51 29.18 -16.58 38.76
C THR D 51 29.48 -18.08 38.95
N THR D 52 28.54 -18.82 39.53
CA THR D 52 28.70 -20.28 39.75
C THR D 52 28.89 -20.98 38.39
N GLU D 53 28.28 -20.50 37.31
CA GLU D 53 28.37 -21.16 35.98
C GLU D 53 29.71 -20.88 35.34
N PHE D 54 30.20 -19.65 35.47
CA PHE D 54 31.55 -19.27 34.99
C PHE D 54 32.59 -20.15 35.70
N VAL D 55 32.46 -20.34 36.99
CA VAL D 55 33.41 -21.20 37.76
C VAL D 55 33.29 -22.64 37.25
N SER D 56 32.07 -23.12 37.00
CA SER D 56 31.86 -24.51 36.49
C SER D 56 32.55 -24.65 35.14
N PHE D 57 32.34 -23.70 34.22
CA PHE D 57 32.94 -23.76 32.87
C PHE D 57 34.47 -23.73 33.04
N ALA D 58 35.02 -22.89 33.92
CA ALA D 58 36.48 -22.71 34.07
C ALA D 58 37.10 -24.00 34.60
N ARG D 59 36.50 -24.62 35.60
CA ARG D 59 36.95 -25.93 36.14
C ARG D 59 37.01 -26.94 34.99
N ARG D 60 36.14 -26.83 33.99
CA ARG D 60 35.97 -27.87 32.92
C ARG D 60 36.67 -27.44 31.63
N TYR D 61 37.41 -26.33 31.66
CA TYR D 61 38.05 -25.72 30.46
C TYR D 61 38.98 -26.70 29.72
N GLU D 62 39.74 -27.50 30.47
CA GLU D 62 40.70 -28.50 29.94
C GLU D 62 39.91 -29.62 29.24
N ASP D 63 38.82 -30.09 29.86
CA ASP D 63 37.92 -31.11 29.26
C ASP D 63 37.38 -30.61 27.92
N PHE D 64 37.02 -29.32 27.82
CA PHE D 64 36.58 -28.70 26.53
C PHE D 64 37.75 -28.64 25.54
N GLN D 65 38.96 -28.36 26.02
CA GLN D 65 40.19 -28.29 25.18
C GLN D 65 40.53 -29.69 24.65
N ARG D 66 40.40 -30.74 25.46
CA ARG D 66 40.59 -32.13 24.99
C ARG D 66 39.67 -32.37 23.78
N LEU D 67 38.45 -31.84 23.77
CA LEU D 67 37.49 -32.04 22.63
C LEU D 67 37.71 -31.04 21.49
N GLY D 68 38.76 -30.22 21.51
CA GLY D 68 38.92 -29.12 20.53
C GLY D 68 37.72 -28.15 20.56
N VAL D 69 37.21 -27.81 21.76
CA VAL D 69 36.05 -26.87 21.94
C VAL D 69 36.51 -25.63 22.69
N ASP D 70 36.20 -24.46 22.15
CA ASP D 70 36.44 -23.15 22.81
C ASP D 70 35.12 -22.63 23.40
N LEU D 71 35.25 -21.89 24.49
CA LEU D 71 34.12 -21.28 25.23
C LEU D 71 34.08 -19.78 24.98
N ILE D 72 32.89 -19.22 24.81
CA ILE D 72 32.70 -17.75 24.72
C ILE D 72 31.37 -17.40 25.38
N GLY D 73 31.43 -16.50 26.39
CA GLY D 73 30.25 -16.02 27.12
C GLY D 73 29.64 -14.83 26.44
N LEU D 74 28.58 -14.26 27.01
CA LEU D 74 27.76 -13.15 26.45
C LEU D 74 26.87 -12.63 27.57
N SER D 75 26.94 -11.33 27.85
CA SER D 75 25.89 -10.61 28.60
C SER D 75 25.76 -9.20 28.02
N VAL D 76 24.73 -8.48 28.42
CA VAL D 76 24.54 -7.09 27.94
C VAL D 76 25.50 -6.12 28.65
N ASP D 77 26.27 -6.55 29.65
CA ASP D 77 27.25 -5.66 30.33
C ASP D 77 28.43 -5.39 29.39
N SER D 78 29.20 -4.33 29.65
CA SER D 78 30.33 -3.91 28.79
C SER D 78 31.65 -4.58 29.23
N VAL D 79 32.70 -4.35 28.43
CA VAL D 79 34.03 -5.01 28.56
C VAL D 79 34.63 -4.72 29.93
N CYS D 80 34.62 -3.48 30.39
CA CYS D 80 35.32 -3.13 31.65
C CYS D 80 34.61 -3.85 32.82
N SER D 81 33.29 -3.91 32.80
CA SER D 81 32.48 -4.68 33.78
C SER D 81 32.86 -6.17 33.69
N HIS D 82 33.03 -6.70 32.48
CA HIS D 82 33.41 -8.12 32.27
C HIS D 82 34.73 -8.38 32.98
N ILE D 83 35.70 -7.50 32.74
CA ILE D 83 37.07 -7.68 33.27
C ILE D 83 37.05 -7.49 34.79
N LYS D 84 36.31 -6.51 35.33
CA LYS D 84 36.22 -6.34 36.80
C LYS D 84 35.60 -7.59 37.44
N TRP D 85 34.60 -8.19 36.79
CA TRP D 85 33.86 -9.35 37.34
C TRP D 85 34.79 -10.57 37.39
N LYS D 86 35.51 -10.79 36.31
CA LYS D 86 36.56 -11.83 36.22
C LYS D 86 37.57 -11.65 37.35
N GLU D 87 38.10 -10.43 37.53
CA GLU D 87 39.11 -10.14 38.60
C GLU D 87 38.51 -10.50 39.94
N TRP D 88 37.25 -10.13 40.17
CA TRP D 88 36.56 -10.47 41.44
C TRP D 88 36.53 -11.99 41.62
N ILE D 89 36.15 -12.74 40.59
CA ILE D 89 36.11 -14.23 40.68
C ILE D 89 37.54 -14.74 40.99
N GLU D 90 38.58 -14.23 40.33
CA GLU D 90 39.99 -14.66 40.56
C GLU D 90 40.36 -14.43 42.03
N ARG D 91 40.11 -13.22 42.55
CA ARG D 91 40.47 -12.80 43.91
C ARG D 91 39.67 -13.57 44.96
N HIS D 92 38.36 -13.71 44.82
CA HIS D 92 37.48 -14.16 45.94
C HIS D 92 37.24 -15.68 45.88
N ILE D 93 37.29 -16.31 44.70
CA ILE D 93 36.96 -17.75 44.56
C ILE D 93 38.22 -18.55 44.22
N GLY D 94 39.26 -17.88 43.72
CA GLY D 94 40.58 -18.47 43.39
C GLY D 94 40.58 -19.09 42.01
N VAL D 95 39.59 -18.77 41.16
CA VAL D 95 39.41 -19.38 39.81
C VAL D 95 39.58 -18.29 38.75
N ARG D 96 40.50 -18.52 37.83
CA ARG D 96 40.76 -17.66 36.65
C ARG D 96 39.78 -18.09 35.56
N ILE D 97 39.03 -17.16 34.98
CA ILE D 97 38.16 -17.39 33.80
C ILE D 97 39.04 -17.13 32.58
N PRO D 98 39.43 -18.18 31.83
CA PRO D 98 40.35 -17.99 30.72
C PRO D 98 39.72 -17.67 29.36
N PHE D 99 38.39 -17.68 29.24
CA PHE D 99 37.71 -17.59 27.92
C PHE D 99 37.06 -16.21 27.83
N PRO D 100 36.88 -15.69 26.60
CA PRO D 100 36.31 -14.37 26.38
C PRO D 100 34.82 -14.30 26.75
N ILE D 101 34.38 -13.07 27.04
CA ILE D 101 32.95 -12.71 27.22
C ILE D 101 32.60 -11.58 26.24
N ILE D 102 31.59 -11.82 25.42
CA ILE D 102 31.02 -10.81 24.51
C ILE D 102 30.31 -9.77 25.36
N ALA D 103 30.52 -8.49 25.04
CA ALA D 103 29.79 -7.33 25.53
C ALA D 103 28.67 -7.02 24.53
N ASP D 104 27.43 -7.05 24.95
CA ASP D 104 26.28 -6.90 24.02
C ASP D 104 25.32 -5.83 24.55
N PRO D 105 25.80 -4.60 24.80
CA PRO D 105 24.98 -3.56 25.41
C PRO D 105 23.69 -3.21 24.66
N GLN D 106 23.63 -3.22 23.35
CA GLN D 106 22.31 -2.81 22.76
C GLN D 106 21.48 -4.06 22.44
N GLY D 107 21.95 -5.24 22.87
CA GLY D 107 21.23 -6.51 22.66
C GLY D 107 21.23 -6.96 21.21
N THR D 108 22.19 -6.50 20.40
CA THR D 108 22.27 -6.82 18.94
C THR D 108 22.49 -8.32 18.75
N VAL D 109 23.50 -8.87 19.42
CA VAL D 109 23.77 -10.34 19.42
C VAL D 109 22.56 -11.06 20.05
N ALA D 110 22.06 -10.55 21.17
CA ALA D 110 20.97 -11.19 21.94
C ALA D 110 19.76 -11.39 21.02
N ARG D 111 19.37 -10.34 20.28
CA ARG D 111 18.16 -10.36 19.41
C ARG D 111 18.43 -11.32 18.24
N ARG D 112 19.65 -11.37 17.74
CA ARG D 112 19.98 -12.29 16.65
C ARG D 112 19.91 -13.77 17.11
N LEU D 113 20.28 -14.06 18.34
CA LEU D 113 20.32 -15.48 18.81
C LEU D 113 19.07 -15.83 19.63
N GLY D 114 18.09 -14.93 19.65
CA GLY D 114 16.84 -15.08 20.43
C GLY D 114 17.09 -15.30 21.92
N LEU D 115 18.00 -14.53 22.54
CA LEU D 115 18.39 -14.76 23.95
C LEU D 115 17.56 -13.88 24.89
N LEU D 116 16.65 -13.09 24.35
CA LEU D 116 15.76 -12.23 25.16
C LEU D 116 14.38 -12.88 25.19
N HIS D 117 14.02 -13.46 26.33
CA HIS D 117 12.74 -14.15 26.53
C HIS D 117 11.85 -13.22 27.36
N ALA D 118 10.62 -13.64 27.64
CA ALA D 118 9.63 -12.84 28.38
C ALA D 118 10.07 -12.66 29.84
N GLU D 119 10.93 -13.53 30.39
CA GLU D 119 11.39 -13.41 31.81
C GLU D 119 12.06 -12.05 32.01
N SER D 120 12.66 -11.47 30.97
CA SER D 120 13.31 -10.14 31.11
C SER D 120 13.39 -9.44 29.76
N ALA D 121 12.89 -8.22 29.65
CA ALA D 121 13.02 -7.41 28.42
C ALA D 121 14.49 -6.97 28.21
N THR D 122 15.34 -6.98 29.25
CA THR D 122 16.64 -6.27 29.25
C THR D 122 17.85 -7.22 29.28
N HIS D 123 17.72 -8.39 29.88
CA HIS D 123 18.84 -9.31 30.18
C HIS D 123 18.60 -10.65 29.50
N THR D 124 19.64 -11.21 28.89
CA THR D 124 19.49 -12.50 28.20
C THR D 124 19.14 -13.57 29.25
N VAL D 125 18.42 -14.63 28.84
CA VAL D 125 18.32 -15.90 29.61
C VAL D 125 19.66 -16.68 29.46
N ARG D 126 19.68 -17.96 29.86
CA ARG D 126 20.92 -18.77 29.96
C ARG D 126 20.95 -19.66 28.72
N GLY D 127 21.20 -19.02 27.58
CA GLY D 127 21.25 -19.67 26.26
C GLY D 127 22.55 -20.41 26.05
N VAL D 128 22.52 -21.52 25.30
CA VAL D 128 23.73 -22.31 24.94
C VAL D 128 23.62 -22.67 23.44
N PHE D 129 24.57 -22.23 22.65
CA PHE D 129 24.77 -22.63 21.24
C PHE D 129 26.02 -23.48 21.13
N ILE D 130 25.84 -24.71 20.62
CA ILE D 130 26.95 -25.63 20.31
C ILE D 130 27.16 -25.63 18.81
N VAL D 131 28.36 -25.17 18.41
CA VAL D 131 28.70 -24.86 16.99
C VAL D 131 29.92 -25.70 16.66
N ASP D 132 29.86 -26.44 15.55
CA ASP D 132 30.97 -27.34 15.15
C ASP D 132 32.01 -26.52 14.35
N ALA D 133 33.09 -27.18 13.95
CA ALA D 133 34.27 -26.58 13.27
C ALA D 133 33.93 -26.18 11.83
N ARG D 134 32.70 -26.44 11.38
CA ARG D 134 32.22 -25.91 10.08
C ARG D 134 31.38 -24.65 10.30
N GLY D 135 31.16 -24.25 11.56
CA GLY D 135 30.29 -23.10 11.91
C GLY D 135 28.81 -23.45 11.91
N VAL D 136 28.46 -24.74 12.00
CA VAL D 136 27.05 -25.20 11.96
C VAL D 136 26.57 -25.41 13.40
N ILE D 137 25.42 -24.81 13.71
CA ILE D 137 24.69 -24.96 15.01
C ILE D 137 24.23 -26.41 15.12
N ARG D 138 24.66 -27.09 16.18
CA ARG D 138 24.40 -28.55 16.38
C ARG D 138 23.34 -28.77 17.46
N THR D 139 23.17 -27.82 18.38
CA THR D 139 22.33 -28.02 19.59
C THR D 139 22.11 -26.64 20.20
N MET D 140 20.94 -26.39 20.77
CA MET D 140 20.58 -25.10 21.43
C MET D 140 19.82 -25.41 22.72
N LEU D 141 20.19 -24.77 23.84
CA LEU D 141 19.52 -24.95 25.16
C LEU D 141 19.17 -23.55 25.67
N TYR D 142 17.96 -23.38 26.18
CA TYR D 142 17.52 -22.13 26.84
C TYR D 142 17.14 -22.49 28.27
N TYR D 143 18.03 -22.22 29.21
CA TYR D 143 17.75 -22.30 30.66
C TYR D 143 17.34 -20.92 31.12
N PRO D 144 16.59 -20.84 32.23
CA PRO D 144 16.08 -19.56 32.74
C PRO D 144 17.00 -18.86 33.74
N MET D 145 16.64 -17.64 34.15
CA MET D 145 17.42 -16.84 35.12
C MET D 145 17.67 -17.66 36.39
N GLU D 146 16.66 -18.40 36.84
CA GLU D 146 16.60 -18.95 38.22
C GLU D 146 17.29 -20.33 38.34
N LEU D 147 17.86 -20.84 37.25
CA LEU D 147 18.38 -22.24 37.19
C LEU D 147 19.72 -22.22 36.46
N GLY D 148 20.79 -22.54 37.17
CA GLY D 148 22.10 -22.79 36.57
C GLY D 148 22.08 -24.02 35.69
N ARG D 149 22.97 -24.02 34.72
CA ARG D 149 23.17 -25.17 33.79
C ARG D 149 23.93 -26.32 34.47
N LEU D 150 23.76 -27.52 33.92
CA LEU D 150 24.57 -28.71 34.19
C LEU D 150 25.67 -28.78 33.11
N VAL D 151 26.86 -28.27 33.41
CA VAL D 151 27.92 -28.08 32.38
C VAL D 151 28.44 -29.45 31.88
N ASP D 152 28.43 -30.49 32.73
CA ASP D 152 28.78 -31.88 32.31
C ASP D 152 27.86 -32.38 31.18
N GLU D 153 26.57 -32.00 31.14
CA GLU D 153 25.73 -32.38 29.98
C GLU D 153 26.25 -31.67 28.73
N ILE D 154 26.78 -30.43 28.86
CA ILE D 154 27.31 -29.70 27.67
C ILE D 154 28.52 -30.48 27.12
N LEU D 155 29.41 -30.99 27.97
CA LEU D 155 30.54 -31.86 27.50
C LEU D 155 29.97 -33.15 26.88
N ARG D 156 29.01 -33.79 27.53
CA ARG D 156 28.45 -35.05 27.02
C ARG D 156 27.93 -34.78 25.59
N ILE D 157 27.21 -33.67 25.37
CA ILE D 157 26.59 -33.34 24.08
C ILE D 157 27.71 -33.23 23.02
N VAL D 158 28.76 -32.47 23.27
CA VAL D 158 29.81 -32.25 22.25
C VAL D 158 30.57 -33.56 22.00
N LYS D 159 30.92 -34.30 23.05
CA LYS D 159 31.63 -35.60 22.87
C LYS D 159 30.76 -36.56 22.02
N ALA D 160 29.49 -36.71 22.34
CA ALA D 160 28.58 -37.64 21.62
C ALA D 160 28.36 -37.16 20.18
N LEU D 161 28.30 -35.86 19.94
CA LEU D 161 28.04 -35.29 18.60
C LEU D 161 29.28 -35.60 17.73
N LYS D 162 30.49 -35.38 18.27
CA LYS D 162 31.78 -35.64 17.57
C LYS D 162 31.97 -37.14 17.35
N LEU D 163 31.56 -37.98 18.30
CA LEU D 163 31.57 -39.45 18.12
C LEU D 163 30.63 -39.84 16.98
N GLY D 164 29.39 -39.32 17.02
CA GLY D 164 28.42 -39.52 15.93
C GLY D 164 29.02 -39.18 14.56
N ASP D 165 29.66 -38.03 14.47
CA ASP D 165 30.17 -37.50 13.17
C ASP D 165 31.28 -38.46 12.70
N SER D 166 32.16 -38.89 13.60
CA SER D 166 33.40 -39.64 13.28
C SER D 166 33.09 -41.12 13.00
N LEU D 167 32.00 -41.70 13.52
CA LEU D 167 31.67 -43.14 13.28
C LEU D 167 30.42 -43.31 12.42
N LYS D 168 29.82 -42.21 11.97
CA LYS D 168 28.53 -42.22 11.23
C LYS D 168 27.48 -42.97 12.03
N ARG D 169 27.20 -42.51 13.23
CA ARG D 169 26.25 -43.21 14.10
C ARG D 169 25.38 -42.15 14.73
N ALA D 170 24.20 -42.56 15.16
CA ALA D 170 23.31 -41.79 16.05
C ALA D 170 23.51 -42.31 17.49
N VAL D 171 23.20 -41.49 18.47
CA VAL D 171 23.57 -41.74 19.88
C VAL D 171 22.29 -41.93 20.67
N PRO D 172 22.11 -43.07 21.35
CA PRO D 172 20.85 -43.42 22.02
C PRO D 172 20.67 -42.53 23.25
N ALA D 173 19.43 -42.43 23.75
CA ALA D 173 19.13 -41.72 25.03
C ALA D 173 20.16 -42.10 26.11
N ASP D 174 20.65 -41.13 26.89
CA ASP D 174 21.37 -41.40 28.16
C ASP D 174 22.72 -42.07 27.87
N TRP D 175 23.20 -42.03 26.62
CA TRP D 175 24.51 -42.58 26.23
C TRP D 175 25.60 -41.93 27.08
N PRO D 176 26.61 -42.69 27.62
CA PRO D 176 26.83 -44.09 27.29
C PRO D 176 26.22 -45.11 28.25
N ASN D 177 25.19 -44.73 28.98
CA ASN D 177 24.48 -45.60 29.95
C ASN D 177 23.04 -45.87 29.48
N ASN D 178 22.86 -46.12 28.19
CA ASN D 178 21.49 -46.36 27.64
C ASN D 178 20.93 -47.69 28.18
N GLU D 179 19.65 -47.72 28.50
CA GLU D 179 18.99 -48.85 29.20
C GLU D 179 18.77 -50.02 28.22
N ILE D 180 18.78 -49.80 26.90
CA ILE D 180 18.54 -50.87 25.90
C ILE D 180 19.89 -51.42 25.43
N ILE D 181 20.81 -50.53 24.99
CA ILE D 181 22.04 -50.93 24.26
C ILE D 181 23.32 -50.44 24.96
N GLY D 182 23.22 -49.83 26.13
CA GLY D 182 24.41 -49.48 26.95
C GLY D 182 25.20 -48.39 26.25
N GLU D 183 26.45 -48.72 25.86
CA GLU D 183 27.40 -47.81 25.17
C GLU D 183 27.28 -48.01 23.67
N GLY D 184 26.32 -48.81 23.24
CA GLY D 184 26.04 -49.00 21.82
C GLY D 184 25.70 -47.69 21.12
N LEU D 185 26.01 -47.64 19.83
CA LEU D 185 25.67 -46.54 18.90
C LEU D 185 24.80 -47.12 17.79
N ILE D 186 23.86 -46.32 17.33
CA ILE D 186 22.77 -46.72 16.40
C ILE D 186 23.22 -46.49 14.95
N VAL D 187 23.00 -47.48 14.09
CA VAL D 187 23.25 -47.30 12.63
C VAL D 187 22.08 -46.49 12.07
N PRO D 188 22.31 -45.40 11.31
CA PRO D 188 21.22 -44.67 10.67
C PRO D 188 20.28 -45.64 9.95
N PRO D 189 18.97 -45.55 10.17
CA PRO D 189 18.06 -46.55 9.62
C PRO D 189 18.04 -46.53 8.09
N PRO D 190 17.63 -47.64 7.43
CA PRO D 190 17.36 -47.65 6.00
C PRO D 190 16.32 -46.59 5.64
N THR D 191 16.43 -46.00 4.45
CA THR D 191 15.49 -44.98 3.93
C THR D 191 14.65 -45.54 2.77
N THR D 192 14.90 -46.79 2.35
CA THR D 192 14.17 -47.45 1.23
C THR D 192 13.90 -48.92 1.57
N GLU D 193 12.91 -49.52 0.92
CA GLU D 193 12.53 -50.95 1.13
C GLU D 193 13.70 -51.88 0.75
N ASP D 194 14.35 -51.63 -0.38
CA ASP D 194 15.59 -52.37 -0.80
C ASP D 194 16.68 -52.30 0.27
N GLN D 195 16.93 -51.13 0.90
CA GLN D 195 17.96 -51.01 1.97
C GLN D 195 17.44 -51.76 3.18
N ALA D 196 16.14 -51.71 3.44
CA ALA D 196 15.56 -52.40 4.61
C ALA D 196 15.77 -53.90 4.43
N ARG D 197 15.58 -54.41 3.22
CA ARG D 197 15.77 -55.87 2.93
C ARG D 197 17.24 -56.27 3.09
N ALA D 198 18.14 -55.58 2.39
CA ALA D 198 19.59 -55.83 2.40
C ALA D 198 20.07 -55.89 3.86
N ARG D 199 19.47 -55.09 4.74
CA ARG D 199 19.88 -54.98 6.17
C ARG D 199 19.38 -56.21 6.95
N MET D 200 18.12 -56.61 6.76
CA MET D 200 17.50 -57.81 7.41
C MET D 200 18.29 -59.09 7.05
N GLU D 201 18.85 -59.14 5.84
CA GLU D 201 19.56 -60.30 5.27
C GLU D 201 21.06 -60.25 5.61
N SER D 202 21.59 -59.13 6.10
CA SER D 202 23.06 -58.90 6.15
C SER D 202 23.66 -59.58 7.39
N GLY D 203 23.00 -59.53 8.56
CA GLY D 203 23.59 -60.10 9.79
C GLY D 203 24.84 -59.36 10.26
N GLN D 204 25.21 -58.21 9.68
CA GLN D 204 26.38 -57.40 10.16
C GLN D 204 26.10 -56.82 11.57
N TYR D 205 24.87 -56.46 11.91
CA TYR D 205 24.61 -55.74 13.18
C TYR D 205 23.69 -56.55 14.09
N ARG D 206 23.83 -56.36 15.39
CA ARG D 206 22.72 -56.57 16.36
C ARG D 206 21.55 -55.65 15.93
N SER D 207 20.34 -56.19 15.88
CA SER D 207 19.11 -55.52 15.39
C SER D 207 17.94 -55.92 16.26
N LEU D 208 17.02 -55.00 16.50
CA LEU D 208 15.68 -55.30 17.07
C LEU D 208 14.68 -55.35 15.92
N ASP D 209 14.97 -54.68 14.82
CA ASP D 209 14.16 -54.63 13.58
C ASP D 209 15.04 -54.01 12.49
N TRP D 210 14.57 -53.93 11.26
CA TRP D 210 15.37 -53.40 10.12
C TRP D 210 15.72 -51.92 10.35
N TRP D 211 14.92 -51.21 11.15
CA TRP D 211 15.12 -49.76 11.45
C TRP D 211 15.92 -49.56 12.76
N PHE D 212 16.25 -50.61 13.51
CA PHE D 212 16.90 -50.48 14.83
C PHE D 212 18.08 -51.46 14.87
N SER D 213 19.20 -51.04 14.29
CA SER D 213 20.51 -51.73 14.34
C SER D 213 21.50 -50.84 15.09
N TRP D 214 22.45 -51.49 15.75
CA TRP D 214 23.52 -50.84 16.55
C TRP D 214 24.77 -51.71 16.62
N ASP D 215 25.87 -51.10 17.04
CA ASP D 215 27.16 -51.80 17.26
C ASP D 215 27.85 -51.03 18.38
N THR D 216 29.11 -51.37 18.67
CA THR D 216 29.89 -50.80 19.81
C THR D 216 31.20 -50.32 19.25
N PRO D 217 31.21 -49.33 18.35
CA PRO D 217 32.44 -48.91 17.67
C PRO D 217 33.21 -47.83 18.42
N ALA D 218 32.64 -47.27 19.49
CA ALA D 218 33.36 -46.29 20.34
C ALA D 218 34.50 -47.01 21.08
N SER D 219 35.67 -46.40 21.12
CA SER D 219 36.80 -46.84 21.97
C SER D 219 36.36 -46.84 23.44
N ARG D 220 36.91 -47.73 24.29
CA ARG D 220 36.75 -47.65 25.76
C ARG D 220 37.11 -46.23 26.26
N ASP D 221 38.14 -45.59 25.72
CA ASP D 221 38.48 -44.19 26.11
C ASP D 221 37.27 -43.28 25.82
N ASP D 222 36.65 -43.39 24.64
CA ASP D 222 35.48 -42.53 24.26
C ASP D 222 34.37 -42.72 25.31
N VAL D 223 34.07 -43.96 25.62
CA VAL D 223 32.94 -44.34 26.52
C VAL D 223 33.24 -43.83 27.92
N GLU D 224 34.46 -44.05 28.41
CA GLU D 224 34.77 -43.78 29.83
C GLU D 224 34.90 -42.27 30.06
N GLU D 225 35.36 -41.52 29.07
CA GLU D 225 35.47 -40.02 29.19
C GLU D 225 34.04 -39.45 29.29
N ALA D 226 33.10 -39.95 28.48
CA ALA D 226 31.68 -39.52 28.53
C ALA D 226 31.10 -39.85 29.90
N ARG D 227 31.32 -41.07 30.38
CA ARG D 227 30.83 -41.53 31.70
C ARG D 227 31.45 -40.67 32.82
N ARG D 228 32.75 -40.33 32.74
CA ARG D 228 33.44 -39.47 33.74
C ARG D 228 32.70 -38.12 33.83
N TYR D 229 32.28 -37.52 32.72
CA TYR D 229 31.53 -36.23 32.81
C TYR D 229 30.32 -36.43 33.73
N LEU D 230 29.56 -37.52 33.51
CA LEU D 230 28.31 -37.74 34.27
C LEU D 230 28.64 -38.10 35.73
N ARG D 231 29.67 -38.93 35.93
CA ARG D 231 30.11 -39.26 37.32
C ARG D 231 30.47 -37.97 38.08
N ARG D 232 31.12 -37.00 37.43
CA ARG D 232 31.47 -35.70 38.09
C ARG D 232 30.19 -34.94 38.41
N ALA D 233 29.20 -34.94 37.52
CA ALA D 233 27.90 -34.26 37.77
C ALA D 233 27.24 -34.92 38.99
N ALA D 234 27.34 -36.23 39.14
CA ALA D 234 26.67 -36.96 40.24
C ALA D 234 27.47 -36.90 41.58
N GLU D 235 28.74 -36.53 41.57
CA GLU D 235 29.66 -36.57 42.74
C GLU D 235 29.48 -35.33 43.63
N LYS D 236 29.17 -35.56 44.91
CA LYS D 236 29.33 -34.58 46.02
C LYS D 236 30.74 -34.03 45.93
N PRO D 237 30.97 -32.70 45.82
CA PRO D 237 32.33 -32.18 45.66
C PRO D 237 33.19 -32.50 46.90
N ALA D 238 34.48 -32.75 46.68
CA ALA D 238 35.44 -33.14 47.74
C ALA D 238 35.59 -31.97 48.72
N LYS D 239 35.80 -30.74 48.21
CA LYS D 239 35.96 -29.51 49.03
C LYS D 239 35.26 -28.31 48.36
N LEU D 240 34.29 -27.70 49.04
CA LEU D 240 33.52 -26.52 48.55
C LEU D 240 34.44 -25.30 48.45
N LEU D 241 34.44 -24.62 47.31
CA LEU D 241 35.34 -23.45 47.06
C LEU D 241 35.00 -22.27 48.00
N TYR D 242 33.80 -22.20 48.58
CA TYR D 242 33.40 -21.05 49.43
C TYR D 242 34.23 -21.08 50.72
N GLU D 243 34.70 -22.27 51.14
CA GLU D 243 35.30 -22.53 52.48
C GLU D 243 36.67 -21.85 52.58
N GLU D 244 37.43 -21.82 51.48
CA GLU D 244 38.79 -21.22 51.40
C GLU D 244 38.69 -19.91 50.57
N ALA D 245 37.71 -19.07 50.91
CA ALA D 245 37.33 -17.84 50.17
C ALA D 245 37.12 -16.70 51.18
N PRO E 2 -11.90 2.41 -24.20
CA PRO E 2 -11.34 3.34 -23.21
C PRO E 2 -12.32 4.38 -22.63
N GLY E 3 -13.60 4.02 -22.49
CA GLY E 3 -14.64 4.90 -21.91
C GLY E 3 -15.69 4.13 -21.16
N SER E 4 -16.31 4.74 -20.16
CA SER E 4 -17.38 4.16 -19.31
C SER E 4 -18.73 4.76 -19.74
N ILE E 5 -19.80 3.96 -19.83
CA ILE E 5 -21.17 4.43 -20.20
C ILE E 5 -22.20 3.94 -19.19
N PRO E 6 -23.33 4.65 -19.01
CA PRO E 6 -24.49 4.10 -18.31
C PRO E 6 -25.05 2.99 -19.21
N LEU E 7 -25.87 2.12 -18.63
CA LEU E 7 -26.33 0.87 -19.31
C LEU E 7 -27.85 0.85 -19.42
N ILE E 8 -28.34 0.22 -20.49
CA ILE E 8 -29.76 -0.13 -20.64
C ILE E 8 -30.16 -0.91 -19.39
N GLY E 9 -31.33 -0.61 -18.82
CA GLY E 9 -31.81 -1.25 -17.59
C GLY E 9 -31.42 -0.48 -16.34
N GLU E 10 -30.41 0.39 -16.39
CA GLU E 10 -30.00 1.28 -15.26
C GLU E 10 -30.87 2.53 -15.21
N ARG E 11 -31.11 3.04 -14.00
CA ARG E 11 -31.74 4.36 -13.81
C ARG E 11 -30.79 5.41 -14.39
N PHE E 12 -31.30 6.39 -15.12
CA PHE E 12 -30.48 7.52 -15.62
C PHE E 12 -29.76 8.15 -14.42
N PRO E 13 -28.45 8.41 -14.42
CA PRO E 13 -27.79 8.89 -13.20
C PRO E 13 -28.38 10.22 -12.71
N GLU E 14 -28.62 10.32 -11.39
CA GLU E 14 -29.05 11.55 -10.70
C GLU E 14 -28.06 12.66 -11.03
N MET E 15 -28.55 13.80 -11.51
CA MET E 15 -27.65 14.95 -11.76
C MET E 15 -28.48 16.22 -11.90
N GLU E 16 -27.88 17.33 -11.52
CA GLU E 16 -28.45 18.68 -11.74
C GLU E 16 -27.72 19.22 -12.95
N VAL E 17 -28.44 19.68 -13.95
CA VAL E 17 -27.82 20.28 -15.15
C VAL E 17 -28.37 21.70 -15.33
N THR E 18 -27.54 22.58 -15.87
CA THR E 18 -27.92 23.95 -16.27
C THR E 18 -28.27 23.89 -17.75
N THR E 19 -29.48 24.28 -18.10
CA THR E 19 -29.93 24.40 -19.49
C THR E 19 -30.21 25.86 -19.81
N ASP E 20 -30.55 26.16 -21.06
CA ASP E 20 -30.92 27.53 -21.47
C ASP E 20 -32.36 27.79 -21.06
N HIS E 21 -32.99 26.86 -20.32
CA HIS E 21 -34.35 27.07 -19.74
C HIS E 21 -34.26 27.17 -18.21
N GLY E 22 -33.08 26.94 -17.64
CA GLY E 22 -32.88 26.97 -16.18
C GLY E 22 -32.20 25.71 -15.70
N VAL E 23 -32.06 25.59 -14.39
CA VAL E 23 -31.47 24.41 -13.70
C VAL E 23 -32.58 23.38 -13.56
N ILE E 24 -32.30 22.11 -13.92
CA ILE E 24 -33.24 20.98 -13.67
C ILE E 24 -32.45 19.77 -13.19
N LYS E 25 -33.19 18.85 -12.56
CA LYS E 25 -32.68 17.59 -12.00
C LYS E 25 -33.07 16.47 -12.96
N LEU E 26 -32.10 15.68 -13.40
CA LEU E 26 -32.36 14.49 -14.25
C LEU E 26 -32.20 13.28 -13.37
N PRO E 27 -33.05 12.24 -13.55
CA PRO E 27 -34.18 12.26 -14.46
C PRO E 27 -35.47 12.85 -13.86
N ASP E 28 -35.42 13.35 -12.63
CA ASP E 28 -36.62 13.49 -11.76
C ASP E 28 -37.59 14.50 -12.40
N HIS E 29 -37.08 15.55 -13.04
CA HIS E 29 -37.89 16.59 -13.72
C HIS E 29 -38.90 15.98 -14.69
N TYR E 30 -38.54 14.90 -15.39
CA TYR E 30 -39.42 14.22 -16.38
C TYR E 30 -40.23 13.11 -15.70
N VAL E 31 -39.61 12.35 -14.79
CA VAL E 31 -40.30 11.30 -14.00
C VAL E 31 -41.54 11.91 -13.30
N SER E 32 -41.39 13.04 -12.59
CA SER E 32 -42.48 13.87 -11.99
C SER E 32 -43.67 14.02 -12.92
N GLN E 33 -43.43 14.23 -14.22
CA GLN E 33 -44.52 14.57 -15.16
C GLN E 33 -45.07 13.29 -15.82
N GLY E 34 -44.57 12.11 -15.45
CA GLY E 34 -44.89 10.87 -16.19
C GLY E 34 -44.38 10.91 -17.62
N LYS E 35 -43.32 11.67 -17.90
CA LYS E 35 -42.80 11.83 -19.29
C LYS E 35 -41.55 10.96 -19.50
N TRP E 36 -41.49 10.30 -20.65
CA TRP E 36 -40.20 9.85 -21.24
C TRP E 36 -39.38 11.09 -21.63
N PHE E 37 -38.06 10.99 -21.71
CA PHE E 37 -37.26 12.01 -22.43
C PHE E 37 -36.18 11.35 -23.27
N VAL E 38 -35.76 12.10 -24.28
CA VAL E 38 -34.62 11.77 -25.17
C VAL E 38 -33.59 12.87 -24.94
N LEU E 39 -32.49 12.52 -24.28
CA LEU E 39 -31.32 13.40 -24.14
C LEU E 39 -30.40 13.05 -25.31
N PHE E 40 -30.06 14.03 -26.13
CA PHE E 40 -29.12 13.87 -27.27
C PHE E 40 -28.06 14.97 -27.16
N SER E 41 -26.86 14.70 -27.68
CA SER E 41 -25.71 15.62 -27.60
C SER E 41 -25.26 15.97 -29.02
N HIS E 42 -24.48 17.04 -29.12
CA HIS E 42 -23.86 17.49 -30.37
C HIS E 42 -22.55 18.16 -29.98
N PRO E 43 -21.54 18.12 -30.87
CA PRO E 43 -20.20 18.57 -30.52
C PRO E 43 -20.18 20.05 -30.10
N ALA E 44 -20.88 20.92 -30.84
CA ALA E 44 -20.89 22.36 -30.51
C ALA E 44 -21.97 23.08 -31.29
N ASP E 45 -22.39 24.21 -30.72
CA ASP E 45 -23.25 25.24 -31.33
C ASP E 45 -22.56 25.80 -32.59
N PHE E 46 -23.34 26.25 -33.57
CA PHE E 46 -22.80 26.96 -34.75
C PHE E 46 -21.88 26.00 -35.51
N THR E 47 -22.36 24.76 -35.62
CA THR E 47 -21.85 23.68 -36.50
C THR E 47 -23.04 23.21 -37.33
N PRO E 48 -22.81 22.91 -38.62
CA PRO E 48 -23.89 22.64 -39.56
C PRO E 48 -24.60 21.27 -39.42
N VAL E 49 -23.91 20.15 -39.21
CA VAL E 49 -24.67 18.88 -38.98
C VAL E 49 -25.60 19.05 -37.76
N SER E 50 -25.06 19.53 -36.64
CA SER E 50 -25.83 19.79 -35.38
C SER E 50 -27.05 20.67 -35.68
N THR E 51 -26.90 21.74 -36.45
CA THR E 51 -28.03 22.63 -36.86
C THR E 51 -29.13 21.83 -37.58
N THR E 52 -28.79 21.02 -38.60
CA THR E 52 -29.75 20.16 -39.34
C THR E 52 -30.46 19.25 -38.33
N GLU E 53 -29.74 18.77 -37.32
CA GLU E 53 -30.37 17.80 -36.37
C GLU E 53 -31.35 18.54 -35.48
N PHE E 54 -31.01 19.74 -35.01
CA PHE E 54 -31.91 20.56 -34.16
C PHE E 54 -33.17 20.89 -34.96
N VAL E 55 -33.04 21.19 -36.25
CA VAL E 55 -34.21 21.53 -37.11
C VAL E 55 -35.07 20.26 -37.31
N SER E 56 -34.45 19.10 -37.46
CA SER E 56 -35.19 17.82 -37.64
C SER E 56 -35.96 17.47 -36.35
N PHE E 57 -35.31 17.59 -35.20
CA PHE E 57 -35.96 17.42 -33.87
C PHE E 57 -37.12 18.43 -33.73
N ALA E 58 -36.89 19.71 -34.00
CA ALA E 58 -37.92 20.78 -33.92
C ALA E 58 -39.14 20.46 -34.79
N ARG E 59 -38.95 20.01 -36.02
CA ARG E 59 -40.09 19.68 -36.94
C ARG E 59 -40.89 18.52 -36.36
N ARG E 60 -40.28 17.66 -35.56
CA ARG E 60 -40.91 16.40 -35.11
C ARG E 60 -41.36 16.53 -33.66
N TYR E 61 -41.17 17.72 -33.07
CA TYR E 61 -41.56 18.05 -31.67
C TYR E 61 -42.95 17.52 -31.36
N GLU E 62 -43.91 17.86 -32.22
CA GLU E 62 -45.34 17.47 -32.08
C GLU E 62 -45.44 15.94 -31.99
N ASP E 63 -44.73 15.20 -32.83
CA ASP E 63 -44.74 13.70 -32.80
C ASP E 63 -44.18 13.23 -31.45
N PHE E 64 -43.12 13.85 -30.94
CA PHE E 64 -42.57 13.50 -29.60
C PHE E 64 -43.61 13.81 -28.51
N GLN E 65 -44.28 14.97 -28.57
CA GLN E 65 -45.22 15.40 -27.50
C GLN E 65 -46.42 14.45 -27.46
N ARG E 66 -46.95 14.03 -28.62
CA ARG E 66 -48.02 12.99 -28.77
C ARG E 66 -47.70 11.70 -28.01
N LEU E 67 -46.43 11.28 -27.96
CA LEU E 67 -45.96 10.05 -27.27
C LEU E 67 -45.66 10.33 -25.81
N GLY E 68 -45.89 11.55 -25.34
CA GLY E 68 -45.46 11.96 -24.00
C GLY E 68 -43.95 11.80 -23.83
N VAL E 69 -43.19 12.27 -24.84
CA VAL E 69 -41.69 12.35 -24.84
C VAL E 69 -41.27 13.82 -24.89
N ASP E 70 -40.43 14.24 -23.96
CA ASP E 70 -39.68 15.51 -23.98
C ASP E 70 -38.28 15.29 -24.59
N LEU E 71 -37.72 16.33 -25.21
CA LEU E 71 -36.38 16.40 -25.85
C LEU E 71 -35.45 17.24 -25.00
N ILE E 72 -34.20 16.84 -24.83
CA ILE E 72 -33.22 17.75 -24.17
C ILE E 72 -31.85 17.56 -24.82
N GLY E 73 -31.25 18.66 -25.28
CA GLY E 73 -29.91 18.68 -25.91
C GLY E 73 -28.79 18.83 -24.91
N LEU E 74 -27.53 18.77 -25.36
CA LEU E 74 -26.29 18.78 -24.55
C LEU E 74 -25.15 19.14 -25.51
N SER E 75 -24.42 20.21 -25.22
CA SER E 75 -23.06 20.44 -25.75
C SER E 75 -22.18 20.99 -24.63
N VAL E 76 -20.87 21.03 -24.83
CA VAL E 76 -19.92 21.65 -23.89
C VAL E 76 -19.95 23.19 -24.00
N ASP E 77 -20.80 23.76 -24.86
CA ASP E 77 -20.93 25.23 -25.01
C ASP E 77 -21.76 25.78 -23.85
N SER E 78 -21.58 27.08 -23.59
CA SER E 78 -22.21 27.87 -22.50
C SER E 78 -23.64 28.24 -22.89
N VAL E 79 -24.44 28.68 -21.91
CA VAL E 79 -25.89 29.00 -22.07
C VAL E 79 -26.05 30.15 -23.07
N CYS E 80 -25.18 31.16 -23.00
CA CYS E 80 -25.22 32.32 -23.93
C CYS E 80 -25.12 31.83 -25.39
N SER E 81 -24.13 30.99 -25.72
CA SER E 81 -23.97 30.39 -27.07
C SER E 81 -25.27 29.67 -27.46
N HIS E 82 -25.85 28.86 -26.58
CA HIS E 82 -27.09 28.14 -26.92
C HIS E 82 -28.19 29.13 -27.33
N ILE E 83 -28.36 30.21 -26.57
CA ILE E 83 -29.42 31.22 -26.84
C ILE E 83 -29.10 31.89 -28.19
N LYS E 84 -27.87 32.33 -28.40
CA LYS E 84 -27.48 33.00 -29.67
C LYS E 84 -27.74 32.03 -30.83
N TRP E 85 -27.46 30.73 -30.65
CA TRP E 85 -27.58 29.68 -31.70
C TRP E 85 -29.04 29.51 -32.07
N LYS E 86 -29.88 29.31 -31.05
CA LYS E 86 -31.34 29.17 -31.25
C LYS E 86 -31.87 30.41 -31.97
N GLU E 87 -31.41 31.61 -31.60
CA GLU E 87 -31.90 32.88 -32.19
C GLU E 87 -31.44 32.90 -33.67
N TRP E 88 -30.21 32.46 -33.95
CA TRP E 88 -29.75 32.33 -35.35
C TRP E 88 -30.64 31.37 -36.16
N ILE E 89 -30.98 30.19 -35.61
CA ILE E 89 -31.79 29.17 -36.34
C ILE E 89 -33.17 29.75 -36.68
N GLU E 90 -33.80 30.46 -35.74
CA GLU E 90 -35.16 31.02 -35.97
C GLU E 90 -35.08 32.10 -37.06
N ARG E 91 -34.08 32.97 -37.01
CA ARG E 91 -33.91 34.12 -37.93
C ARG E 91 -33.54 33.61 -39.33
N HIS E 92 -32.54 32.73 -39.45
CA HIS E 92 -31.96 32.35 -40.78
C HIS E 92 -32.69 31.16 -41.39
N ILE E 93 -33.32 30.28 -40.59
CA ILE E 93 -33.96 29.01 -41.07
C ILE E 93 -35.47 29.09 -40.85
N GLY E 94 -35.96 29.86 -39.88
CA GLY E 94 -37.41 30.06 -39.67
C GLY E 94 -37.98 28.98 -38.78
N VAL E 95 -37.15 28.36 -37.94
CA VAL E 95 -37.64 27.25 -37.10
C VAL E 95 -37.25 27.58 -35.66
N ARG E 96 -38.24 27.62 -34.78
CA ARG E 96 -38.11 27.82 -33.31
C ARG E 96 -37.64 26.49 -32.68
N ILE E 97 -36.54 26.49 -31.93
CA ILE E 97 -36.11 25.33 -31.11
C ILE E 97 -36.82 25.42 -29.75
N PRO E 98 -37.93 24.69 -29.51
CA PRO E 98 -38.69 24.86 -28.28
C PRO E 98 -38.13 24.13 -27.04
N PHE E 99 -37.16 23.23 -27.18
CA PHE E 99 -36.74 22.33 -26.08
C PHE E 99 -35.40 22.81 -25.53
N PRO E 100 -35.06 22.51 -24.26
CA PRO E 100 -33.82 23.01 -23.70
C PRO E 100 -32.57 22.25 -24.16
N ILE E 101 -31.43 22.91 -23.99
CA ILE E 101 -30.08 22.37 -24.27
C ILE E 101 -29.26 22.53 -22.98
N ILE E 102 -28.71 21.43 -22.49
CA ILE E 102 -27.75 21.46 -21.36
C ILE E 102 -26.49 22.17 -21.85
N ALA E 103 -25.94 23.04 -20.99
CA ALA E 103 -24.59 23.62 -21.11
C ALA E 103 -23.64 22.81 -20.22
N ASP E 104 -22.59 22.22 -20.79
CA ASP E 104 -21.69 21.27 -20.07
C ASP E 104 -20.22 21.71 -20.24
N PRO E 105 -19.88 22.97 -19.88
CA PRO E 105 -18.54 23.51 -20.09
C PRO E 105 -17.31 22.70 -19.63
N GLN E 106 -17.34 22.01 -18.51
CA GLN E 106 -16.14 21.20 -18.11
C GLN E 106 -16.32 19.74 -18.52
N GLY E 107 -17.36 19.47 -19.33
CA GLY E 107 -17.69 18.10 -19.77
C GLY E 107 -17.98 17.20 -18.59
N THR E 108 -18.59 17.72 -17.53
CA THR E 108 -18.97 16.93 -16.31
C THR E 108 -20.06 15.92 -16.64
N VAL E 109 -21.12 16.37 -17.30
CA VAL E 109 -22.24 15.52 -17.79
C VAL E 109 -21.69 14.57 -18.86
N ALA E 110 -20.91 15.10 -19.81
CA ALA E 110 -20.36 14.36 -20.97
C ALA E 110 -19.60 13.12 -20.48
N ARG E 111 -18.72 13.27 -19.49
CA ARG E 111 -17.87 12.18 -18.95
C ARG E 111 -18.78 11.16 -18.27
N ARG E 112 -19.73 11.61 -17.45
CA ARG E 112 -20.71 10.73 -16.78
C ARG E 112 -21.48 9.89 -17.80
N LEU E 113 -21.86 10.43 -18.96
CA LEU E 113 -22.70 9.70 -19.95
C LEU E 113 -21.84 9.00 -21.00
N GLY E 114 -20.51 9.08 -20.89
CA GLY E 114 -19.54 8.48 -21.83
C GLY E 114 -19.66 9.08 -23.23
N LEU E 115 -19.83 10.41 -23.33
CA LEU E 115 -20.06 11.12 -24.62
C LEU E 115 -18.77 11.69 -25.21
N LEU E 116 -17.61 11.52 -24.54
CA LEU E 116 -16.28 11.93 -25.06
C LEU E 116 -15.63 10.66 -25.57
N HIS E 117 -15.52 10.54 -26.90
CA HIS E 117 -14.95 9.38 -27.64
C HIS E 117 -13.65 9.87 -28.28
N ALA E 118 -12.95 9.02 -29.03
CA ALA E 118 -11.58 9.29 -29.50
C ALA E 118 -11.61 10.35 -30.59
N GLU E 119 -12.74 10.50 -31.27
CA GLU E 119 -12.86 11.45 -32.40
C GLU E 119 -12.50 12.86 -31.93
N SER E 120 -12.85 13.19 -30.68
CA SER E 120 -12.59 14.52 -30.09
C SER E 120 -12.49 14.43 -28.57
N ALA E 121 -11.35 14.87 -28.03
CA ALA E 121 -11.10 14.90 -26.58
C ALA E 121 -11.90 16.04 -25.94
N THR E 122 -12.38 17.03 -26.72
CA THR E 122 -13.03 18.28 -26.22
C THR E 122 -14.56 18.33 -26.46
N HIS E 123 -15.06 17.76 -27.56
CA HIS E 123 -16.49 17.86 -27.95
C HIS E 123 -17.11 16.46 -27.99
N THR E 124 -18.35 16.45 -27.56
CA THR E 124 -19.25 15.29 -27.40
C THR E 124 -19.58 14.73 -28.78
N VAL E 125 -19.63 13.41 -28.92
CA VAL E 125 -20.21 12.78 -30.13
C VAL E 125 -21.71 13.03 -30.14
N ARG E 126 -22.43 12.37 -31.05
CA ARG E 126 -23.89 12.47 -31.25
C ARG E 126 -24.59 11.35 -30.45
N GLY E 127 -24.58 11.44 -29.13
CA GLY E 127 -25.22 10.44 -28.24
C GLY E 127 -26.73 10.61 -28.18
N VAL E 128 -27.45 9.52 -27.97
CA VAL E 128 -28.92 9.53 -27.74
C VAL E 128 -29.23 8.60 -26.57
N PHE E 129 -29.82 9.13 -25.50
CA PHE E 129 -30.38 8.31 -24.40
C PHE E 129 -31.89 8.38 -24.47
N ILE E 130 -32.52 7.24 -24.70
CA ILE E 130 -34.00 7.10 -24.60
C ILE E 130 -34.29 6.59 -23.19
N VAL E 131 -35.02 7.42 -22.42
CA VAL E 131 -35.27 7.23 -20.96
C VAL E 131 -36.78 7.19 -20.73
N ASP E 132 -37.29 6.17 -20.06
CA ASP E 132 -38.76 6.00 -19.91
C ASP E 132 -39.22 6.81 -18.69
N ALA E 133 -40.52 6.77 -18.43
CA ALA E 133 -41.21 7.58 -17.39
C ALA E 133 -40.84 7.10 -16.00
N ARG E 134 -40.13 5.98 -15.87
CA ARG E 134 -39.59 5.50 -14.57
C ARG E 134 -38.15 5.97 -14.42
N GLY E 135 -37.59 6.60 -15.45
CA GLY E 135 -36.23 7.13 -15.43
C GLY E 135 -35.20 6.07 -15.77
N VAL E 136 -35.63 4.99 -16.43
CA VAL E 136 -34.77 3.84 -16.82
C VAL E 136 -34.27 4.08 -18.26
N ILE E 137 -32.97 3.96 -18.48
CA ILE E 137 -32.37 3.99 -19.84
C ILE E 137 -32.87 2.78 -20.62
N ARG E 138 -33.53 3.01 -21.77
CA ARG E 138 -34.16 1.92 -22.58
C ARG E 138 -33.35 1.61 -23.86
N THR E 139 -32.59 2.56 -24.38
CA THR E 139 -31.85 2.41 -25.66
C THR E 139 -30.79 3.52 -25.68
N MET E 140 -29.64 3.26 -26.29
CA MET E 140 -28.52 4.22 -26.39
C MET E 140 -27.97 4.14 -27.82
N LEU E 141 -27.74 5.28 -28.45
CA LEU E 141 -27.16 5.37 -29.81
C LEU E 141 -25.97 6.35 -29.75
N TYR E 142 -24.89 6.02 -30.45
CA TYR E 142 -23.68 6.85 -30.52
C TYR E 142 -23.32 7.03 -32.00
N TYR E 143 -23.75 8.15 -32.56
CA TYR E 143 -23.39 8.60 -33.92
C TYR E 143 -22.17 9.52 -33.84
N PRO E 144 -21.39 9.58 -34.93
CA PRO E 144 -20.13 10.31 -34.94
C PRO E 144 -20.33 11.76 -35.38
N MET E 145 -19.27 12.55 -35.34
CA MET E 145 -19.27 13.99 -35.71
C MET E 145 -19.75 14.15 -37.16
N GLU E 146 -19.37 13.24 -38.05
CA GLU E 146 -19.46 13.44 -39.52
C GLU E 146 -20.84 13.05 -40.06
N LEU E 147 -21.74 12.54 -39.22
CA LEU E 147 -22.97 11.86 -39.69
C LEU E 147 -24.15 12.28 -38.81
N GLY E 148 -25.16 12.89 -39.39
CA GLY E 148 -26.36 13.24 -38.64
C GLY E 148 -27.27 12.04 -38.40
N ARG E 149 -28.11 12.16 -37.38
CA ARG E 149 -29.03 11.10 -36.94
C ARG E 149 -30.21 11.03 -37.89
N LEU E 150 -30.90 9.90 -37.92
CA LEU E 150 -32.21 9.72 -38.59
C LEU E 150 -33.27 9.82 -37.50
N VAL E 151 -33.85 11.00 -37.31
CA VAL E 151 -34.72 11.29 -36.13
C VAL E 151 -35.98 10.42 -36.15
N ASP E 152 -36.49 10.02 -37.32
CA ASP E 152 -37.66 9.12 -37.42
C ASP E 152 -37.39 7.77 -36.74
N GLU E 153 -36.14 7.31 -36.68
CA GLU E 153 -35.81 6.05 -35.99
C GLU E 153 -35.96 6.27 -34.49
N ILE E 154 -35.61 7.44 -33.97
CA ILE E 154 -35.76 7.71 -32.51
C ILE E 154 -37.26 7.67 -32.16
N LEU E 155 -38.13 8.19 -33.02
CA LEU E 155 -39.61 8.12 -32.83
C LEU E 155 -40.07 6.66 -32.86
N ARG E 156 -39.60 5.88 -33.84
CA ARG E 156 -40.00 4.48 -34.02
C ARG E 156 -39.58 3.69 -32.78
N ILE E 157 -38.39 3.96 -32.23
CA ILE E 157 -37.90 3.26 -31.02
C ILE E 157 -38.86 3.55 -29.85
N VAL E 158 -39.17 4.81 -29.55
CA VAL E 158 -40.02 5.17 -28.37
C VAL E 158 -41.41 4.58 -28.58
N LYS E 159 -41.95 4.70 -29.79
CA LYS E 159 -43.28 4.16 -30.12
C LYS E 159 -43.29 2.65 -29.88
N ALA E 160 -42.30 1.92 -30.41
CA ALA E 160 -42.25 0.45 -30.38
C ALA E 160 -42.10 -0.03 -28.92
N LEU E 161 -41.22 0.61 -28.18
CA LEU E 161 -40.97 0.40 -26.74
C LEU E 161 -42.27 0.60 -25.95
N LYS E 162 -42.95 1.74 -26.10
CA LYS E 162 -44.23 2.01 -25.40
C LYS E 162 -45.23 0.92 -25.75
N LEU E 163 -45.30 0.54 -27.01
CA LEU E 163 -46.23 -0.51 -27.47
C LEU E 163 -45.82 -1.85 -26.84
N GLY E 164 -44.53 -2.14 -26.78
CA GLY E 164 -44.02 -3.39 -26.17
C GLY E 164 -44.38 -3.44 -24.70
N ASP E 165 -44.17 -2.34 -23.97
CA ASP E 165 -44.49 -2.18 -22.51
C ASP E 165 -46.00 -2.39 -22.25
N SER E 166 -46.87 -1.70 -23.00
CA SER E 166 -48.35 -1.73 -22.77
C SER E 166 -48.92 -3.09 -23.17
N LEU E 167 -48.45 -3.73 -24.23
CA LEU E 167 -49.04 -5.02 -24.70
C LEU E 167 -48.24 -6.23 -24.17
N LYS E 168 -47.12 -6.03 -23.47
CA LYS E 168 -46.29 -7.16 -22.93
C LYS E 168 -45.79 -8.00 -24.09
N ARG E 169 -45.16 -7.34 -25.07
CA ARG E 169 -44.68 -8.02 -26.29
C ARG E 169 -43.28 -7.57 -26.61
N ALA E 170 -42.56 -8.40 -27.37
CA ALA E 170 -41.28 -7.99 -27.97
C ALA E 170 -41.53 -7.57 -29.42
N VAL E 171 -40.69 -6.68 -29.94
CA VAL E 171 -40.93 -6.06 -31.27
C VAL E 171 -39.92 -6.63 -32.26
N PRO E 172 -40.38 -7.23 -33.38
CA PRO E 172 -39.49 -7.85 -34.35
C PRO E 172 -38.67 -6.78 -35.08
N ALA E 173 -37.58 -7.24 -35.71
CA ALA E 173 -36.79 -6.44 -36.68
C ALA E 173 -37.73 -5.66 -37.59
N ASP E 174 -37.47 -4.37 -37.74
CA ASP E 174 -38.00 -3.55 -38.86
C ASP E 174 -39.51 -3.32 -38.70
N TRP E 175 -40.06 -3.55 -37.50
CA TRP E 175 -41.49 -3.36 -37.17
C TRP E 175 -41.85 -1.91 -37.47
N PRO E 176 -43.03 -1.59 -38.05
CA PRO E 176 -44.08 -2.58 -38.32
C PRO E 176 -44.03 -3.28 -39.68
N ASN E 177 -42.87 -3.31 -40.33
CA ASN E 177 -42.70 -3.90 -41.68
C ASN E 177 -41.79 -5.12 -41.59
N ASN E 178 -41.94 -5.94 -40.54
CA ASN E 178 -41.09 -7.14 -40.39
C ASN E 178 -41.40 -8.11 -41.52
N GLU E 179 -40.37 -8.66 -42.14
CA GLU E 179 -40.53 -9.54 -43.34
C GLU E 179 -41.11 -10.91 -42.97
N ILE E 180 -41.06 -11.32 -41.71
CA ILE E 180 -41.63 -12.62 -41.30
C ILE E 180 -43.07 -12.42 -40.88
N ILE E 181 -43.35 -11.49 -39.96
CA ILE E 181 -44.69 -11.38 -39.30
C ILE E 181 -45.31 -10.00 -39.50
N GLY E 182 -44.73 -9.18 -40.38
CA GLY E 182 -45.23 -7.83 -40.69
C GLY E 182 -45.33 -6.95 -39.45
N GLU E 183 -46.57 -6.67 -39.02
CA GLU E 183 -46.89 -5.79 -37.85
C GLU E 183 -47.11 -6.68 -36.62
N GLY E 184 -46.91 -7.98 -36.74
CA GLY E 184 -47.02 -8.88 -35.58
C GLY E 184 -46.06 -8.48 -34.47
N LEU E 185 -46.44 -8.79 -33.23
CA LEU E 185 -45.60 -8.56 -32.03
C LEU E 185 -45.37 -9.92 -31.38
N ILE E 186 -44.19 -10.10 -30.81
CA ILE E 186 -43.69 -11.43 -30.34
C ILE E 186 -44.06 -11.61 -28.88
N VAL E 187 -44.63 -12.77 -28.54
CA VAL E 187 -44.87 -13.17 -27.13
C VAL E 187 -43.54 -13.61 -26.54
N PRO E 188 -43.13 -13.08 -25.37
CA PRO E 188 -41.86 -13.51 -24.77
C PRO E 188 -41.79 -15.03 -24.75
N PRO E 189 -40.66 -15.67 -25.13
CA PRO E 189 -40.62 -17.14 -25.18
C PRO E 189 -40.80 -17.80 -23.82
N PRO E 190 -41.28 -19.07 -23.77
CA PRO E 190 -41.31 -19.83 -22.53
C PRO E 190 -39.89 -19.98 -21.96
N THR E 191 -39.77 -20.06 -20.64
CA THR E 191 -38.50 -20.19 -19.88
C THR E 191 -38.37 -21.60 -19.26
N THR E 192 -39.34 -22.48 -19.49
CA THR E 192 -39.28 -23.88 -18.98
C THR E 192 -39.93 -24.81 -19.98
N GLU E 193 -39.57 -26.09 -19.90
CA GLU E 193 -40.13 -27.16 -20.74
C GLU E 193 -41.66 -27.26 -20.56
N ASP E 194 -42.13 -27.16 -19.31
CA ASP E 194 -43.57 -27.23 -18.98
C ASP E 194 -44.31 -26.08 -19.68
N GLN E 195 -43.77 -24.87 -19.65
CA GLN E 195 -44.35 -23.70 -20.38
C GLN E 195 -44.29 -23.97 -21.87
N ALA E 196 -43.16 -24.46 -22.40
CA ALA E 196 -43.04 -24.74 -23.85
C ALA E 196 -44.20 -25.65 -24.28
N ARG E 197 -44.38 -26.78 -23.60
CA ARG E 197 -45.35 -27.81 -24.03
C ARG E 197 -46.76 -27.22 -23.83
N ALA E 198 -47.04 -26.46 -22.77
CA ALA E 198 -48.39 -25.90 -22.47
C ALA E 198 -48.78 -24.88 -23.56
N ARG E 199 -47.90 -23.92 -23.80
CA ARG E 199 -48.03 -22.89 -24.88
C ARG E 199 -48.38 -23.59 -26.20
N MET E 200 -47.60 -24.58 -26.60
CA MET E 200 -47.76 -25.21 -27.94
C MET E 200 -49.16 -25.86 -28.02
N GLU E 201 -49.55 -26.68 -27.04
CA GLU E 201 -50.85 -27.40 -27.13
C GLU E 201 -52.02 -26.46 -26.84
N SER E 202 -51.82 -25.19 -26.44
CA SER E 202 -52.90 -24.21 -26.12
C SER E 202 -53.53 -23.63 -27.39
N GLY E 203 -52.77 -23.56 -28.49
CA GLY E 203 -53.24 -23.07 -29.81
C GLY E 203 -53.60 -21.59 -29.78
N GLN E 204 -53.29 -20.90 -28.67
CA GLN E 204 -53.66 -19.49 -28.43
C GLN E 204 -52.98 -18.56 -29.42
N TYR E 205 -51.75 -18.87 -29.86
CA TYR E 205 -50.96 -18.02 -30.77
C TYR E 205 -50.59 -18.77 -32.01
N ARG E 206 -50.41 -18.03 -33.11
CA ARG E 206 -49.56 -18.42 -34.26
C ARG E 206 -48.13 -18.62 -33.76
N SER E 207 -47.45 -19.64 -34.29
CA SER E 207 -46.14 -20.16 -33.81
C SER E 207 -45.36 -20.59 -35.04
N LEU E 208 -44.04 -20.49 -34.98
CA LEU E 208 -43.11 -21.18 -35.90
C LEU E 208 -42.43 -22.30 -35.12
N ASP E 209 -42.45 -22.21 -33.79
CA ASP E 209 -41.92 -23.18 -32.81
C ASP E 209 -42.30 -22.68 -31.41
N TRP E 210 -42.07 -23.47 -30.37
CA TRP E 210 -42.49 -23.13 -28.98
C TRP E 210 -41.83 -21.82 -28.51
N TRP E 211 -40.70 -21.42 -29.08
CA TRP E 211 -39.96 -20.18 -28.67
C TRP E 211 -40.32 -18.99 -29.55
N PHE E 212 -41.08 -19.19 -30.64
CA PHE E 212 -41.44 -18.15 -31.63
C PHE E 212 -42.96 -18.12 -31.83
N SER E 213 -43.61 -17.43 -30.91
CA SER E 213 -45.07 -17.13 -30.93
C SER E 213 -45.30 -15.62 -31.07
N TRP E 214 -46.38 -15.24 -31.76
CA TRP E 214 -46.75 -13.83 -32.02
C TRP E 214 -48.26 -13.69 -32.22
N ASP E 215 -48.77 -12.47 -32.07
CA ASP E 215 -50.15 -12.12 -32.48
C ASP E 215 -50.08 -10.69 -33.04
N THR E 216 -51.24 -10.04 -33.19
CA THR E 216 -51.36 -8.70 -33.80
C THR E 216 -52.23 -7.84 -32.90
N PRO E 217 -51.79 -7.57 -31.66
CA PRO E 217 -52.61 -6.85 -30.70
C PRO E 217 -52.49 -5.32 -30.82
N ALA E 218 -51.61 -4.78 -31.66
CA ALA E 218 -51.46 -3.31 -31.84
C ALA E 218 -52.65 -2.81 -32.66
N SER E 219 -53.22 -1.65 -32.32
CA SER E 219 -54.32 -1.03 -33.11
C SER E 219 -53.80 -0.66 -34.50
N ARG E 220 -54.70 -0.54 -35.48
CA ARG E 220 -54.35 -0.05 -36.83
C ARG E 220 -53.68 1.32 -36.68
N ASP E 221 -54.12 2.17 -35.75
CA ASP E 221 -53.61 3.56 -35.55
C ASP E 221 -52.15 3.49 -35.06
N ASP E 222 -51.84 2.58 -34.11
CA ASP E 222 -50.46 2.39 -33.58
C ASP E 222 -49.53 2.01 -34.72
N VAL E 223 -49.96 1.07 -35.55
CA VAL E 223 -49.15 0.51 -36.65
C VAL E 223 -48.92 1.60 -37.69
N GLU E 224 -49.97 2.32 -38.09
CA GLU E 224 -49.88 3.26 -39.25
C GLU E 224 -49.09 4.49 -38.81
N GLU E 225 -49.21 4.91 -37.55
CA GLU E 225 -48.37 5.99 -36.97
C GLU E 225 -46.88 5.60 -37.01
N ALA E 226 -46.50 4.40 -36.54
CA ALA E 226 -45.09 3.93 -36.58
C ALA E 226 -44.63 3.90 -38.04
N ARG E 227 -45.48 3.43 -38.96
CA ARG E 227 -45.12 3.36 -40.40
C ARG E 227 -44.92 4.76 -40.99
N ARG E 228 -45.72 5.75 -40.60
CA ARG E 228 -45.65 7.15 -41.10
C ARG E 228 -44.26 7.71 -40.77
N TYR E 229 -43.69 7.42 -39.59
CA TYR E 229 -42.33 7.89 -39.25
C TYR E 229 -41.38 7.48 -40.38
N LEU E 230 -41.43 6.21 -40.74
CA LEU E 230 -40.50 5.62 -41.75
C LEU E 230 -40.84 6.19 -43.13
N ARG E 231 -42.13 6.41 -43.44
CA ARG E 231 -42.55 7.01 -44.73
C ARG E 231 -41.93 8.39 -44.81
N ARG E 232 -42.01 9.17 -43.73
CA ARG E 232 -41.43 10.55 -43.73
C ARG E 232 -39.92 10.44 -43.95
N ALA E 233 -39.25 9.49 -43.29
CA ALA E 233 -37.78 9.30 -43.39
C ALA E 233 -37.43 9.06 -44.86
N ALA E 234 -38.30 8.35 -45.58
CA ALA E 234 -38.07 7.87 -46.95
C ALA E 234 -38.49 8.91 -48.03
N GLU E 235 -39.28 9.93 -47.69
CA GLU E 235 -39.88 10.90 -48.65
C GLU E 235 -38.86 11.99 -48.99
N LYS E 236 -38.62 12.27 -50.28
CA LYS E 236 -37.93 13.50 -50.76
C LYS E 236 -38.71 14.71 -50.22
N PRO E 237 -38.14 15.65 -49.43
CA PRO E 237 -38.96 16.73 -48.85
C PRO E 237 -39.62 17.58 -49.95
N ALA E 238 -40.84 18.09 -49.69
CA ALA E 238 -41.73 18.77 -50.66
C ALA E 238 -41.07 20.06 -51.13
N LYS E 239 -40.56 20.88 -50.19
CA LYS E 239 -39.69 22.03 -50.51
C LYS E 239 -38.65 22.22 -49.41
N LEU E 240 -37.42 22.49 -49.82
CA LEU E 240 -36.24 22.64 -48.94
C LEU E 240 -36.29 24.00 -48.26
N LEU E 241 -35.87 24.04 -46.99
CA LEU E 241 -35.84 25.27 -46.18
C LEU E 241 -34.71 26.21 -46.61
N TYR E 242 -33.65 25.73 -47.30
CA TYR E 242 -32.53 26.62 -47.72
C TYR E 242 -33.02 27.67 -48.74
N GLU E 243 -34.02 27.32 -49.58
CA GLU E 243 -34.51 28.18 -50.70
C GLU E 243 -35.22 29.42 -50.13
N GLU E 244 -36.16 29.20 -49.21
CA GLU E 244 -36.87 30.28 -48.45
C GLU E 244 -36.03 30.70 -47.24
N ALA E 245 -34.75 30.99 -47.42
CA ALA E 245 -33.81 31.37 -46.32
C ALA E 245 -32.68 32.24 -46.87
N PRO F 2 -22.57 1.54 -14.08
CA PRO F 2 -22.17 1.70 -15.51
C PRO F 2 -21.30 0.53 -16.01
N GLY F 3 -20.49 0.76 -17.05
CA GLY F 3 -19.65 -0.26 -17.72
C GLY F 3 -18.84 0.31 -18.87
N SER F 4 -17.68 -0.28 -19.12
CA SER F 4 -16.60 0.25 -20.02
C SER F 4 -16.94 -0.07 -21.48
N ILE F 5 -16.51 0.74 -22.46
CA ILE F 5 -16.68 0.43 -23.91
C ILE F 5 -15.45 0.81 -24.73
N PRO F 6 -15.39 0.32 -25.99
CA PRO F 6 -14.50 0.88 -26.99
C PRO F 6 -15.26 2.11 -27.54
N LEU F 7 -14.56 3.08 -28.12
CA LEU F 7 -15.19 4.39 -28.42
C LEU F 7 -15.05 4.68 -29.91
N ILE F 8 -15.92 5.55 -30.42
CA ILE F 8 -15.83 6.02 -31.83
C ILE F 8 -14.46 6.64 -32.03
N GLY F 9 -13.78 6.31 -33.12
CA GLY F 9 -12.46 6.87 -33.48
C GLY F 9 -11.32 6.02 -32.96
N GLU F 10 -11.57 5.05 -32.09
CA GLU F 10 -10.55 4.07 -31.63
C GLU F 10 -10.52 2.91 -32.61
N ARG F 11 -9.37 2.25 -32.70
CA ARG F 11 -9.21 0.95 -33.39
C ARG F 11 -10.07 -0.09 -32.65
N PHE F 12 -10.82 -0.89 -33.38
CA PHE F 12 -11.59 -1.99 -32.78
C PHE F 12 -10.58 -2.86 -32.05
N PRO F 13 -10.83 -3.28 -30.79
CA PRO F 13 -9.85 -4.06 -30.04
C PRO F 13 -9.38 -5.31 -30.80
N GLU F 14 -8.08 -5.51 -30.82
CA GLU F 14 -7.39 -6.72 -31.31
C GLU F 14 -7.94 -7.94 -30.56
N MET F 15 -8.50 -8.93 -31.23
CA MET F 15 -8.98 -10.13 -30.52
C MET F 15 -9.14 -11.28 -31.51
N GLU F 16 -8.91 -12.51 -31.02
CA GLU F 16 -9.19 -13.77 -31.74
C GLU F 16 -10.55 -14.26 -31.24
N VAL F 17 -11.45 -14.53 -32.14
CA VAL F 17 -12.82 -14.97 -31.76
C VAL F 17 -13.07 -16.29 -32.46
N THR F 18 -13.79 -17.19 -31.78
CA THR F 18 -14.27 -18.44 -32.41
C THR F 18 -15.64 -18.18 -33.04
N THR F 19 -15.76 -18.38 -34.36
CA THR F 19 -17.06 -18.33 -35.08
C THR F 19 -17.41 -19.71 -35.62
N ASP F 20 -18.69 -19.86 -36.00
CA ASP F 20 -19.21 -21.07 -36.69
C ASP F 20 -18.58 -21.19 -38.09
N HIS F 21 -17.75 -20.24 -38.53
CA HIS F 21 -16.94 -20.33 -39.78
C HIS F 21 -15.47 -20.58 -39.44
N GLY F 22 -15.13 -20.69 -38.17
CA GLY F 22 -13.74 -20.86 -37.73
C GLY F 22 -13.23 -19.70 -36.89
N VAL F 23 -11.93 -19.71 -36.60
CA VAL F 23 -11.27 -18.72 -35.71
C VAL F 23 -10.91 -17.54 -36.60
N ILE F 24 -11.16 -16.32 -36.16
CA ILE F 24 -10.62 -15.17 -36.95
C ILE F 24 -10.12 -14.10 -35.98
N LYS F 25 -9.26 -13.23 -36.51
CA LYS F 25 -8.68 -12.09 -35.76
C LYS F 25 -9.41 -10.83 -36.24
N LEU F 26 -9.96 -10.10 -35.27
CA LEU F 26 -10.64 -8.81 -35.48
C LEU F 26 -9.70 -7.73 -35.00
N PRO F 27 -9.61 -6.57 -35.69
CA PRO F 27 -10.31 -6.34 -36.95
C PRO F 27 -9.57 -6.83 -38.21
N ASP F 28 -8.39 -7.42 -38.00
CA ASP F 28 -7.39 -7.75 -39.06
C ASP F 28 -8.05 -8.50 -40.23
N HIS F 29 -8.86 -9.51 -39.93
CA HIS F 29 -9.47 -10.39 -40.95
C HIS F 29 -10.16 -9.53 -42.01
N TYR F 30 -10.73 -8.39 -41.62
CA TYR F 30 -11.54 -7.54 -42.55
C TYR F 30 -10.64 -6.45 -43.10
N VAL F 31 -9.81 -5.84 -42.26
CA VAL F 31 -8.84 -4.79 -42.70
C VAL F 31 -8.00 -5.34 -43.86
N SER F 32 -7.47 -6.55 -43.69
CA SER F 32 -6.57 -7.20 -44.68
C SER F 32 -7.33 -7.40 -45.99
N GLN F 33 -8.66 -7.40 -45.99
CA GLN F 33 -9.46 -7.53 -47.23
C GLN F 33 -9.92 -6.16 -47.75
N GLY F 34 -9.59 -5.04 -47.10
CA GLY F 34 -10.17 -3.74 -47.46
C GLY F 34 -11.69 -3.64 -47.21
N LYS F 35 -12.22 -4.40 -46.25
CA LYS F 35 -13.67 -4.48 -45.97
C LYS F 35 -14.01 -3.78 -44.65
N TRP F 36 -15.12 -3.04 -44.68
CA TRP F 36 -15.86 -2.64 -43.45
C TRP F 36 -16.44 -3.90 -42.81
N PHE F 37 -16.74 -3.86 -41.52
CA PHE F 37 -17.61 -4.90 -40.93
C PHE F 37 -18.58 -4.26 -39.94
N VAL F 38 -19.74 -4.88 -39.86
CA VAL F 38 -20.77 -4.62 -38.83
C VAL F 38 -20.77 -5.85 -37.92
N LEU F 39 -20.26 -5.68 -36.71
CA LEU F 39 -20.41 -6.68 -35.63
C LEU F 39 -21.68 -6.32 -34.84
N PHE F 40 -22.57 -7.28 -34.69
CA PHE F 40 -23.83 -7.07 -33.94
C PHE F 40 -24.03 -8.29 -33.03
N SER F 41 -24.67 -8.04 -31.89
CA SER F 41 -24.91 -9.05 -30.83
C SER F 41 -26.41 -9.32 -30.71
N HIS F 42 -26.75 -10.49 -30.18
CA HIS F 42 -28.12 -10.90 -29.82
C HIS F 42 -28.02 -11.75 -28.55
N PRO F 43 -29.03 -11.72 -27.66
CA PRO F 43 -28.91 -12.38 -26.37
C PRO F 43 -28.61 -13.89 -26.44
N ALA F 44 -29.23 -14.63 -27.37
CA ALA F 44 -29.28 -16.11 -27.35
C ALA F 44 -29.87 -16.65 -28.64
N ASP F 45 -29.36 -17.81 -29.03
CA ASP F 45 -29.86 -18.56 -30.21
C ASP F 45 -31.26 -19.05 -29.89
N PHE F 46 -32.06 -19.32 -30.91
CA PHE F 46 -33.42 -19.84 -30.72
C PHE F 46 -34.22 -18.89 -29.81
N THR F 47 -34.05 -17.58 -30.07
CA THR F 47 -34.95 -16.50 -29.58
C THR F 47 -35.56 -15.78 -30.78
N PRO F 48 -36.82 -15.33 -30.64
CA PRO F 48 -37.64 -14.87 -31.77
C PRO F 48 -37.26 -13.49 -32.35
N VAL F 49 -37.05 -12.45 -31.53
CA VAL F 49 -36.56 -11.14 -32.08
C VAL F 49 -35.21 -11.39 -32.78
N SER F 50 -34.32 -12.14 -32.13
CA SER F 50 -32.97 -12.41 -32.70
C SER F 50 -33.13 -13.03 -34.09
N THR F 51 -34.03 -14.00 -34.22
CA THR F 51 -34.26 -14.71 -35.50
C THR F 51 -34.72 -13.70 -36.57
N THR F 52 -35.66 -12.83 -36.22
CA THR F 52 -36.20 -11.83 -37.19
C THR F 52 -35.04 -10.91 -37.64
N GLU F 53 -34.11 -10.61 -36.74
CA GLU F 53 -32.96 -9.72 -37.05
C GLU F 53 -31.97 -10.46 -37.96
N PHE F 54 -31.67 -11.74 -37.69
CA PHE F 54 -30.81 -12.54 -38.60
C PHE F 54 -31.42 -12.60 -40.00
N VAL F 55 -32.74 -12.78 -40.10
CA VAL F 55 -33.42 -12.87 -41.43
C VAL F 55 -33.33 -11.51 -42.12
N SER F 56 -33.53 -10.43 -41.37
CA SER F 56 -33.45 -9.06 -41.94
C SER F 56 -32.04 -8.79 -42.51
N PHE F 57 -30.99 -9.18 -41.79
CA PHE F 57 -29.59 -9.00 -42.27
C PHE F 57 -29.32 -9.85 -43.52
N ALA F 58 -29.75 -11.12 -43.49
CA ALA F 58 -29.60 -12.08 -44.62
C ALA F 58 -30.29 -11.55 -45.88
N ARG F 59 -31.50 -11.01 -45.76
CA ARG F 59 -32.21 -10.37 -46.90
C ARG F 59 -31.39 -9.18 -47.43
N ARG F 60 -30.68 -8.48 -46.55
CA ARG F 60 -29.91 -7.27 -46.94
C ARG F 60 -28.44 -7.61 -47.18
N TYR F 61 -28.09 -8.90 -47.20
CA TYR F 61 -26.69 -9.38 -47.31
C TYR F 61 -26.05 -8.85 -48.61
N GLU F 62 -26.71 -8.97 -49.76
CA GLU F 62 -26.16 -8.45 -51.05
C GLU F 62 -25.95 -6.93 -50.94
N ASP F 63 -26.88 -6.19 -50.32
CA ASP F 63 -26.73 -4.71 -50.18
C ASP F 63 -25.47 -4.39 -49.38
N PHE F 64 -25.25 -5.13 -48.29
CA PHE F 64 -24.00 -4.97 -47.51
C PHE F 64 -22.77 -5.33 -48.36
N GLN F 65 -22.79 -6.49 -49.00
CA GLN F 65 -21.64 -6.98 -49.81
C GLN F 65 -21.30 -5.94 -50.89
N ARG F 66 -22.32 -5.39 -51.57
CA ARG F 66 -22.15 -4.37 -52.65
C ARG F 66 -21.47 -3.10 -52.11
N LEU F 67 -21.61 -2.79 -50.82
CA LEU F 67 -20.93 -1.63 -50.17
C LEU F 67 -19.54 -2.02 -49.68
N GLY F 68 -19.14 -3.28 -49.78
CA GLY F 68 -17.83 -3.73 -49.27
C GLY F 68 -17.84 -3.85 -47.76
N VAL F 69 -18.96 -4.36 -47.23
CA VAL F 69 -19.23 -4.55 -45.78
C VAL F 69 -19.58 -6.01 -45.53
N ASP F 70 -18.88 -6.60 -44.58
CA ASP F 70 -19.16 -7.98 -44.10
C ASP F 70 -19.93 -7.85 -42.79
N LEU F 71 -20.74 -8.84 -42.52
CA LEU F 71 -21.52 -8.97 -41.26
C LEU F 71 -20.88 -10.04 -40.39
N ILE F 72 -20.90 -9.83 -39.09
CA ILE F 72 -20.55 -10.91 -38.14
C ILE F 72 -21.42 -10.75 -36.89
N GLY F 73 -22.07 -11.83 -36.46
CA GLY F 73 -22.92 -11.81 -35.26
C GLY F 73 -22.17 -12.21 -34.01
N LEU F 74 -22.86 -12.29 -32.87
CA LEU F 74 -22.27 -12.61 -31.55
C LEU F 74 -23.41 -12.95 -30.59
N SER F 75 -23.31 -14.09 -29.89
CA SER F 75 -24.07 -14.37 -28.65
C SER F 75 -23.21 -15.23 -27.73
N VAL F 76 -23.65 -15.42 -26.49
CA VAL F 76 -22.91 -16.25 -25.49
C VAL F 76 -23.09 -17.74 -25.81
N ASP F 77 -23.90 -18.08 -26.81
CA ASP F 77 -24.16 -19.49 -27.22
C ASP F 77 -22.91 -20.01 -27.97
N SER F 78 -22.77 -21.33 -27.98
CA SER F 78 -21.61 -22.07 -28.54
C SER F 78 -21.85 -22.40 -30.01
N VAL F 79 -20.78 -22.78 -30.71
CA VAL F 79 -20.73 -22.93 -32.19
C VAL F 79 -21.79 -23.95 -32.64
N CYS F 80 -21.91 -25.10 -31.98
CA CYS F 80 -22.86 -26.17 -32.39
C CYS F 80 -24.29 -25.59 -32.32
N SER F 81 -24.59 -24.86 -31.25
CA SER F 81 -25.90 -24.18 -31.10
C SER F 81 -26.07 -23.18 -32.25
N HIS F 82 -25.06 -22.37 -32.57
CA HIS F 82 -25.15 -21.42 -33.72
C HIS F 82 -25.57 -22.18 -34.98
N ILE F 83 -24.91 -23.29 -35.30
CA ILE F 83 -25.11 -24.02 -36.59
C ILE F 83 -26.51 -24.65 -36.61
N LYS F 84 -26.97 -25.23 -35.49
CA LYS F 84 -28.33 -25.81 -35.36
C LYS F 84 -29.39 -24.72 -35.53
N TRP F 85 -29.14 -23.51 -34.99
CA TRP F 85 -30.06 -22.36 -35.12
C TRP F 85 -30.16 -21.94 -36.58
N LYS F 86 -29.02 -21.81 -37.26
CA LYS F 86 -29.02 -21.47 -38.70
C LYS F 86 -29.74 -22.55 -39.49
N GLU F 87 -29.59 -23.84 -39.14
CA GLU F 87 -30.29 -24.95 -39.84
C GLU F 87 -31.80 -24.73 -39.68
N TRP F 88 -32.24 -24.43 -38.46
CA TRP F 88 -33.68 -24.19 -38.16
C TRP F 88 -34.22 -23.05 -39.03
N ILE F 89 -33.53 -21.91 -39.08
CA ILE F 89 -33.97 -20.75 -39.90
C ILE F 89 -34.05 -21.18 -41.36
N GLU F 90 -33.04 -21.89 -41.87
CA GLU F 90 -33.02 -22.30 -43.30
C GLU F 90 -34.23 -23.19 -43.56
N ARG F 91 -34.47 -24.17 -42.70
CA ARG F 91 -35.54 -25.17 -42.94
C ARG F 91 -36.93 -24.56 -42.68
N HIS F 92 -37.10 -23.70 -41.68
CA HIS F 92 -38.46 -23.24 -41.26
C HIS F 92 -38.84 -21.88 -41.90
N ILE F 93 -37.88 -21.02 -42.25
CA ILE F 93 -38.17 -19.68 -42.84
C ILE F 93 -37.73 -19.66 -44.29
N GLY F 94 -36.94 -20.64 -44.71
CA GLY F 94 -36.41 -20.72 -46.08
C GLY F 94 -35.31 -19.71 -46.31
N VAL F 95 -34.67 -19.22 -45.26
CA VAL F 95 -33.58 -18.22 -45.43
C VAL F 95 -32.27 -18.79 -44.87
N ARG F 96 -31.23 -18.77 -45.70
CA ARG F 96 -29.86 -19.17 -45.36
C ARG F 96 -29.14 -17.96 -44.72
N ILE F 97 -28.55 -18.14 -43.55
CA ILE F 97 -27.67 -17.12 -42.92
C ILE F 97 -26.25 -17.36 -43.43
N PRO F 98 -25.73 -16.54 -44.36
CA PRO F 98 -24.41 -16.79 -44.94
C PRO F 98 -23.21 -16.21 -44.17
N PHE F 99 -23.44 -15.46 -43.09
CA PHE F 99 -22.35 -14.70 -42.42
C PHE F 99 -22.02 -15.43 -41.12
N PRO F 100 -20.81 -15.24 -40.55
CA PRO F 100 -20.46 -15.92 -39.31
C PRO F 100 -21.09 -15.32 -38.05
N ILE F 101 -21.26 -16.17 -37.03
CA ILE F 101 -21.68 -15.81 -35.65
C ILE F 101 -20.54 -16.16 -34.70
N ILE F 102 -20.09 -15.21 -33.88
CA ILE F 102 -19.09 -15.47 -32.80
C ILE F 102 -19.79 -16.27 -31.71
N ALA F 103 -19.08 -17.25 -31.14
CA ALA F 103 -19.43 -17.95 -29.90
C ALA F 103 -18.65 -17.27 -28.77
N ASP F 104 -19.34 -16.73 -27.76
CA ASP F 104 -18.72 -16.02 -26.62
C ASP F 104 -19.16 -16.59 -25.26
N PRO F 105 -19.03 -17.91 -25.01
CA PRO F 105 -19.55 -18.49 -23.77
C PRO F 105 -19.01 -17.93 -22.43
N GLN F 106 -17.82 -17.40 -22.33
CA GLN F 106 -17.53 -16.85 -20.96
C GLN F 106 -17.80 -15.34 -20.94
N GLY F 107 -18.38 -14.79 -22.02
CA GLY F 107 -18.67 -13.35 -22.12
C GLY F 107 -17.43 -12.51 -22.33
N THR F 108 -16.35 -13.13 -22.80
CA THR F 108 -15.02 -12.46 -22.94
C THR F 108 -15.14 -11.29 -23.93
N VAL F 109 -15.68 -11.55 -25.12
CA VAL F 109 -15.89 -10.48 -26.14
C VAL F 109 -16.92 -9.50 -25.61
N ALA F 110 -17.99 -9.99 -24.98
CA ALA F 110 -19.11 -9.15 -24.54
C ALA F 110 -18.57 -8.10 -23.57
N ARG F 111 -17.85 -8.55 -22.53
CA ARG F 111 -17.22 -7.65 -21.53
C ARG F 111 -16.30 -6.66 -22.26
N ARG F 112 -15.48 -7.11 -23.21
CA ARG F 112 -14.59 -6.18 -23.95
C ARG F 112 -15.42 -5.09 -24.65
N LEU F 113 -16.57 -5.42 -25.26
CA LEU F 113 -17.33 -4.48 -26.12
C LEU F 113 -18.48 -3.80 -25.37
N GLY F 114 -18.57 -4.03 -24.06
CA GLY F 114 -19.64 -3.49 -23.19
C GLY F 114 -21.02 -3.94 -23.62
N LEU F 115 -21.18 -5.22 -24.02
CA LEU F 115 -22.48 -5.74 -24.54
C LEU F 115 -23.34 -6.31 -23.41
N LEU F 116 -22.86 -6.28 -22.16
CA LEU F 116 -23.64 -6.77 -21.01
C LEU F 116 -24.16 -5.56 -20.24
N HIS F 117 -25.46 -5.32 -20.31
CA HIS F 117 -26.10 -4.14 -19.69
C HIS F 117 -26.92 -4.65 -18.50
N ALA F 118 -27.62 -3.77 -17.79
CA ALA F 118 -28.33 -4.12 -16.54
C ALA F 118 -29.57 -4.97 -16.84
N GLU F 119 -30.04 -5.01 -18.08
CA GLU F 119 -31.25 -5.80 -18.47
C GLU F 119 -30.99 -7.29 -18.29
N SER F 120 -29.76 -7.76 -18.50
CA SER F 120 -29.35 -9.16 -18.27
C SER F 120 -27.86 -9.22 -17.87
N ALA F 121 -27.57 -9.90 -16.76
CA ALA F 121 -26.21 -10.22 -16.32
C ALA F 121 -25.54 -11.23 -17.29
N THR F 122 -26.31 -12.04 -18.01
CA THR F 122 -25.80 -13.27 -18.69
C THR F 122 -25.86 -13.22 -20.22
N HIS F 123 -26.73 -12.42 -20.84
CA HIS F 123 -26.89 -12.37 -22.31
C HIS F 123 -26.69 -10.93 -22.78
N THR F 124 -26.00 -10.75 -23.89
CA THR F 124 -25.76 -9.42 -24.47
C THR F 124 -27.09 -8.80 -24.92
N VAL F 125 -27.15 -7.47 -24.81
CA VAL F 125 -28.15 -6.63 -25.53
C VAL F 125 -27.81 -6.69 -27.03
N ARG F 126 -28.48 -5.85 -27.82
CA ARG F 126 -28.45 -5.83 -29.30
C ARG F 126 -27.50 -4.74 -29.70
N GLY F 127 -26.22 -4.96 -29.48
CA GLY F 127 -25.14 -4.02 -29.79
C GLY F 127 -24.88 -4.03 -31.28
N VAL F 128 -24.45 -2.89 -31.83
CA VAL F 128 -24.01 -2.76 -33.24
C VAL F 128 -22.75 -1.92 -33.25
N PHE F 129 -21.66 -2.49 -33.76
CA PHE F 129 -20.36 -1.81 -33.99
C PHE F 129 -20.13 -1.71 -35.47
N ILE F 130 -20.06 -0.49 -35.96
CA ILE F 130 -19.75 -0.27 -37.39
C ILE F 130 -18.28 0.11 -37.49
N VAL F 131 -17.49 -0.69 -38.22
CA VAL F 131 -16.00 -0.65 -38.25
C VAL F 131 -15.54 -0.47 -39.71
N ASP F 132 -14.73 0.53 -39.98
CA ASP F 132 -14.28 0.83 -41.36
C ASP F 132 -13.08 -0.07 -41.72
N ALA F 133 -12.58 0.11 -42.94
CA ALA F 133 -11.56 -0.73 -43.59
C ALA F 133 -10.19 -0.51 -42.95
N ARG F 134 -10.07 0.48 -42.06
CA ARG F 134 -8.84 0.78 -41.29
C ARG F 134 -8.95 0.17 -39.89
N GLY F 135 -10.06 -0.52 -39.59
CA GLY F 135 -10.30 -1.15 -38.27
C GLY F 135 -10.78 -0.15 -37.22
N VAL F 136 -11.30 1.00 -37.65
CA VAL F 136 -11.68 2.11 -36.76
C VAL F 136 -13.21 2.05 -36.56
N ILE F 137 -13.62 2.09 -35.29
CA ILE F 137 -15.04 2.17 -34.84
C ILE F 137 -15.61 3.52 -35.29
N ARG F 138 -16.67 3.48 -36.09
CA ARG F 138 -17.26 4.70 -36.72
C ARG F 138 -18.60 5.05 -36.06
N THR F 139 -19.28 4.06 -35.48
CA THR F 139 -20.66 4.22 -34.96
C THR F 139 -20.95 3.01 -34.06
N MET F 140 -21.70 3.23 -32.99
CA MET F 140 -22.13 2.21 -32.01
C MET F 140 -23.61 2.42 -31.68
N LEU F 141 -24.40 1.37 -31.75
CA LEU F 141 -25.84 1.38 -31.35
C LEU F 141 -26.03 0.30 -30.30
N TYR F 142 -26.81 0.59 -29.28
CA TYR F 142 -27.24 -0.38 -28.24
C TYR F 142 -28.76 -0.37 -28.18
N TYR F 143 -29.36 -1.36 -28.83
CA TYR F 143 -30.79 -1.70 -28.74
C TYR F 143 -30.99 -2.73 -27.63
N PRO F 144 -32.20 -2.77 -27.02
CA PRO F 144 -32.48 -3.66 -25.90
C PRO F 144 -33.04 -5.01 -26.35
N MET F 145 -33.25 -5.91 -25.39
CA MET F 145 -33.81 -7.28 -25.62
C MET F 145 -35.14 -7.17 -26.35
N GLU F 146 -35.99 -6.24 -25.91
CA GLU F 146 -37.44 -6.20 -26.28
C GLU F 146 -37.66 -5.56 -27.65
N LEU F 147 -36.61 -5.03 -28.31
CA LEU F 147 -36.78 -4.19 -29.53
C LEU F 147 -35.79 -4.64 -30.61
N GLY F 148 -36.32 -5.15 -31.72
CA GLY F 148 -35.56 -5.43 -32.94
C GLY F 148 -35.03 -4.16 -33.59
N ARG F 149 -33.83 -4.26 -34.16
CA ARG F 149 -33.15 -3.18 -34.88
C ARG F 149 -33.86 -2.91 -36.21
N LEU F 150 -33.60 -1.73 -36.76
CA LEU F 150 -33.98 -1.31 -38.12
C LEU F 150 -32.73 -1.45 -39.01
N VAL F 151 -32.61 -2.56 -39.71
CA VAL F 151 -31.35 -2.90 -40.43
C VAL F 151 -31.12 -1.88 -41.56
N ASP F 152 -32.16 -1.38 -42.24
CA ASP F 152 -32.00 -0.29 -43.25
C ASP F 152 -31.27 0.93 -42.69
N GLU F 153 -31.40 1.30 -41.40
CA GLU F 153 -30.63 2.44 -40.84
C GLU F 153 -29.15 2.08 -40.76
N ILE F 154 -28.83 0.80 -40.56
CA ILE F 154 -27.42 0.34 -40.54
C ILE F 154 -26.85 0.48 -41.96
N LEU F 155 -27.59 0.10 -42.98
CA LEU F 155 -27.17 0.32 -44.40
C LEU F 155 -26.93 1.81 -44.68
N ARG F 156 -27.86 2.66 -44.23
CA ARG F 156 -27.83 4.12 -44.43
C ARG F 156 -26.54 4.66 -43.78
N ILE F 157 -26.28 4.27 -42.53
CA ILE F 157 -25.08 4.74 -41.77
C ILE F 157 -23.83 4.43 -42.61
N VAL F 158 -23.68 3.20 -43.09
CA VAL F 158 -22.47 2.73 -43.82
C VAL F 158 -22.36 3.46 -45.14
N LYS F 159 -23.44 3.57 -45.91
CA LYS F 159 -23.41 4.27 -47.21
C LYS F 159 -23.03 5.74 -46.99
N ALA F 160 -23.61 6.40 -45.99
CA ALA F 160 -23.40 7.83 -45.77
C ALA F 160 -21.95 8.07 -45.31
N LEU F 161 -21.45 7.24 -44.40
CA LEU F 161 -20.06 7.33 -43.89
C LEU F 161 -19.06 7.14 -45.05
N LYS F 162 -19.28 6.16 -45.91
CA LYS F 162 -18.41 5.90 -47.09
C LYS F 162 -18.48 7.10 -48.05
N LEU F 163 -19.65 7.67 -48.27
CA LEU F 163 -19.77 8.90 -49.09
C LEU F 163 -19.05 10.07 -48.45
N GLY F 164 -19.23 10.29 -47.15
CA GLY F 164 -18.53 11.35 -46.41
C GLY F 164 -17.02 11.22 -46.51
N ASP F 165 -16.49 10.01 -46.36
CA ASP F 165 -15.04 9.71 -46.41
C ASP F 165 -14.50 10.00 -47.83
N SER F 166 -15.16 9.49 -48.88
CA SER F 166 -14.68 9.62 -50.30
C SER F 166 -14.89 11.05 -50.80
N LEU F 167 -15.94 11.77 -50.39
CA LEU F 167 -16.21 13.13 -50.92
C LEU F 167 -15.73 14.21 -49.96
N LYS F 168 -15.19 13.85 -48.79
CA LYS F 168 -14.66 14.81 -47.76
C LYS F 168 -15.80 15.71 -47.30
N ARG F 169 -16.91 15.10 -46.89
CA ARG F 169 -18.11 15.85 -46.47
C ARG F 169 -18.65 15.26 -45.18
N ALA F 170 -19.32 16.10 -44.41
CA ALA F 170 -20.22 15.71 -43.31
C ALA F 170 -21.63 15.54 -43.88
N VAL F 171 -22.45 14.68 -43.24
CA VAL F 171 -23.77 14.24 -43.75
C VAL F 171 -24.85 14.84 -42.86
N PRO F 172 -25.81 15.59 -43.44
CA PRO F 172 -26.85 16.24 -42.67
C PRO F 172 -27.79 15.19 -42.05
N ALA F 173 -28.55 15.59 -41.04
CA ALA F 173 -29.66 14.82 -40.44
C ALA F 173 -30.56 14.28 -41.55
N ASP F 174 -30.98 13.02 -41.43
CA ASP F 174 -32.03 12.42 -42.30
C ASP F 174 -31.55 12.34 -43.77
N TRP F 175 -30.25 12.44 -44.04
CA TRP F 175 -29.74 12.30 -45.43
C TRP F 175 -30.16 10.94 -45.97
N PRO F 176 -30.58 10.82 -47.25
CA PRO F 176 -30.57 11.92 -48.23
C PRO F 176 -31.83 12.77 -48.36
N ASN F 177 -32.65 12.83 -47.31
CA ASN F 177 -33.92 13.56 -47.33
C ASN F 177 -33.88 14.63 -46.26
N ASN F 178 -32.77 15.38 -46.19
CA ASN F 178 -32.60 16.43 -45.17
C ASN F 178 -33.55 17.59 -45.50
N GLU F 179 -34.24 18.13 -44.49
CA GLU F 179 -35.33 19.11 -44.71
C GLU F 179 -34.74 20.48 -45.14
N ILE F 180 -33.45 20.78 -44.84
CA ILE F 180 -32.82 22.08 -45.20
C ILE F 180 -32.16 21.97 -46.59
N ILE F 181 -31.31 20.95 -46.79
CA ILE F 181 -30.45 20.84 -48.01
C ILE F 181 -30.72 19.53 -48.76
N GLY F 182 -31.78 18.79 -48.47
CA GLY F 182 -32.15 17.63 -49.30
C GLY F 182 -31.05 16.59 -49.28
N GLU F 183 -30.47 16.30 -50.45
CA GLU F 183 -29.39 15.28 -50.65
C GLU F 183 -28.01 15.94 -50.57
N GLY F 184 -27.97 17.24 -50.30
CA GLY F 184 -26.75 18.01 -50.10
C GLY F 184 -25.89 17.46 -48.99
N LEU F 185 -24.59 17.66 -49.14
CA LEU F 185 -23.54 17.24 -48.18
C LEU F 185 -22.77 18.47 -47.75
N ILE F 186 -22.27 18.43 -46.52
CA ILE F 186 -21.82 19.64 -45.79
C ILE F 186 -20.29 19.74 -45.89
N VAL F 187 -19.81 20.92 -46.23
CA VAL F 187 -18.34 21.22 -46.27
C VAL F 187 -17.90 21.41 -44.82
N PRO F 188 -16.92 20.61 -44.33
CA PRO F 188 -16.45 20.75 -42.95
C PRO F 188 -16.15 22.23 -42.76
N PRO F 189 -16.63 22.86 -41.68
CA PRO F 189 -16.50 24.31 -41.55
C PRO F 189 -15.08 24.80 -41.28
N PRO F 190 -14.78 26.09 -41.56
CA PRO F 190 -13.46 26.66 -41.30
C PRO F 190 -13.14 26.53 -39.81
N THR F 191 -11.85 26.44 -39.46
CA THR F 191 -11.31 26.31 -38.10
C THR F 191 -10.53 27.57 -37.70
N THR F 192 -10.43 28.56 -38.60
CA THR F 192 -9.70 29.84 -38.32
C THR F 192 -10.53 31.00 -38.83
N GLU F 193 -10.25 32.19 -38.34
CA GLU F 193 -10.88 33.44 -38.84
C GLU F 193 -10.52 33.67 -40.32
N ASP F 194 -9.26 33.45 -40.69
CA ASP F 194 -8.79 33.60 -42.08
C ASP F 194 -9.55 32.65 -43.01
N GLN F 195 -9.67 31.37 -42.65
CA GLN F 195 -10.40 30.38 -43.49
C GLN F 195 -11.87 30.79 -43.61
N ALA F 196 -12.47 31.31 -42.54
CA ALA F 196 -13.87 31.77 -42.54
C ALA F 196 -14.03 32.88 -43.56
N ARG F 197 -13.10 33.84 -43.57
CA ARG F 197 -13.16 35.04 -44.43
C ARG F 197 -12.98 34.55 -45.87
N ALA F 198 -11.99 33.69 -46.14
CA ALA F 198 -11.70 33.13 -47.47
C ALA F 198 -12.95 32.43 -48.03
N ARG F 199 -13.60 31.58 -47.24
CA ARG F 199 -14.80 30.80 -47.68
C ARG F 199 -15.98 31.75 -47.95
N MET F 200 -16.24 32.68 -47.04
CA MET F 200 -17.36 33.64 -47.13
C MET F 200 -17.12 34.64 -48.29
N GLU F 201 -15.94 34.60 -48.94
CA GLU F 201 -15.57 35.47 -50.10
C GLU F 201 -15.59 34.65 -51.39
N SER F 202 -15.04 33.43 -51.39
CA SER F 202 -14.71 32.59 -52.59
C SER F 202 -15.97 32.24 -53.39
N GLY F 203 -17.14 32.20 -52.73
CA GLY F 203 -18.45 32.00 -53.38
C GLY F 203 -18.60 30.64 -54.07
N GLN F 204 -17.69 29.69 -53.85
CA GLN F 204 -17.74 28.37 -54.55
C GLN F 204 -18.85 27.45 -53.99
N TYR F 205 -19.50 27.78 -52.86
CA TYR F 205 -20.50 26.88 -52.23
C TYR F 205 -21.74 27.65 -51.86
N ARG F 206 -22.91 27.02 -51.95
CA ARG F 206 -24.13 27.50 -51.22
C ARG F 206 -23.81 27.52 -49.71
N SER F 207 -24.26 28.56 -49.02
CA SER F 207 -23.97 28.86 -47.60
C SER F 207 -25.21 29.44 -46.92
N LEU F 208 -25.37 29.17 -45.64
CA LEU F 208 -26.30 29.93 -44.76
C LEU F 208 -25.45 30.84 -43.85
N ASP F 209 -24.15 30.57 -43.75
CA ASP F 209 -23.17 31.38 -42.99
C ASP F 209 -21.79 30.78 -43.26
N TRP F 210 -20.71 31.42 -42.78
CA TRP F 210 -19.32 30.97 -43.02
C TRP F 210 -19.11 29.54 -42.46
N TRP F 211 -19.93 29.13 -41.51
CA TRP F 211 -19.79 27.81 -40.80
C TRP F 211 -20.76 26.77 -41.39
N PHE F 212 -21.69 27.16 -42.27
CA PHE F 212 -22.73 26.27 -42.87
C PHE F 212 -22.68 26.40 -44.40
N SER F 213 -21.77 25.68 -45.05
CA SER F 213 -21.70 25.52 -46.52
C SER F 213 -22.02 24.06 -46.89
N TRP F 214 -22.57 23.87 -48.07
CA TRP F 214 -22.84 22.51 -48.62
C TRP F 214 -22.81 22.53 -50.15
N ASP F 215 -22.66 21.36 -50.76
CA ASP F 215 -22.84 21.20 -52.21
C ASP F 215 -23.61 19.91 -52.41
N THR F 216 -23.76 19.44 -53.65
CA THR F 216 -24.42 18.16 -53.97
C THR F 216 -23.47 17.32 -54.80
N PRO F 217 -22.38 16.77 -54.22
CA PRO F 217 -21.39 16.02 -55.00
C PRO F 217 -21.72 14.53 -55.11
N ALA F 218 -22.75 14.04 -54.43
CA ALA F 218 -23.11 12.60 -54.47
C ALA F 218 -23.74 12.32 -55.83
N SER F 219 -23.35 11.24 -56.50
CA SER F 219 -23.96 10.80 -57.78
C SER F 219 -25.43 10.48 -57.53
N ARG F 220 -26.25 10.58 -58.56
CA ARG F 220 -27.67 10.14 -58.54
C ARG F 220 -27.73 8.70 -58.03
N ASP F 221 -26.82 7.81 -58.44
CA ASP F 221 -26.92 6.40 -58.03
C ASP F 221 -26.62 6.23 -56.54
N ASP F 222 -25.68 7.00 -56.01
CA ASP F 222 -25.38 7.04 -54.55
C ASP F 222 -26.66 7.42 -53.82
N VAL F 223 -27.32 8.50 -54.24
CA VAL F 223 -28.50 9.06 -53.54
C VAL F 223 -29.65 8.03 -53.57
N GLU F 224 -29.88 7.40 -54.72
CA GLU F 224 -31.00 6.45 -54.98
C GLU F 224 -30.73 5.18 -54.17
N GLU F 225 -29.46 4.75 -54.07
CA GLU F 225 -29.08 3.57 -53.22
C GLU F 225 -29.57 3.81 -51.78
N ALA F 226 -29.28 4.98 -51.22
CA ALA F 226 -29.65 5.36 -49.83
C ALA F 226 -31.17 5.46 -49.71
N ARG F 227 -31.82 6.18 -50.64
CA ARG F 227 -33.31 6.33 -50.65
C ARG F 227 -34.00 4.96 -50.63
N ARG F 228 -33.46 4.02 -51.38
CA ARG F 228 -34.00 2.65 -51.51
C ARG F 228 -33.94 1.92 -50.15
N TYR F 229 -32.90 2.11 -49.35
CA TYR F 229 -32.86 1.51 -47.99
C TYR F 229 -34.08 2.00 -47.20
N LEU F 230 -34.33 3.31 -47.22
CA LEU F 230 -35.42 3.95 -46.41
C LEU F 230 -36.79 3.59 -47.00
N ARG F 231 -36.90 3.53 -48.32
CA ARG F 231 -38.17 3.14 -49.00
C ARG F 231 -38.50 1.70 -48.59
N ARG F 232 -37.50 0.81 -48.48
CA ARG F 232 -37.73 -0.60 -48.08
C ARG F 232 -38.19 -0.60 -46.61
N ALA F 233 -37.53 0.17 -45.76
CA ALA F 233 -37.92 0.32 -44.33
C ALA F 233 -39.40 0.73 -44.25
N ALA F 234 -39.82 1.72 -45.03
CA ALA F 234 -41.17 2.33 -44.94
C ALA F 234 -42.25 1.38 -45.48
N GLU F 235 -41.94 0.54 -46.46
CA GLU F 235 -42.95 -0.29 -47.17
C GLU F 235 -43.17 -1.64 -46.46
N LYS F 236 -44.44 -2.03 -46.29
CA LYS F 236 -44.84 -3.39 -45.82
C LYS F 236 -44.51 -4.40 -46.91
N PRO F 237 -43.71 -5.46 -46.61
CA PRO F 237 -43.38 -6.48 -47.59
C PRO F 237 -44.67 -7.04 -48.19
N ALA F 238 -44.68 -7.26 -49.51
CA ALA F 238 -45.82 -7.78 -50.30
C ALA F 238 -46.28 -9.15 -49.74
N LYS F 239 -45.34 -10.00 -49.32
CA LYS F 239 -45.66 -11.35 -48.77
C LYS F 239 -44.80 -11.62 -47.53
N LEU F 240 -45.43 -12.10 -46.47
CA LEU F 240 -44.80 -12.37 -45.16
C LEU F 240 -44.28 -13.81 -45.17
N LEU F 241 -43.04 -14.02 -44.71
CA LEU F 241 -42.36 -15.33 -44.80
C LEU F 241 -43.05 -16.39 -43.94
N TYR F 242 -43.77 -16.03 -42.88
CA TYR F 242 -44.52 -17.01 -42.04
C TYR F 242 -45.54 -17.74 -42.93
N GLU F 243 -46.17 -17.05 -43.88
CA GLU F 243 -47.25 -17.56 -44.78
C GLU F 243 -46.69 -18.71 -45.63
N GLU F 244 -45.58 -18.49 -46.32
CA GLU F 244 -44.96 -19.44 -47.30
C GLU F 244 -43.97 -20.38 -46.58
N ALA F 245 -44.37 -20.99 -45.46
CA ALA F 245 -43.54 -21.86 -44.59
C ALA F 245 -44.22 -23.22 -44.42
N PRO G 2 -13.55 -23.78 -0.88
CA PRO G 2 -12.34 -23.20 -0.27
C PRO G 2 -11.04 -24.01 -0.40
N GLY G 3 -10.64 -24.40 -1.61
CA GLY G 3 -9.30 -24.95 -1.91
C GLY G 3 -8.98 -24.96 -3.41
N SER G 4 -7.73 -24.65 -3.77
CA SER G 4 -7.15 -24.71 -5.14
C SER G 4 -6.85 -26.18 -5.53
N ILE G 5 -6.78 -26.48 -6.84
CA ILE G 5 -6.37 -27.80 -7.40
C ILE G 5 -5.55 -27.58 -8.66
N PRO G 6 -4.77 -28.60 -9.11
CA PRO G 6 -4.25 -28.62 -10.47
C PRO G 6 -5.46 -28.91 -11.36
N LEU G 7 -5.35 -28.68 -12.66
CA LEU G 7 -6.50 -28.78 -13.58
C LEU G 7 -6.17 -29.77 -14.69
N ILE G 8 -7.20 -30.42 -15.22
CA ILE G 8 -7.05 -31.27 -16.42
C ILE G 8 -6.46 -30.39 -17.53
N GLY G 9 -5.50 -30.93 -18.28
CA GLY G 9 -4.84 -30.21 -19.38
C GLY G 9 -3.60 -29.50 -18.90
N GLU G 10 -3.41 -29.36 -17.60
CA GLU G 10 -2.17 -28.74 -17.05
C GLU G 10 -1.10 -29.81 -16.97
N ARG G 11 0.16 -29.39 -17.08
CA ARG G 11 1.34 -30.20 -16.71
C ARG G 11 1.24 -30.54 -15.21
N PHE G 12 1.45 -31.80 -14.83
CA PHE G 12 1.56 -32.18 -13.41
C PHE G 12 2.65 -31.28 -12.82
N PRO G 13 2.44 -30.61 -11.67
CA PRO G 13 3.44 -29.67 -11.20
C PRO G 13 4.77 -30.35 -10.87
N GLU G 14 5.85 -29.65 -11.22
CA GLU G 14 7.25 -30.03 -10.95
C GLU G 14 7.42 -30.16 -9.45
N MET G 15 7.87 -31.31 -8.99
CA MET G 15 8.20 -31.43 -7.55
C MET G 15 9.11 -32.63 -7.36
N GLU G 16 10.00 -32.50 -6.39
CA GLU G 16 10.80 -33.62 -5.82
C GLU G 16 10.00 -34.20 -4.65
N VAL G 17 9.82 -35.52 -4.64
CA VAL G 17 9.07 -36.23 -3.57
C VAL G 17 9.95 -37.34 -3.00
N THR G 18 9.84 -37.58 -1.71
CA THR G 18 10.52 -38.72 -1.03
C THR G 18 9.54 -39.89 -1.00
N THR G 19 9.88 -41.03 -1.56
CA THR G 19 9.04 -42.27 -1.49
C THR G 19 9.79 -43.34 -0.66
N ASP G 20 9.14 -44.46 -0.34
CA ASP G 20 9.77 -45.60 0.35
C ASP G 20 10.70 -46.35 -0.61
N HIS G 21 10.84 -45.90 -1.88
CA HIS G 21 11.79 -46.42 -2.88
C HIS G 21 12.91 -45.40 -3.11
N GLY G 22 12.82 -44.21 -2.58
CA GLY G 22 13.84 -43.17 -2.78
C GLY G 22 13.21 -41.86 -3.21
N VAL G 23 14.05 -40.93 -3.65
CA VAL G 23 13.69 -39.54 -4.04
C VAL G 23 13.45 -39.55 -5.55
N ILE G 24 12.31 -39.03 -6.01
CA ILE G 24 12.05 -38.88 -7.48
C ILE G 24 11.55 -37.48 -7.80
N LYS G 25 11.74 -37.08 -9.05
CA LYS G 25 11.16 -35.83 -9.60
C LYS G 25 9.87 -36.22 -10.34
N LEU G 26 8.78 -35.53 -10.05
CA LEU G 26 7.49 -35.73 -10.79
C LEU G 26 7.26 -34.52 -11.67
N PRO G 27 6.74 -34.64 -12.91
CA PRO G 27 6.43 -35.93 -13.54
C PRO G 27 7.60 -36.56 -14.31
N ASP G 28 8.75 -35.86 -14.35
CA ASP G 28 9.99 -36.21 -15.11
C ASP G 28 10.33 -37.70 -14.98
N HIS G 29 10.26 -38.30 -13.79
CA HIS G 29 10.72 -39.69 -13.53
C HIS G 29 9.94 -40.67 -14.43
N TYR G 30 8.70 -40.35 -14.74
CA TYR G 30 7.79 -41.18 -15.55
C TYR G 30 7.82 -40.71 -17.00
N VAL G 31 7.80 -39.41 -17.24
CA VAL G 31 7.90 -38.85 -18.63
C VAL G 31 9.14 -39.45 -19.34
N SER G 32 10.28 -39.49 -18.65
CA SER G 32 11.60 -40.05 -19.09
C SER G 32 11.51 -41.50 -19.57
N GLN G 33 10.60 -42.29 -19.00
CA GLN G 33 10.40 -43.72 -19.36
C GLN G 33 9.29 -43.86 -20.42
N GLY G 34 8.65 -42.75 -20.86
CA GLY G 34 7.43 -42.81 -21.71
C GLY G 34 6.26 -43.48 -20.99
N LYS G 35 6.24 -43.43 -19.65
CA LYS G 35 5.20 -44.08 -18.81
C LYS G 35 4.15 -43.06 -18.39
N TRP G 36 2.89 -43.51 -18.34
CA TRP G 36 1.80 -42.83 -17.62
C TRP G 36 2.03 -43.13 -16.13
N PHE G 37 1.52 -42.30 -15.24
CA PHE G 37 1.39 -42.73 -13.82
C PHE G 37 0.02 -42.33 -13.30
N VAL G 38 -0.47 -43.16 -12.40
CA VAL G 38 -1.60 -42.82 -11.50
C VAL G 38 -1.01 -42.49 -10.14
N LEU G 39 -1.14 -41.23 -9.70
CA LEU G 39 -0.81 -40.83 -8.32
C LEU G 39 -2.13 -40.87 -7.57
N PHE G 40 -2.16 -41.58 -6.46
CA PHE G 40 -3.37 -41.63 -5.60
C PHE G 40 -2.95 -41.46 -4.14
N SER G 41 -3.88 -40.94 -3.36
CA SER G 41 -3.61 -40.59 -1.96
C SER G 41 -4.51 -41.43 -1.06
N HIS G 42 -4.11 -41.56 0.19
CA HIS G 42 -4.97 -42.16 1.24
C HIS G 42 -4.69 -41.40 2.52
N PRO G 43 -5.63 -41.35 3.48
CA PRO G 43 -5.45 -40.54 4.68
C PRO G 43 -4.24 -40.89 5.57
N ALA G 44 -4.04 -42.17 5.88
CA ALA G 44 -2.97 -42.60 6.79
C ALA G 44 -2.73 -44.11 6.66
N ASP G 45 -1.51 -44.47 7.01
CA ASP G 45 -1.01 -45.86 7.07
C ASP G 45 -1.78 -46.57 8.19
N PHE G 46 -1.95 -47.87 8.08
CA PHE G 46 -2.66 -48.69 9.11
C PHE G 46 -4.07 -48.16 9.28
N THR G 47 -4.71 -47.77 8.19
CA THR G 47 -6.18 -47.55 8.10
C THR G 47 -6.76 -48.61 7.16
N PRO G 48 -7.97 -49.11 7.49
CA PRO G 48 -8.54 -50.28 6.83
C PRO G 48 -9.03 -50.10 5.39
N VAL G 49 -9.81 -49.05 5.09
CA VAL G 49 -10.23 -48.80 3.69
C VAL G 49 -8.96 -48.64 2.85
N SER G 50 -8.00 -47.81 3.32
CA SER G 50 -6.73 -47.62 2.58
C SER G 50 -6.05 -48.98 2.33
N THR G 51 -6.07 -49.87 3.32
CA THR G 51 -5.41 -51.20 3.16
C THR G 51 -6.12 -51.95 2.02
N THR G 52 -7.46 -51.98 2.03
CA THR G 52 -8.23 -52.64 0.94
C THR G 52 -7.81 -52.06 -0.41
N GLU G 53 -7.55 -50.75 -0.51
CA GLU G 53 -7.25 -50.14 -1.83
C GLU G 53 -5.85 -50.50 -2.27
N PHE G 54 -4.87 -50.51 -1.37
CA PHE G 54 -3.49 -50.96 -1.74
C PHE G 54 -3.54 -52.40 -2.28
N VAL G 55 -4.28 -53.26 -1.60
CA VAL G 55 -4.38 -54.69 -2.01
C VAL G 55 -5.08 -54.75 -3.38
N SER G 56 -6.07 -53.90 -3.62
CA SER G 56 -6.77 -53.88 -4.92
C SER G 56 -5.83 -53.41 -6.02
N PHE G 57 -5.05 -52.35 -5.76
CA PHE G 57 -4.05 -51.84 -6.73
C PHE G 57 -2.99 -52.93 -7.00
N ALA G 58 -2.52 -53.61 -5.95
CA ALA G 58 -1.46 -54.66 -6.03
C ALA G 58 -1.95 -55.79 -6.95
N ARG G 59 -3.20 -56.21 -6.81
CA ARG G 59 -3.80 -57.28 -7.64
C ARG G 59 -3.87 -56.82 -9.10
N ARG G 60 -3.90 -55.51 -9.34
CA ARG G 60 -4.12 -54.94 -10.68
C ARG G 60 -2.81 -54.45 -11.28
N TYR G 61 -1.71 -54.63 -10.56
CA TYR G 61 -0.39 -54.03 -10.91
C TYR G 61 0.00 -54.45 -12.32
N GLU G 62 -0.22 -55.72 -12.67
CA GLU G 62 0.21 -56.30 -13.98
C GLU G 62 -0.65 -55.69 -15.09
N ASP G 63 -1.94 -55.48 -14.80
CA ASP G 63 -2.91 -54.83 -15.72
C ASP G 63 -2.44 -53.40 -16.00
N PHE G 64 -2.10 -52.63 -14.97
CA PHE G 64 -1.51 -51.28 -15.15
C PHE G 64 -0.21 -51.37 -15.96
N GLN G 65 0.66 -52.34 -15.60
CA GLN G 65 2.01 -52.54 -16.22
C GLN G 65 1.85 -52.77 -17.73
N ARG G 66 0.89 -53.60 -18.16
CA ARG G 66 0.58 -53.89 -19.59
C ARG G 66 0.22 -52.62 -20.39
N LEU G 67 -0.44 -51.61 -19.77
CA LEU G 67 -0.78 -50.32 -20.44
C LEU G 67 0.40 -49.36 -20.35
N GLY G 68 1.52 -49.75 -19.74
CA GLY G 68 2.64 -48.83 -19.50
C GLY G 68 2.24 -47.71 -18.55
N VAL G 69 1.57 -48.06 -17.45
CA VAL G 69 1.14 -47.15 -16.37
C VAL G 69 1.79 -47.62 -15.07
N ASP G 70 2.54 -46.73 -14.44
CA ASP G 70 3.12 -46.87 -13.08
C ASP G 70 2.15 -46.32 -12.05
N LEU G 71 2.24 -46.85 -10.83
CA LEU G 71 1.41 -46.45 -9.68
C LEU G 71 2.33 -45.77 -8.67
N ILE G 72 1.83 -44.73 -8.02
CA ILE G 72 2.51 -44.10 -6.86
C ILE G 72 1.44 -43.63 -5.87
N GLY G 73 1.54 -44.10 -4.63
CA GLY G 73 0.68 -43.67 -3.52
C GLY G 73 1.22 -42.43 -2.83
N LEU G 74 0.50 -41.96 -1.82
CA LEU G 74 0.80 -40.71 -1.10
C LEU G 74 -0.02 -40.72 0.19
N SER G 75 0.63 -40.50 1.32
CA SER G 75 -0.03 -40.06 2.57
C SER G 75 0.91 -39.14 3.34
N VAL G 76 0.43 -38.53 4.41
CA VAL G 76 1.19 -37.59 5.28
C VAL G 76 2.09 -38.38 6.25
N ASP G 77 2.04 -39.71 6.24
CA ASP G 77 2.89 -40.57 7.11
C ASP G 77 4.31 -40.60 6.51
N SER G 78 5.31 -40.97 7.32
CA SER G 78 6.74 -40.94 6.93
C SER G 78 7.11 -42.30 6.33
N VAL G 79 8.29 -42.41 5.73
CA VAL G 79 8.81 -43.61 5.01
C VAL G 79 8.77 -44.85 5.92
N CYS G 80 9.21 -44.76 7.17
CA CYS G 80 9.33 -45.94 8.07
C CYS G 80 7.95 -46.53 8.37
N SER G 81 6.96 -45.68 8.60
CA SER G 81 5.53 -46.10 8.72
C SER G 81 5.06 -46.75 7.40
N HIS G 82 5.43 -46.22 6.25
CA HIS G 82 5.09 -46.83 4.93
C HIS G 82 5.70 -48.26 4.84
N ILE G 83 6.97 -48.44 5.18
CA ILE G 83 7.64 -49.77 5.05
C ILE G 83 7.05 -50.74 6.07
N LYS G 84 6.76 -50.29 7.31
CA LYS G 84 6.15 -51.16 8.34
C LYS G 84 4.73 -51.57 7.91
N TRP G 85 3.97 -50.66 7.31
CA TRP G 85 2.57 -50.92 6.88
C TRP G 85 2.55 -51.99 5.80
N LYS G 86 3.35 -51.81 4.77
CA LYS G 86 3.50 -52.77 3.66
C LYS G 86 3.95 -54.16 4.17
N GLU G 87 4.78 -54.16 5.20
CA GLU G 87 5.31 -55.39 5.82
C GLU G 87 4.11 -56.07 6.52
N TRP G 88 3.30 -55.30 7.24
CA TRP G 88 2.07 -55.81 7.87
C TRP G 88 1.15 -56.39 6.78
N ILE G 89 0.98 -55.71 5.64
CA ILE G 89 0.10 -56.19 4.54
C ILE G 89 0.65 -57.53 4.01
N GLU G 90 1.93 -57.62 3.68
CA GLU G 90 2.55 -58.86 3.11
C GLU G 90 2.44 -60.00 4.14
N ARG G 91 2.64 -59.71 5.43
CA ARG G 91 2.62 -60.71 6.50
C ARG G 91 1.19 -61.21 6.71
N HIS G 92 0.23 -60.31 6.87
CA HIS G 92 -1.13 -60.64 7.39
C HIS G 92 -2.14 -60.91 6.26
N ILE G 93 -1.89 -60.43 5.04
CA ILE G 93 -2.85 -60.58 3.90
C ILE G 93 -2.17 -61.39 2.80
N GLY G 94 -0.85 -61.54 2.86
CA GLY G 94 -0.07 -62.33 1.89
C GLY G 94 0.02 -61.65 0.55
N VAL G 95 -0.08 -60.32 0.51
CA VAL G 95 0.06 -59.49 -0.73
C VAL G 95 1.23 -58.51 -0.56
N ARG G 96 2.18 -58.57 -1.48
CA ARG G 96 3.31 -57.61 -1.56
C ARG G 96 2.84 -56.37 -2.33
N ILE G 97 3.03 -55.17 -1.76
CA ILE G 97 2.76 -53.88 -2.46
C ILE G 97 4.03 -53.50 -3.22
N PRO G 98 4.07 -53.62 -4.57
CA PRO G 98 5.30 -53.40 -5.30
C PRO G 98 5.60 -51.95 -5.68
N PHE G 99 4.67 -51.02 -5.48
CA PHE G 99 4.84 -49.65 -6.07
C PHE G 99 5.17 -48.69 -4.94
N PRO G 100 5.84 -47.55 -5.22
CA PRO G 100 6.22 -46.62 -4.17
C PRO G 100 5.02 -45.87 -3.57
N ILE G 101 5.21 -45.44 -2.33
CA ILE G 101 4.32 -44.51 -1.61
C ILE G 101 5.12 -43.26 -1.27
N ILE G 102 4.64 -42.10 -1.69
CA ILE G 102 5.20 -40.78 -1.25
C ILE G 102 4.87 -40.62 0.23
N ALA G 103 5.86 -40.13 1.00
CA ALA G 103 5.75 -39.63 2.37
C ALA G 103 5.62 -38.11 2.31
N ASP G 104 4.55 -37.53 2.84
CA ASP G 104 4.28 -36.06 2.72
C ASP G 104 4.01 -35.47 4.10
N PRO G 105 4.95 -35.61 5.07
CA PRO G 105 4.72 -35.17 6.44
C PRO G 105 4.26 -33.70 6.67
N GLN G 106 4.64 -32.73 5.86
CA GLN G 106 4.18 -31.34 6.20
C GLN G 106 3.01 -30.96 5.28
N GLY G 107 2.48 -31.91 4.50
CA GLY G 107 1.37 -31.65 3.57
C GLY G 107 1.79 -30.81 2.37
N THR G 108 3.09 -30.69 2.08
CA THR G 108 3.60 -29.92 0.91
C THR G 108 2.92 -30.41 -0.38
N VAL G 109 3.03 -31.70 -0.68
CA VAL G 109 2.40 -32.29 -1.88
C VAL G 109 0.87 -32.19 -1.76
N ALA G 110 0.30 -32.54 -0.61
CA ALA G 110 -1.15 -32.52 -0.36
C ALA G 110 -1.71 -31.13 -0.72
N ARG G 111 -1.07 -30.06 -0.26
CA ARG G 111 -1.55 -28.67 -0.50
C ARG G 111 -1.40 -28.34 -1.99
N ARG G 112 -0.33 -28.78 -2.63
CA ARG G 112 -0.08 -28.54 -4.07
C ARG G 112 -1.18 -29.18 -4.93
N LEU G 113 -1.69 -30.35 -4.55
CA LEU G 113 -2.66 -31.14 -5.36
C LEU G 113 -4.12 -30.99 -4.83
N GLY G 114 -4.36 -30.10 -3.86
CA GLY G 114 -5.69 -29.88 -3.26
C GLY G 114 -6.27 -31.14 -2.65
N LEU G 115 -5.45 -31.93 -1.94
CA LEU G 115 -5.86 -33.26 -1.38
C LEU G 115 -6.34 -33.11 0.06
N LEU G 116 -6.31 -31.90 0.61
CA LEU G 116 -6.79 -31.58 1.96
C LEU G 116 -8.15 -30.91 1.83
N HIS G 117 -9.22 -31.62 2.18
CA HIS G 117 -10.62 -31.17 2.05
C HIS G 117 -11.14 -30.93 3.47
N ALA G 118 -12.42 -30.62 3.64
CA ALA G 118 -13.00 -30.19 4.93
C ALA G 118 -13.28 -31.41 5.79
N GLU G 119 -13.26 -32.60 5.21
CA GLU G 119 -13.44 -33.86 5.98
C GLU G 119 -12.31 -34.00 7.00
N SER G 120 -11.08 -33.62 6.67
CA SER G 120 -9.93 -33.66 7.62
C SER G 120 -8.94 -32.54 7.29
N ALA G 121 -8.61 -31.73 8.27
CA ALA G 121 -7.57 -30.67 8.18
C ALA G 121 -6.17 -31.27 7.95
N THR G 122 -5.90 -32.48 8.41
CA THR G 122 -4.51 -33.00 8.52
C THR G 122 -4.25 -34.19 7.62
N HIS G 123 -5.30 -34.82 7.08
CA HIS G 123 -5.18 -36.05 6.28
C HIS G 123 -5.85 -35.86 4.93
N THR G 124 -5.19 -36.38 3.93
CA THR G 124 -5.54 -36.38 2.50
C THR G 124 -6.81 -37.23 2.33
N VAL G 125 -7.79 -36.75 1.57
CA VAL G 125 -8.84 -37.62 1.01
C VAL G 125 -8.21 -38.59 0.00
N ARG G 126 -9.03 -39.34 -0.71
CA ARG G 126 -8.64 -40.41 -1.64
C ARG G 126 -8.63 -39.84 -3.05
N GLY G 127 -7.60 -39.06 -3.32
CA GLY G 127 -7.41 -38.38 -4.61
C GLY G 127 -6.80 -39.32 -5.62
N VAL G 128 -7.06 -39.06 -6.90
CA VAL G 128 -6.52 -39.84 -8.04
C VAL G 128 -6.20 -38.85 -9.14
N PHE G 129 -4.94 -38.81 -9.55
CA PHE G 129 -4.41 -38.03 -10.68
C PHE G 129 -3.88 -39.00 -11.72
N ILE G 130 -4.51 -38.98 -12.90
CA ILE G 130 -4.09 -39.78 -14.06
C ILE G 130 -3.30 -38.85 -14.98
N VAL G 131 -2.02 -39.17 -15.14
CA VAL G 131 -1.04 -38.29 -15.84
C VAL G 131 -0.50 -39.12 -16.99
N ASP G 132 -0.43 -38.55 -18.19
CA ASP G 132 0.05 -39.25 -19.41
C ASP G 132 1.58 -39.14 -19.49
N ALA G 133 2.16 -39.75 -20.53
CA ALA G 133 3.61 -39.84 -20.80
C ALA G 133 4.18 -38.47 -21.14
N ARG G 134 3.35 -37.45 -21.39
CA ARG G 134 3.83 -36.06 -21.63
C ARG G 134 3.80 -35.27 -20.31
N GLY G 135 3.38 -35.88 -19.21
CA GLY G 135 3.35 -35.22 -17.90
C GLY G 135 2.08 -34.40 -17.68
N VAL G 136 1.05 -34.64 -18.49
CA VAL G 136 -0.20 -33.81 -18.50
C VAL G 136 -1.28 -34.52 -17.65
N ILE G 137 -1.93 -33.78 -16.76
CA ILE G 137 -3.09 -34.30 -15.98
C ILE G 137 -4.28 -34.52 -16.93
N ARG G 138 -4.84 -35.73 -16.93
CA ARG G 138 -5.87 -36.19 -17.90
C ARG G 138 -7.24 -36.37 -17.21
N THR G 139 -7.25 -36.62 -15.91
CA THR G 139 -8.46 -36.98 -15.13
C THR G 139 -8.11 -36.88 -13.65
N MET G 140 -9.06 -36.47 -12.82
CA MET G 140 -8.87 -36.29 -11.36
C MET G 140 -10.13 -36.74 -10.67
N LEU G 141 -9.97 -37.59 -9.65
CA LEU G 141 -11.10 -38.14 -8.86
C LEU G 141 -10.83 -37.78 -7.41
N TYR G 142 -11.87 -37.42 -6.70
CA TYR G 142 -11.72 -37.15 -5.24
C TYR G 142 -12.76 -38.00 -4.53
N TYR G 143 -12.34 -39.14 -3.97
CA TYR G 143 -13.16 -40.02 -3.12
C TYR G 143 -12.94 -39.57 -1.68
N PRO G 144 -13.96 -39.74 -0.80
CA PRO G 144 -13.86 -39.34 0.59
C PRO G 144 -13.23 -40.47 1.44
N MET G 145 -13.09 -40.22 2.74
CA MET G 145 -12.44 -41.14 3.70
C MET G 145 -13.24 -42.44 3.77
N GLU G 146 -14.57 -42.33 3.73
CA GLU G 146 -15.50 -43.40 4.12
C GLU G 146 -15.76 -44.37 2.96
N LEU G 147 -15.18 -44.14 1.78
CA LEU G 147 -15.58 -44.88 0.56
C LEU G 147 -14.31 -45.27 -0.19
N GLY G 148 -14.09 -46.57 -0.31
CA GLY G 148 -13.05 -47.14 -1.16
C GLY G 148 -13.31 -46.81 -2.61
N ARG G 149 -12.23 -46.65 -3.37
CA ARG G 149 -12.31 -46.50 -4.83
C ARG G 149 -12.70 -47.82 -5.49
N LEU G 150 -13.13 -47.71 -6.75
CA LEU G 150 -13.30 -48.80 -7.74
C LEU G 150 -12.08 -48.80 -8.67
N VAL G 151 -11.11 -49.68 -8.41
CA VAL G 151 -9.81 -49.53 -9.10
C VAL G 151 -9.97 -49.92 -10.59
N ASP G 152 -10.91 -50.81 -10.91
CA ASP G 152 -11.23 -51.20 -12.32
C ASP G 152 -11.68 -50.00 -13.17
N GLU G 153 -12.37 -49.01 -12.60
CA GLU G 153 -12.74 -47.77 -13.33
C GLU G 153 -11.46 -46.99 -13.68
N ILE G 154 -10.45 -47.04 -12.82
CA ILE G 154 -9.15 -46.33 -13.05
C ILE G 154 -8.46 -47.00 -14.23
N LEU G 155 -8.46 -48.33 -14.28
CA LEU G 155 -7.96 -49.03 -15.50
C LEU G 155 -8.79 -48.61 -16.71
N ARG G 156 -10.12 -48.56 -16.61
CA ARG G 156 -10.98 -48.30 -17.80
C ARG G 156 -10.69 -46.87 -18.28
N ILE G 157 -10.51 -45.91 -17.35
CA ILE G 157 -10.18 -44.51 -17.75
C ILE G 157 -8.88 -44.53 -18.55
N VAL G 158 -7.83 -45.17 -18.03
CA VAL G 158 -6.48 -45.13 -18.64
C VAL G 158 -6.52 -45.83 -20.00
N LYS G 159 -7.17 -46.98 -20.07
CA LYS G 159 -7.29 -47.72 -21.35
C LYS G 159 -8.04 -46.83 -22.35
N ALA G 160 -9.14 -46.18 -21.94
CA ALA G 160 -10.00 -45.42 -22.88
C ALA G 160 -9.27 -44.14 -23.33
N LEU G 161 -8.51 -43.54 -22.43
CA LEU G 161 -7.69 -42.35 -22.74
C LEU G 161 -6.65 -42.75 -23.80
N LYS G 162 -5.91 -43.85 -23.55
CA LYS G 162 -4.85 -44.36 -24.46
C LYS G 162 -5.45 -44.66 -25.84
N LEU G 163 -6.58 -45.35 -25.90
CA LEU G 163 -7.32 -45.61 -27.16
C LEU G 163 -7.71 -44.29 -27.81
N GLY G 164 -8.31 -43.39 -27.05
CA GLY G 164 -8.75 -42.11 -27.62
C GLY G 164 -7.57 -41.39 -28.28
N ASP G 165 -6.42 -41.38 -27.61
CA ASP G 165 -5.20 -40.66 -28.06
C ASP G 165 -4.68 -41.31 -29.35
N SER G 166 -4.57 -42.63 -29.41
CA SER G 166 -3.93 -43.30 -30.58
C SER G 166 -4.87 -43.26 -31.79
N LEU G 167 -6.18 -43.48 -31.60
CA LEU G 167 -7.19 -43.57 -32.70
C LEU G 167 -7.78 -42.19 -33.01
N LYS G 168 -7.43 -41.14 -32.27
CA LYS G 168 -7.97 -39.76 -32.46
C LYS G 168 -9.51 -39.80 -32.37
N ARG G 169 -10.00 -40.36 -31.27
CA ARG G 169 -11.45 -40.53 -31.02
C ARG G 169 -11.80 -40.03 -29.62
N ALA G 170 -13.04 -39.60 -29.45
CA ALA G 170 -13.65 -39.36 -28.13
C ALA G 170 -14.35 -40.66 -27.72
N VAL G 171 -14.52 -40.88 -26.43
CA VAL G 171 -15.00 -42.18 -25.90
C VAL G 171 -16.37 -41.95 -25.31
N PRO G 172 -17.39 -42.74 -25.74
CA PRO G 172 -18.74 -42.52 -25.27
C PRO G 172 -18.89 -42.98 -23.82
N ALA G 173 -19.94 -42.46 -23.18
CA ALA G 173 -20.43 -42.90 -21.86
C ALA G 173 -20.41 -44.43 -21.79
N ASP G 174 -19.79 -44.96 -20.73
CA ASP G 174 -19.94 -46.39 -20.35
C ASP G 174 -19.18 -47.26 -21.38
N TRP G 175 -18.29 -46.69 -22.18
CA TRP G 175 -17.51 -47.51 -23.13
C TRP G 175 -16.73 -48.58 -22.37
N PRO G 176 -16.56 -49.82 -22.89
CA PRO G 176 -17.03 -50.20 -24.22
C PRO G 176 -18.46 -50.75 -24.36
N ASN G 177 -19.33 -50.50 -23.39
CA ASN G 177 -20.74 -50.97 -23.39
C ASN G 177 -21.69 -49.78 -23.50
N ASN G 178 -21.42 -48.84 -24.40
CA ASN G 178 -22.33 -47.67 -24.55
C ASN G 178 -23.66 -48.17 -25.13
N GLU G 179 -24.79 -47.70 -24.59
CA GLU G 179 -26.15 -48.18 -24.97
C GLU G 179 -26.52 -47.68 -26.38
N ILE G 180 -25.88 -46.63 -26.89
CA ILE G 180 -26.18 -46.07 -28.24
C ILE G 180 -25.29 -46.78 -29.27
N ILE G 181 -23.98 -46.78 -29.05
CA ILE G 181 -23.03 -47.22 -30.11
C ILE G 181 -22.14 -48.34 -29.61
N GLY G 182 -22.41 -48.93 -28.44
CA GLY G 182 -21.64 -50.11 -27.95
C GLY G 182 -20.17 -49.78 -27.78
N GLU G 183 -19.30 -50.39 -28.58
CA GLU G 183 -17.82 -50.22 -28.52
C GLU G 183 -17.36 -49.15 -29.52
N GLY G 184 -18.30 -48.54 -30.24
CA GLY G 184 -17.99 -47.40 -31.12
C GLY G 184 -17.21 -46.31 -30.38
N LEU G 185 -16.33 -45.64 -31.09
CA LEU G 185 -15.66 -44.40 -30.64
C LEU G 185 -16.17 -43.24 -31.52
N ILE G 186 -16.14 -42.03 -30.99
CA ILE G 186 -16.81 -40.83 -31.55
C ILE G 186 -15.75 -40.03 -32.30
N VAL G 187 -16.08 -39.59 -33.51
CA VAL G 187 -15.23 -38.66 -34.30
C VAL G 187 -15.43 -37.27 -33.71
N PRO G 188 -14.34 -36.54 -33.36
CA PRO G 188 -14.48 -35.20 -32.82
C PRO G 188 -15.35 -34.40 -33.78
N PRO G 189 -16.42 -33.73 -33.30
CA PRO G 189 -17.36 -33.11 -34.22
C PRO G 189 -16.74 -31.97 -35.04
N PRO G 190 -17.37 -31.55 -36.15
CA PRO G 190 -16.91 -30.41 -36.94
C PRO G 190 -16.95 -29.11 -36.11
N THR G 191 -16.03 -28.19 -36.38
CA THR G 191 -15.97 -26.88 -35.68
C THR G 191 -16.44 -25.77 -36.61
N THR G 192 -16.75 -26.09 -37.88
CA THR G 192 -17.25 -25.07 -38.86
C THR G 192 -18.42 -25.64 -39.64
N GLU G 193 -19.21 -24.77 -40.25
CA GLU G 193 -20.33 -25.13 -41.15
C GLU G 193 -19.83 -25.87 -42.39
N ASP G 194 -18.72 -25.41 -42.99
CA ASP G 194 -18.14 -26.05 -44.21
C ASP G 194 -17.70 -27.47 -43.85
N GLN G 195 -17.00 -27.62 -42.71
CA GLN G 195 -16.59 -28.94 -42.16
C GLN G 195 -17.82 -29.83 -41.91
N ALA G 196 -18.91 -29.29 -41.34
CA ALA G 196 -20.12 -30.09 -41.07
C ALA G 196 -20.74 -30.56 -42.39
N ARG G 197 -20.83 -29.71 -43.41
CA ARG G 197 -21.46 -30.07 -44.71
C ARG G 197 -20.60 -31.17 -45.34
N ALA G 198 -19.27 -31.01 -45.32
CA ALA G 198 -18.27 -31.91 -45.96
C ALA G 198 -18.28 -33.27 -45.26
N ARG G 199 -18.46 -33.31 -43.94
CA ARG G 199 -18.49 -34.60 -43.19
C ARG G 199 -19.75 -35.36 -43.62
N MET G 200 -20.88 -34.67 -43.73
CA MET G 200 -22.17 -35.27 -44.14
C MET G 200 -22.10 -35.73 -45.61
N GLU G 201 -21.46 -34.97 -46.49
CA GLU G 201 -21.40 -35.26 -47.95
C GLU G 201 -20.45 -36.44 -48.21
N SER G 202 -19.39 -36.62 -47.41
CA SER G 202 -18.42 -37.75 -47.52
C SER G 202 -19.07 -39.10 -47.17
N GLY G 203 -20.05 -39.12 -46.25
CA GLY G 203 -20.71 -40.35 -45.77
C GLY G 203 -19.71 -41.43 -45.37
N GLN G 204 -18.54 -41.00 -44.86
CA GLN G 204 -17.43 -41.89 -44.42
C GLN G 204 -17.81 -42.63 -43.12
N TYR G 205 -18.73 -42.11 -42.30
CA TYR G 205 -19.04 -42.68 -40.95
C TYR G 205 -20.55 -42.80 -40.73
N ARG G 206 -20.95 -43.76 -39.88
CA ARG G 206 -22.29 -43.80 -39.26
C ARG G 206 -22.48 -42.48 -38.50
N SER G 207 -23.67 -41.90 -38.60
CA SER G 207 -24.03 -40.56 -38.06
C SER G 207 -25.44 -40.62 -37.51
N LEU G 208 -25.72 -39.83 -36.47
CA LEU G 208 -27.10 -39.43 -36.09
C LEU G 208 -27.34 -37.97 -36.51
N ASP G 209 -26.28 -37.22 -36.76
CA ASP G 209 -26.34 -35.80 -37.16
C ASP G 209 -24.89 -35.39 -37.49
N TRP G 210 -24.71 -34.21 -38.06
CA TRP G 210 -23.38 -33.75 -38.50
C TRP G 210 -22.41 -33.67 -37.32
N TRP G 211 -22.91 -33.52 -36.08
CA TRP G 211 -22.08 -33.33 -34.86
C TRP G 211 -21.86 -34.67 -34.14
N PHE G 212 -22.47 -35.75 -34.64
CA PHE G 212 -22.53 -37.07 -33.96
C PHE G 212 -22.24 -38.15 -35.00
N SER G 213 -20.94 -38.37 -35.23
CA SER G 213 -20.37 -39.43 -36.09
C SER G 213 -19.54 -40.38 -35.23
N TRP G 214 -19.48 -41.66 -35.62
CA TRP G 214 -18.69 -42.68 -34.90
C TRP G 214 -18.30 -43.80 -35.85
N ASP G 215 -17.37 -44.65 -35.40
CA ASP G 215 -16.85 -45.83 -36.15
C ASP G 215 -16.39 -46.83 -35.08
N THR G 216 -15.81 -47.95 -35.47
CA THR G 216 -15.43 -49.07 -34.55
C THR G 216 -13.98 -49.43 -34.83
N PRO G 217 -13.03 -48.50 -34.59
CA PRO G 217 -11.63 -48.72 -34.96
C PRO G 217 -10.80 -49.39 -33.87
N ALA G 218 -11.32 -49.51 -32.64
CA ALA G 218 -10.63 -50.25 -31.54
C ALA G 218 -10.55 -51.72 -31.96
N SER G 219 -9.42 -52.39 -31.73
CA SER G 219 -9.24 -53.84 -32.02
C SER G 219 -10.08 -54.69 -31.07
N ARG G 220 -10.27 -55.96 -31.39
CA ARG G 220 -11.01 -56.93 -30.52
C ARG G 220 -10.26 -57.04 -29.19
N ASP G 221 -8.93 -57.00 -29.21
CA ASP G 221 -8.07 -57.16 -27.99
C ASP G 221 -8.27 -55.93 -27.08
N ASP G 222 -8.21 -54.73 -27.66
CA ASP G 222 -8.49 -53.45 -26.96
C ASP G 222 -9.83 -53.55 -26.22
N VAL G 223 -10.93 -53.85 -26.94
CA VAL G 223 -12.31 -53.90 -26.37
C VAL G 223 -12.35 -54.99 -25.28
N GLU G 224 -11.79 -56.17 -25.55
CA GLU G 224 -11.85 -57.32 -24.62
C GLU G 224 -11.07 -56.97 -23.32
N GLU G 225 -9.94 -56.27 -23.43
CA GLU G 225 -9.13 -55.81 -22.26
C GLU G 225 -10.02 -54.96 -21.34
N ALA G 226 -10.71 -53.98 -21.90
CA ALA G 226 -11.54 -53.00 -21.16
C ALA G 226 -12.74 -53.72 -20.56
N ARG G 227 -13.36 -54.64 -21.30
CA ARG G 227 -14.53 -55.39 -20.81
C ARG G 227 -14.11 -56.29 -19.64
N ARG G 228 -12.89 -56.81 -19.68
CA ARG G 228 -12.30 -57.63 -18.58
C ARG G 228 -12.31 -56.85 -17.26
N TYR G 229 -11.91 -55.57 -17.28
CA TYR G 229 -11.85 -54.75 -16.04
C TYR G 229 -13.25 -54.71 -15.41
N LEU G 230 -14.27 -54.50 -16.25
CA LEU G 230 -15.65 -54.31 -15.74
C LEU G 230 -16.24 -55.65 -15.27
N ARG G 231 -15.97 -56.74 -15.99
CA ARG G 231 -16.41 -58.11 -15.54
C ARG G 231 -15.80 -58.39 -14.15
N ARG G 232 -14.50 -58.12 -13.95
CA ARG G 232 -13.85 -58.36 -12.62
C ARG G 232 -14.56 -57.49 -11.54
N ALA G 233 -14.90 -56.25 -11.85
CA ALA G 233 -15.61 -55.34 -10.92
C ALA G 233 -16.99 -55.90 -10.58
N ALA G 234 -17.68 -56.48 -11.56
CA ALA G 234 -19.04 -57.05 -11.42
C ALA G 234 -19.05 -58.39 -10.64
N GLU G 235 -18.02 -59.24 -10.82
CA GLU G 235 -18.02 -60.64 -10.29
C GLU G 235 -17.48 -60.68 -8.86
N LYS G 236 -18.15 -61.40 -7.97
CA LYS G 236 -17.70 -61.67 -6.58
C LYS G 236 -16.44 -62.53 -6.66
N PRO G 237 -15.34 -62.15 -5.95
CA PRO G 237 -14.09 -62.94 -5.98
C PRO G 237 -14.34 -64.39 -5.55
N ALA G 238 -13.76 -65.35 -6.28
CA ALA G 238 -13.90 -66.81 -6.04
C ALA G 238 -13.55 -67.11 -4.57
N LYS G 239 -12.48 -66.49 -4.06
CA LYS G 239 -11.98 -66.69 -2.67
C LYS G 239 -11.53 -65.34 -2.06
N LEU G 240 -12.02 -65.04 -0.86
CA LEU G 240 -11.68 -63.83 -0.07
C LEU G 240 -10.33 -64.03 0.65
N LEU G 241 -9.47 -63.02 0.67
CA LEU G 241 -8.10 -63.11 1.26
C LEU G 241 -8.18 -63.16 2.80
N TYR G 242 -9.18 -62.53 3.46
CA TYR G 242 -9.28 -62.54 4.94
C TYR G 242 -9.22 -63.98 5.48
N GLU G 243 -9.65 -64.96 4.68
CA GLU G 243 -9.82 -66.40 5.05
C GLU G 243 -8.45 -66.97 5.49
N GLU G 244 -7.50 -67.13 4.57
CA GLU G 244 -6.12 -67.63 4.89
C GLU G 244 -5.34 -66.45 5.50
N ALA G 245 -5.61 -66.16 6.78
CA ALA G 245 -4.97 -65.10 7.60
C ALA G 245 -4.76 -65.64 9.02
N PRO H 2 -3.04 -23.42 -11.86
CA PRO H 2 -4.12 -24.12 -11.13
C PRO H 2 -5.48 -23.38 -11.14
N GLY H 3 -6.45 -23.88 -10.38
CA GLY H 3 -7.80 -23.29 -10.23
C GLY H 3 -8.41 -23.68 -8.90
N SER H 4 -9.50 -23.02 -8.49
CA SER H 4 -10.15 -23.18 -7.16
C SER H 4 -11.38 -24.10 -7.28
N ILE H 5 -11.69 -24.88 -6.22
CA ILE H 5 -12.87 -25.79 -6.12
C ILE H 5 -13.42 -25.74 -4.70
N PRO H 6 -14.70 -26.12 -4.48
CA PRO H 6 -15.21 -26.33 -3.13
C PRO H 6 -14.79 -27.77 -2.78
N LEU H 7 -14.95 -28.22 -1.53
CA LEU H 7 -14.23 -29.43 -1.08
C LEU H 7 -15.19 -30.42 -0.44
N ILE H 8 -14.84 -31.70 -0.45
CA ILE H 8 -15.61 -32.77 0.27
C ILE H 8 -15.71 -32.34 1.73
N GLY H 9 -16.89 -32.46 2.31
CA GLY H 9 -17.18 -32.06 3.70
C GLY H 9 -17.75 -30.65 3.81
N GLU H 10 -17.61 -29.83 2.77
CA GLU H 10 -18.17 -28.45 2.73
C GLU H 10 -19.61 -28.53 2.24
N ARG H 11 -20.45 -27.65 2.76
CA ARG H 11 -21.81 -27.40 2.24
C ARG H 11 -21.68 -26.94 0.79
N PHE H 12 -22.48 -27.51 -0.11
CA PHE H 12 -22.55 -27.05 -1.52
C PHE H 12 -22.77 -25.54 -1.46
N PRO H 13 -22.03 -24.75 -2.26
CA PRO H 13 -22.17 -23.29 -2.22
C PRO H 13 -23.61 -22.82 -2.51
N GLU H 14 -24.14 -22.00 -1.61
CA GLU H 14 -25.46 -21.33 -1.70
C GLU H 14 -25.56 -20.61 -3.04
N MET H 15 -26.51 -20.95 -3.90
CA MET H 15 -26.58 -20.23 -5.21
C MET H 15 -27.95 -20.40 -5.83
N GLU H 16 -28.38 -19.39 -6.59
CA GLU H 16 -29.59 -19.44 -7.45
C GLU H 16 -29.08 -19.73 -8.86
N VAL H 17 -29.59 -20.80 -9.47
CA VAL H 17 -29.23 -21.20 -10.86
C VAL H 17 -30.51 -21.16 -11.70
N THR H 18 -30.37 -20.76 -12.95
CA THR H 18 -31.45 -20.86 -13.95
C THR H 18 -31.29 -22.21 -14.68
N THR H 19 -32.36 -22.98 -14.71
CA THR H 19 -32.45 -24.27 -15.41
C THR H 19 -33.63 -24.23 -16.38
N ASP H 20 -33.68 -25.17 -17.31
CA ASP H 20 -34.77 -25.39 -18.29
C ASP H 20 -36.05 -25.89 -17.60
N HIS H 21 -36.05 -26.06 -16.27
CA HIS H 21 -37.26 -26.33 -15.42
C HIS H 21 -37.61 -25.12 -14.55
N GLY H 22 -36.82 -24.05 -14.63
CA GLY H 22 -37.02 -22.82 -13.86
C GLY H 22 -35.82 -22.55 -12.96
N VAL H 23 -35.93 -21.51 -12.14
CA VAL H 23 -34.92 -21.04 -11.17
C VAL H 23 -35.05 -21.89 -9.91
N ILE H 24 -33.95 -22.46 -9.44
CA ILE H 24 -33.94 -23.23 -8.17
C ILE H 24 -32.78 -22.74 -7.32
N LYS H 25 -32.93 -22.78 -6.01
CA LYS H 25 -31.79 -22.47 -5.10
C LYS H 25 -31.04 -23.79 -4.82
N LEU H 26 -29.71 -23.77 -4.90
CA LEU H 26 -28.88 -24.93 -4.50
C LEU H 26 -28.16 -24.56 -3.23
N PRO H 27 -27.97 -25.52 -2.28
CA PRO H 27 -28.61 -26.84 -2.35
C PRO H 27 -30.05 -26.97 -1.79
N ASP H 28 -30.62 -25.87 -1.26
CA ASP H 28 -31.91 -25.83 -0.49
C ASP H 28 -33.03 -26.61 -1.18
N HIS H 29 -33.18 -26.47 -2.51
CA HIS H 29 -34.29 -27.08 -3.29
C HIS H 29 -34.31 -28.59 -3.06
N TYR H 30 -33.13 -29.23 -2.91
CA TYR H 30 -33.05 -30.69 -2.68
C TYR H 30 -33.05 -31.00 -1.17
N VAL H 31 -32.26 -30.29 -0.36
CA VAL H 31 -32.18 -30.45 1.14
C VAL H 31 -33.62 -30.52 1.66
N SER H 32 -34.42 -29.50 1.34
CA SER H 32 -35.84 -29.32 1.77
C SER H 32 -36.72 -30.52 1.36
N GLN H 33 -36.37 -31.32 0.35
CA GLN H 33 -37.14 -32.56 0.04
C GLN H 33 -36.48 -33.80 0.65
N GLY H 34 -35.45 -33.67 1.50
CA GLY H 34 -34.64 -34.81 1.95
C GLY H 34 -34.03 -35.60 0.79
N LYS H 35 -33.67 -34.93 -0.33
CA LYS H 35 -33.02 -35.62 -1.47
C LYS H 35 -31.52 -35.30 -1.54
N TRP H 36 -30.74 -36.31 -1.89
CA TRP H 36 -29.37 -36.14 -2.44
C TRP H 36 -29.52 -35.61 -3.86
N PHE H 37 -28.52 -34.91 -4.38
CA PHE H 37 -28.43 -34.70 -5.84
C PHE H 37 -27.01 -34.91 -6.33
N VAL H 38 -26.95 -35.36 -7.57
CA VAL H 38 -25.72 -35.34 -8.36
C VAL H 38 -25.86 -34.18 -9.34
N LEU H 39 -25.05 -33.15 -9.15
CA LEU H 39 -24.80 -32.11 -10.19
C LEU H 39 -23.62 -32.58 -11.06
N PHE H 40 -23.82 -32.62 -12.36
CA PHE H 40 -22.78 -32.98 -13.33
C PHE H 40 -22.81 -31.95 -14.46
N SER H 41 -21.66 -31.76 -15.10
CA SER H 41 -21.42 -30.76 -16.15
C SER H 41 -21.02 -31.47 -17.45
N HIS H 42 -21.23 -30.79 -18.57
CA HIS H 42 -20.80 -31.22 -19.91
C HIS H 42 -20.43 -29.95 -20.65
N PRO H 43 -19.51 -30.02 -21.64
CA PRO H 43 -18.99 -28.81 -22.26
C PRO H 43 -19.99 -27.93 -23.03
N ALA H 44 -20.85 -28.55 -23.82
CA ALA H 44 -21.85 -27.81 -24.64
C ALA H 44 -22.95 -28.75 -25.15
N ASP H 45 -24.11 -28.17 -25.43
CA ASP H 45 -25.27 -28.86 -26.06
C ASP H 45 -24.87 -29.30 -27.47
N PHE H 46 -25.51 -30.35 -27.98
CA PHE H 46 -25.30 -30.81 -29.36
C PHE H 46 -23.84 -31.20 -29.53
N THR H 47 -23.32 -31.91 -28.51
CA THR H 47 -22.00 -32.58 -28.53
C THR H 47 -22.23 -34.07 -28.29
N PRO H 48 -21.48 -34.93 -29.00
CA PRO H 48 -21.77 -36.36 -29.04
C PRO H 48 -21.51 -37.13 -27.74
N VAL H 49 -20.37 -36.93 -27.07
CA VAL H 49 -20.09 -37.65 -25.79
C VAL H 49 -21.12 -37.17 -24.77
N SER H 50 -21.34 -35.87 -24.71
CA SER H 50 -22.32 -35.33 -23.73
C SER H 50 -23.68 -36.02 -23.96
N THR H 51 -24.07 -36.24 -25.21
CA THR H 51 -25.39 -36.84 -25.56
C THR H 51 -25.44 -38.27 -25.02
N THR H 52 -24.39 -39.06 -25.24
CA THR H 52 -24.29 -40.45 -24.73
C THR H 52 -24.44 -40.45 -23.19
N GLU H 53 -23.85 -39.47 -22.52
CA GLU H 53 -23.91 -39.44 -21.04
C GLU H 53 -25.33 -39.08 -20.60
N PHE H 54 -25.96 -38.10 -21.27
CA PHE H 54 -27.35 -37.69 -20.95
C PHE H 54 -28.26 -38.91 -21.12
N VAL H 55 -28.04 -39.68 -22.17
CA VAL H 55 -28.88 -40.89 -22.42
C VAL H 55 -28.60 -41.95 -21.34
N SER H 56 -27.33 -42.11 -20.93
CA SER H 56 -26.92 -43.06 -19.85
C SER H 56 -27.68 -42.74 -18.55
N PHE H 57 -27.62 -41.47 -18.15
CA PHE H 57 -28.25 -40.93 -16.92
C PHE H 57 -29.77 -41.13 -16.99
N ALA H 58 -30.39 -40.88 -18.15
CA ALA H 58 -31.85 -41.02 -18.36
C ALA H 58 -32.26 -42.50 -18.21
N ARG H 59 -31.50 -43.40 -18.80
CA ARG H 59 -31.75 -44.86 -18.70
C ARG H 59 -31.70 -45.28 -17.22
N ARG H 60 -30.90 -44.60 -16.40
CA ARG H 60 -30.66 -44.99 -14.99
C ARG H 60 -31.45 -44.10 -14.08
N TYR H 61 -32.30 -43.23 -14.64
CA TYR H 61 -33.16 -42.29 -13.87
C TYR H 61 -33.85 -42.96 -12.68
N GLU H 62 -34.46 -44.11 -12.90
CA GLU H 62 -35.29 -44.80 -11.88
C GLU H 62 -34.37 -45.39 -10.81
N ASP H 63 -33.16 -45.85 -11.18
CA ASP H 63 -32.16 -46.36 -10.19
C ASP H 63 -31.76 -45.22 -9.24
N PHE H 64 -31.62 -44.00 -9.75
CA PHE H 64 -31.32 -42.80 -8.93
C PHE H 64 -32.49 -42.48 -7.99
N GLN H 65 -33.73 -42.56 -8.50
CA GLN H 65 -34.97 -42.21 -7.72
C GLN H 65 -35.21 -43.25 -6.62
N ARG H 66 -34.87 -44.52 -6.88
CA ARG H 66 -34.86 -45.60 -5.85
C ARG H 66 -34.00 -45.14 -4.67
N LEU H 67 -32.84 -44.52 -4.91
CA LEU H 67 -31.90 -44.08 -3.84
C LEU H 67 -32.30 -42.73 -3.25
N GLY H 68 -33.37 -42.10 -3.74
CA GLY H 68 -33.73 -40.74 -3.29
C GLY H 68 -32.70 -39.73 -3.74
N VAL H 69 -32.12 -39.95 -4.92
CA VAL H 69 -31.14 -39.02 -5.56
C VAL H 69 -31.79 -38.35 -6.77
N ASP H 70 -31.69 -37.02 -6.85
CA ASP H 70 -32.06 -36.24 -8.07
C ASP H 70 -30.82 -35.93 -8.90
N LEU H 71 -31.01 -35.76 -10.20
CA LEU H 71 -29.98 -35.37 -11.20
C LEU H 71 -30.20 -33.92 -11.63
N ILE H 72 -29.10 -33.18 -11.80
CA ILE H 72 -29.12 -31.82 -12.41
C ILE H 72 -27.85 -31.62 -13.24
N GLY H 73 -28.02 -31.25 -14.50
CA GLY H 73 -26.91 -31.00 -15.44
C GLY H 73 -26.47 -29.55 -15.43
N LEU H 74 -25.49 -29.21 -16.27
CA LEU H 74 -24.86 -27.87 -16.29
C LEU H 74 -23.99 -27.81 -17.55
N SER H 75 -24.23 -26.80 -18.39
CA SER H 75 -23.27 -26.33 -19.43
C SER H 75 -23.40 -24.79 -19.57
N VAL H 76 -22.49 -24.20 -20.33
CA VAL H 76 -22.44 -22.73 -20.56
C VAL H 76 -23.50 -22.33 -21.61
N ASP H 77 -24.22 -23.28 -22.20
CA ASP H 77 -25.31 -23.01 -23.16
C ASP H 77 -26.53 -22.50 -22.39
N SER H 78 -27.44 -21.81 -23.10
CA SER H 78 -28.64 -21.15 -22.52
C SER H 78 -29.82 -22.12 -22.58
N VAL H 79 -30.90 -21.71 -21.92
CA VAL H 79 -32.12 -22.55 -21.66
C VAL H 79 -32.71 -23.01 -22.99
N CYS H 80 -32.86 -22.10 -23.95
CA CYS H 80 -33.50 -22.46 -25.23
C CYS H 80 -32.65 -23.55 -25.92
N SER H 81 -31.32 -23.44 -25.94
CA SER H 81 -30.44 -24.52 -26.47
C SER H 81 -30.67 -25.80 -25.69
N HIS H 82 -30.75 -25.76 -24.35
CA HIS H 82 -31.00 -26.99 -23.53
C HIS H 82 -32.28 -27.70 -23.99
N ILE H 83 -33.38 -26.95 -24.16
CA ILE H 83 -34.69 -27.52 -24.54
C ILE H 83 -34.59 -28.04 -25.99
N LYS H 84 -33.98 -27.29 -26.91
CA LYS H 84 -33.87 -27.80 -28.31
C LYS H 84 -33.08 -29.12 -28.30
N TRP H 85 -32.00 -29.20 -27.52
CA TRP H 85 -31.11 -30.39 -27.46
C TRP H 85 -31.90 -31.58 -26.93
N LYS H 86 -32.65 -31.36 -25.86
CA LYS H 86 -33.49 -32.41 -25.24
C LYS H 86 -34.49 -32.95 -26.26
N GLU H 87 -35.18 -32.04 -26.99
CA GLU H 87 -36.16 -32.42 -28.05
C GLU H 87 -35.44 -33.28 -29.08
N TRP H 88 -34.24 -32.87 -29.53
CA TRP H 88 -33.44 -33.65 -30.52
C TRP H 88 -33.16 -35.08 -29.99
N ILE H 89 -32.80 -35.23 -28.71
CA ILE H 89 -32.51 -36.59 -28.13
C ILE H 89 -33.81 -37.41 -28.08
N GLU H 90 -34.94 -36.80 -27.70
CA GLU H 90 -36.25 -37.53 -27.65
C GLU H 90 -36.59 -38.02 -29.06
N ARG H 91 -36.51 -37.12 -30.05
CA ARG H 91 -36.90 -37.35 -31.46
C ARG H 91 -35.97 -38.39 -32.14
N HIS H 92 -34.66 -38.29 -32.01
CA HIS H 92 -33.69 -39.08 -32.82
C HIS H 92 -33.26 -40.35 -32.07
N ILE H 93 -33.29 -40.38 -30.73
CA ILE H 93 -32.78 -41.54 -29.94
C ILE H 93 -33.92 -42.27 -29.20
N GLY H 94 -35.05 -41.59 -28.94
CA GLY H 94 -36.26 -42.20 -28.37
C GLY H 94 -36.22 -42.15 -26.86
N VAL H 95 -35.39 -41.28 -26.29
CA VAL H 95 -35.14 -41.19 -24.82
C VAL H 95 -35.48 -39.77 -24.35
N ARG H 96 -36.42 -39.66 -23.41
CA ARG H 96 -36.79 -38.38 -22.75
C ARG H 96 -35.77 -38.12 -21.64
N ILE H 97 -35.21 -36.91 -21.58
CA ILE H 97 -34.35 -36.44 -20.46
C ILE H 97 -35.26 -35.77 -19.42
N PRO H 98 -35.53 -36.41 -18.27
CA PRO H 98 -36.51 -35.87 -17.33
C PRO H 98 -35.97 -34.83 -16.34
N PHE H 99 -34.66 -34.62 -16.26
CA PHE H 99 -34.03 -33.87 -15.14
C PHE H 99 -33.58 -32.54 -15.71
N PRO H 100 -33.49 -31.49 -14.87
CA PRO H 100 -33.13 -30.16 -15.33
C PRO H 100 -31.65 -30.02 -15.74
N ILE H 101 -31.40 -29.01 -16.58
CA ILE H 101 -30.03 -28.58 -16.94
C ILE H 101 -29.87 -27.11 -16.61
N ILE H 102 -28.82 -26.79 -15.87
CA ILE H 102 -28.47 -25.39 -15.55
C ILE H 102 -27.93 -24.73 -16.82
N ALA H 103 -28.37 -23.50 -17.11
CA ALA H 103 -27.75 -22.60 -18.11
C ALA H 103 -26.72 -21.73 -17.38
N ASP H 104 -25.45 -21.78 -17.81
CA ASP H 104 -24.38 -21.01 -17.11
C ASP H 104 -23.61 -20.13 -18.08
N PRO H 105 -24.29 -19.25 -18.86
CA PRO H 105 -23.64 -18.43 -19.89
C PRO H 105 -22.40 -17.62 -19.46
N GLN H 106 -22.39 -17.00 -18.30
CA GLN H 106 -21.14 -16.24 -17.98
C GLN H 106 -20.15 -17.16 -17.23
N GLY H 107 -20.42 -18.47 -17.08
CA GLY H 107 -19.58 -19.40 -16.29
C GLY H 107 -19.57 -19.06 -14.81
N THR H 108 -20.60 -18.37 -14.31
CA THR H 108 -20.72 -17.95 -12.90
C THR H 108 -20.67 -19.22 -12.04
N VAL H 109 -21.49 -20.22 -12.34
CA VAL H 109 -21.53 -21.50 -11.60
C VAL H 109 -20.24 -22.30 -11.86
N ALA H 110 -19.79 -22.35 -13.11
CA ALA H 110 -18.57 -23.09 -13.52
C ALA H 110 -17.40 -22.62 -12.64
N ARG H 111 -17.19 -21.30 -12.48
CA ARG H 111 -16.02 -20.78 -11.73
C ARG H 111 -16.16 -21.13 -10.23
N ARG H 112 -17.36 -21.04 -9.70
CA ARG H 112 -17.64 -21.41 -8.30
C ARG H 112 -17.28 -22.89 -8.05
N LEU H 113 -17.58 -23.81 -8.98
CA LEU H 113 -17.41 -25.27 -8.78
C LEU H 113 -16.08 -25.77 -9.39
N GLY H 114 -15.27 -24.87 -9.95
CA GLY H 114 -13.96 -25.15 -10.58
C GLY H 114 -14.10 -26.09 -11.77
N LEU H 115 -15.10 -25.86 -12.62
CA LEU H 115 -15.39 -26.75 -13.78
C LEU H 115 -14.67 -26.26 -15.04
N LEU H 116 -13.92 -25.15 -14.98
CA LEU H 116 -13.11 -24.67 -16.15
C LEU H 116 -11.65 -25.06 -15.91
N HIS H 117 -11.19 -26.12 -16.58
CA HIS H 117 -9.81 -26.64 -16.49
C HIS H 117 -9.08 -26.13 -17.74
N ALA H 118 -7.82 -26.53 -17.92
CA ALA H 118 -6.90 -25.95 -18.92
C ALA H 118 -7.23 -26.51 -20.31
N GLU H 119 -7.98 -27.60 -20.37
CA GLU H 119 -8.46 -28.19 -21.65
C GLU H 119 -9.34 -27.21 -22.45
N SER H 120 -10.02 -26.25 -21.81
CA SER H 120 -10.89 -25.25 -22.47
C SER H 120 -11.15 -24.07 -21.54
N ALA H 121 -10.88 -22.85 -21.99
CA ALA H 121 -11.09 -21.65 -21.17
C ALA H 121 -12.58 -21.32 -21.17
N THR H 122 -13.40 -21.93 -22.05
CA THR H 122 -14.80 -21.49 -22.32
C THR H 122 -15.85 -22.55 -21.97
N HIS H 123 -15.51 -23.84 -22.02
CA HIS H 123 -16.46 -24.96 -21.76
C HIS H 123 -16.01 -25.76 -20.53
N THR H 124 -16.96 -26.16 -19.71
CA THR H 124 -16.72 -27.00 -18.51
C THR H 124 -16.29 -28.39 -18.95
N VAL H 125 -15.38 -28.98 -18.17
CA VAL H 125 -15.04 -30.44 -18.23
C VAL H 125 -16.24 -31.21 -17.68
N ARG H 126 -16.11 -32.53 -17.55
CA ARG H 126 -17.21 -33.42 -17.14
C ARG H 126 -17.13 -33.57 -15.60
N GLY H 127 -17.54 -32.54 -14.87
CA GLY H 127 -17.58 -32.50 -13.40
C GLY H 127 -18.70 -33.34 -12.83
N VAL H 128 -18.47 -33.96 -11.67
CA VAL H 128 -19.54 -34.63 -10.89
C VAL H 128 -19.40 -34.23 -9.43
N PHE H 129 -20.45 -33.62 -8.86
CA PHE H 129 -20.62 -33.29 -7.44
C PHE H 129 -21.76 -34.12 -6.87
N ILE H 130 -21.41 -35.03 -5.96
CA ILE H 130 -22.38 -35.86 -5.21
C ILE H 130 -22.62 -35.16 -3.86
N VAL H 131 -23.86 -34.74 -3.63
CA VAL H 131 -24.30 -33.84 -2.53
C VAL H 131 -25.41 -34.57 -1.78
N ASP H 132 -25.27 -34.71 -0.46
CA ASP H 132 -26.19 -35.52 0.40
C ASP H 132 -27.36 -34.61 0.79
N ALA H 133 -28.31 -35.14 1.55
CA ALA H 133 -29.59 -34.47 1.81
C ALA H 133 -29.40 -33.43 2.90
N ARG H 134 -28.19 -33.25 3.42
CA ARG H 134 -27.86 -32.12 4.32
C ARG H 134 -27.22 -31.00 3.51
N GLY H 135 -26.99 -31.21 2.21
CA GLY H 135 -26.36 -30.20 1.34
C GLY H 135 -24.84 -30.26 1.40
N VAL H 136 -24.27 -31.38 1.87
CA VAL H 136 -22.79 -31.51 2.03
C VAL H 136 -22.24 -32.26 0.82
N ILE H 137 -21.16 -31.75 0.23
CA ILE H 137 -20.42 -32.41 -0.88
C ILE H 137 -19.72 -33.67 -0.33
N ARG H 138 -19.92 -34.81 -0.98
CA ARG H 138 -19.50 -36.15 -0.47
C ARG H 138 -18.43 -36.72 -1.38
N THR H 139 -18.37 -36.29 -2.64
CA THR H 139 -17.49 -36.90 -3.68
C THR H 139 -17.49 -35.94 -4.87
N MET H 140 -16.33 -35.78 -5.51
CA MET H 140 -16.17 -34.91 -6.70
C MET H 140 -15.29 -35.70 -7.67
N LEU H 141 -15.74 -35.78 -8.92
CA LEU H 141 -15.06 -36.44 -10.06
C LEU H 141 -14.91 -35.39 -11.16
N TYR H 142 -13.76 -35.36 -11.82
CA TYR H 142 -13.46 -34.45 -12.95
C TYR H 142 -12.99 -35.32 -14.12
N TYR H 143 -13.91 -35.64 -15.03
CA TYR H 143 -13.59 -36.33 -16.30
C TYR H 143 -13.34 -35.27 -17.36
N PRO H 144 -12.52 -35.58 -18.38
CA PRO H 144 -12.19 -34.62 -19.43
C PRO H 144 -13.17 -34.62 -20.61
N MET H 145 -12.93 -33.74 -21.58
CA MET H 145 -13.78 -33.62 -22.80
C MET H 145 -13.86 -34.97 -23.51
N GLU H 146 -12.75 -35.71 -23.61
CA GLU H 146 -12.59 -36.82 -24.58
C GLU H 146 -13.13 -38.14 -23.99
N LEU H 147 -13.61 -38.16 -22.76
CA LEU H 147 -13.90 -39.45 -22.05
C LEU H 147 -15.23 -39.31 -21.32
N GLY H 148 -16.23 -40.09 -21.74
CA GLY H 148 -17.53 -40.22 -21.06
C GLY H 148 -17.36 -40.92 -19.73
N ARG H 149 -18.22 -40.56 -18.77
CA ARG H 149 -18.30 -41.15 -17.42
C ARG H 149 -18.92 -42.56 -17.49
N LEU H 150 -18.61 -43.36 -16.47
CA LEU H 150 -19.23 -44.65 -16.10
C LEU H 150 -20.32 -44.35 -15.08
N VAL H 151 -21.56 -44.22 -15.54
CA VAL H 151 -22.66 -43.68 -14.69
C VAL H 151 -22.97 -44.70 -13.58
N ASP H 152 -22.81 -45.98 -13.84
CA ASP H 152 -22.96 -47.04 -12.80
C ASP H 152 -21.99 -46.80 -11.64
N GLU H 153 -20.79 -46.27 -11.86
CA GLU H 153 -19.89 -45.96 -10.72
C GLU H 153 -20.53 -44.85 -9.89
N ILE H 154 -21.28 -43.93 -10.52
CA ILE H 154 -21.95 -42.83 -9.77
C ILE H 154 -23.06 -43.42 -8.89
N LEU H 155 -23.86 -44.35 -9.42
CA LEU H 155 -24.87 -45.09 -8.61
C LEU H 155 -24.16 -45.82 -7.46
N ARG H 156 -23.07 -46.55 -7.75
CA ARG H 156 -22.33 -47.32 -6.72
C ARG H 156 -21.85 -46.38 -5.62
N ILE H 157 -21.34 -45.20 -5.96
CA ILE H 157 -20.85 -44.21 -4.96
C ILE H 157 -22.05 -43.79 -4.09
N VAL H 158 -23.18 -43.38 -4.68
CA VAL H 158 -24.29 -42.84 -3.83
C VAL H 158 -24.83 -43.99 -2.97
N LYS H 159 -24.95 -45.20 -3.51
CA LYS H 159 -25.50 -46.35 -2.74
C LYS H 159 -24.59 -46.65 -1.53
N ALA H 160 -23.29 -46.76 -1.78
CA ALA H 160 -22.24 -47.08 -0.78
C ALA H 160 -22.12 -45.98 0.28
N LEU H 161 -22.18 -44.71 -0.11
CA LEU H 161 -22.17 -43.57 0.84
C LEU H 161 -23.40 -43.65 1.74
N LYS H 162 -24.59 -43.87 1.18
CA LYS H 162 -25.85 -43.91 1.94
C LYS H 162 -25.84 -45.08 2.93
N LEU H 163 -25.34 -46.24 2.50
CA LEU H 163 -25.19 -47.46 3.33
C LEU H 163 -24.21 -47.16 4.47
N GLY H 164 -23.04 -46.62 4.13
CA GLY H 164 -22.04 -46.18 5.15
C GLY H 164 -22.70 -45.29 6.18
N ASP H 165 -23.45 -44.29 5.73
CA ASP H 165 -24.16 -43.35 6.62
C ASP H 165 -25.13 -44.14 7.51
N SER H 166 -25.96 -45.05 6.96
CA SER H 166 -27.04 -45.69 7.76
C SER H 166 -26.42 -46.72 8.71
N LEU H 167 -25.39 -47.46 8.31
CA LEU H 167 -24.85 -48.57 9.15
C LEU H 167 -23.60 -48.11 9.92
N LYS H 168 -23.21 -46.83 9.78
CA LYS H 168 -22.06 -46.21 10.49
C LYS H 168 -20.83 -47.04 10.18
N ARG H 169 -20.53 -47.19 8.89
CA ARG H 169 -19.44 -48.06 8.41
C ARG H 169 -18.71 -47.35 7.28
N ALA H 170 -17.49 -47.79 7.04
CA ALA H 170 -16.67 -47.37 5.91
C ALA H 170 -16.76 -48.48 4.87
N VAL H 171 -16.60 -48.13 3.61
CA VAL H 171 -16.86 -49.08 2.50
C VAL H 171 -15.53 -49.41 1.87
N PRO H 172 -15.16 -50.71 1.81
CA PRO H 172 -13.85 -51.12 1.33
C PRO H 172 -13.78 -50.95 -0.20
N ALA H 173 -12.56 -50.98 -0.71
CA ALA H 173 -12.31 -50.89 -2.16
C ALA H 173 -13.23 -51.88 -2.90
N ASP H 174 -13.82 -51.48 -4.02
CA ASP H 174 -14.45 -52.39 -5.01
C ASP H 174 -15.71 -53.02 -4.42
N TRP H 175 -16.26 -52.45 -3.33
CA TRP H 175 -17.46 -53.02 -2.65
C TRP H 175 -18.62 -53.02 -3.64
N PRO H 176 -19.48 -54.06 -3.69
CA PRO H 176 -19.51 -55.16 -2.73
C PRO H 176 -18.72 -56.42 -3.08
N ASN H 177 -17.75 -56.30 -3.97
CA ASN H 177 -16.88 -57.40 -4.44
C ASN H 177 -15.45 -57.18 -3.92
N ASN H 178 -15.26 -56.77 -2.66
CA ASN H 178 -13.88 -56.49 -2.17
C ASN H 178 -13.12 -57.81 -2.00
N GLU H 179 -11.84 -57.85 -2.34
CA GLU H 179 -11.06 -59.10 -2.47
C GLU H 179 -10.66 -59.64 -1.10
N ILE H 180 -10.72 -58.83 -0.06
CA ILE H 180 -10.32 -59.24 1.32
C ILE H 180 -11.57 -59.69 2.10
N ILE H 181 -12.60 -58.84 2.12
CA ILE H 181 -13.83 -59.02 2.95
C ILE H 181 -15.11 -59.07 2.10
N GLY H 182 -15.03 -59.09 0.76
CA GLY H 182 -16.21 -59.22 -0.11
C GLY H 182 -17.20 -58.07 0.09
N GLU H 183 -18.37 -58.38 0.65
CA GLU H 183 -19.49 -57.43 0.86
C GLU H 183 -19.43 -56.89 2.29
N GLY H 184 -18.40 -57.24 3.06
CA GLY H 184 -18.20 -56.71 4.41
C GLY H 184 -18.00 -55.21 4.40
N LEU H 185 -18.45 -54.55 5.45
CA LEU H 185 -18.30 -53.11 5.70
C LEU H 185 -17.40 -52.95 6.93
N ILE H 186 -16.58 -51.90 6.93
CA ILE H 186 -15.44 -51.69 7.87
C ILE H 186 -15.97 -50.85 9.03
N VAL H 187 -15.68 -51.30 10.26
CA VAL H 187 -16.00 -50.50 11.48
C VAL H 187 -14.95 -49.38 11.55
N PRO H 188 -15.35 -48.09 11.68
CA PRO H 188 -14.40 -46.99 11.80
C PRO H 188 -13.40 -47.31 12.90
N PRO H 189 -12.08 -47.20 12.64
CA PRO H 189 -11.07 -47.62 13.61
C PRO H 189 -11.11 -46.86 14.92
N PRO H 190 -10.56 -47.47 16.00
CA PRO H 190 -10.40 -46.78 17.28
C PRO H 190 -9.53 -45.54 17.03
N THR H 191 -9.71 -44.49 17.81
CA THR H 191 -8.91 -43.25 17.76
C THR H 191 -8.04 -43.11 19.01
N THR H 192 -8.17 -44.01 20.00
CA THR H 192 -7.37 -44.00 21.25
C THR H 192 -6.85 -45.40 21.55
N GLU H 193 -5.81 -45.48 22.37
CA GLU H 193 -5.27 -46.77 22.87
C GLU H 193 -6.34 -47.50 23.71
N ASP H 194 -7.06 -46.80 24.59
CA ASP H 194 -8.12 -47.43 25.43
C ASP H 194 -9.18 -48.10 24.53
N GLN H 195 -9.62 -47.43 23.45
CA GLN H 195 -10.63 -47.99 22.50
C GLN H 195 -10.01 -49.15 21.72
N ALA H 196 -8.76 -49.02 21.30
CA ALA H 196 -8.08 -50.09 20.56
C ALA H 196 -8.07 -51.36 21.43
N ARG H 197 -7.75 -51.24 22.73
CA ARG H 197 -7.74 -52.39 23.67
C ARG H 197 -9.17 -52.91 23.92
N ALA H 198 -10.15 -52.03 24.15
CA ALA H 198 -11.58 -52.38 24.39
C ALA H 198 -12.14 -53.15 23.19
N ARG H 199 -11.69 -52.82 21.97
CA ARG H 199 -12.14 -53.46 20.71
C ARG H 199 -11.61 -54.89 20.66
N MET H 200 -10.30 -55.08 20.78
CA MET H 200 -9.65 -56.42 20.63
C MET H 200 -10.01 -57.35 21.80
N GLU H 201 -10.57 -56.83 22.90
CA GLU H 201 -11.05 -57.64 24.05
C GLU H 201 -12.55 -57.95 23.87
N SER H 202 -13.27 -57.14 23.08
CA SER H 202 -14.71 -57.34 22.77
C SER H 202 -14.90 -58.67 22.03
N GLY H 203 -14.01 -59.00 21.08
CA GLY H 203 -14.22 -60.05 20.06
C GLY H 203 -15.55 -59.88 19.32
N GLN H 204 -16.13 -58.68 19.40
CA GLN H 204 -17.46 -58.28 18.85
C GLN H 204 -17.46 -58.41 17.32
N TYR H 205 -16.31 -58.20 16.66
CA TYR H 205 -16.20 -58.18 15.17
C TYR H 205 -15.07 -59.10 14.72
N ARG H 206 -15.15 -59.59 13.48
CA ARG H 206 -13.98 -60.12 12.75
C ARG H 206 -12.95 -58.97 12.64
N SER H 207 -11.67 -59.29 12.76
CA SER H 207 -10.54 -58.32 12.84
C SER H 207 -9.33 -58.95 12.19
N LEU H 208 -8.59 -58.18 11.40
CA LEU H 208 -7.20 -58.48 11.04
C LEU H 208 -6.23 -57.80 12.03
N ASP H 209 -6.67 -56.78 12.77
CA ASP H 209 -5.86 -56.07 13.81
C ASP H 209 -6.83 -55.11 14.47
N TRP H 210 -6.41 -54.42 15.53
CA TRP H 210 -7.29 -53.47 16.28
C TRP H 210 -7.78 -52.34 15.34
N TRP H 211 -7.11 -52.08 14.21
CA TRP H 211 -7.51 -50.96 13.28
C TRP H 211 -8.31 -51.46 12.06
N PHE H 212 -8.38 -52.78 11.84
CA PHE H 212 -9.06 -53.43 10.68
C PHE H 212 -10.07 -54.45 11.21
N SER H 213 -11.23 -53.95 11.63
CA SER H 213 -12.43 -54.73 12.03
C SER H 213 -13.54 -54.52 10.99
N TRP H 214 -14.41 -55.52 10.82
CA TRP H 214 -15.56 -55.47 9.88
C TRP H 214 -16.62 -56.50 10.24
N ASP H 215 -17.77 -56.38 9.60
CA ASP H 215 -18.96 -57.26 9.80
C ASP H 215 -19.75 -57.18 8.49
N THR H 216 -20.95 -57.77 8.43
CA THR H 216 -21.70 -57.99 7.17
C THR H 216 -23.12 -57.50 7.40
N PRO H 217 -23.30 -56.22 7.78
CA PRO H 217 -24.59 -55.71 8.22
C PRO H 217 -25.45 -55.22 7.05
N ALA H 218 -24.94 -55.24 5.81
CA ALA H 218 -25.74 -54.82 4.63
C ALA H 218 -26.81 -55.88 4.33
N SER H 219 -28.04 -55.49 3.99
CA SER H 219 -29.12 -56.37 3.46
C SER H 219 -28.61 -57.05 2.18
N ARG H 220 -29.09 -58.26 1.87
CA ARG H 220 -28.74 -58.95 0.60
C ARG H 220 -29.26 -58.10 -0.57
N ASP H 221 -30.38 -57.37 -0.39
CA ASP H 221 -30.91 -56.37 -1.34
C ASP H 221 -29.86 -55.27 -1.60
N ASP H 222 -29.31 -54.66 -0.54
CA ASP H 222 -28.27 -53.60 -0.62
C ASP H 222 -27.11 -54.12 -1.47
N VAL H 223 -26.67 -55.31 -1.17
CA VAL H 223 -25.46 -55.91 -1.81
C VAL H 223 -25.77 -56.17 -3.27
N GLU H 224 -26.91 -56.78 -3.58
CA GLU H 224 -27.16 -57.26 -4.96
C GLU H 224 -27.53 -56.07 -5.85
N GLU H 225 -28.23 -55.05 -5.32
CA GLU H 225 -28.52 -53.80 -6.07
C GLU H 225 -27.20 -53.17 -6.53
N ALA H 226 -26.22 -53.06 -5.61
CA ALA H 226 -24.90 -52.45 -5.86
C ALA H 226 -24.15 -53.29 -6.90
N ARG H 227 -24.21 -54.60 -6.75
CA ARG H 227 -23.54 -55.51 -7.71
C ARG H 227 -24.23 -55.36 -9.06
N ARG H 228 -25.55 -55.15 -9.05
CA ARG H 228 -26.33 -55.03 -10.31
C ARG H 228 -25.85 -53.81 -11.12
N TYR H 229 -25.52 -52.69 -10.47
CA TYR H 229 -25.01 -51.50 -11.20
C TYR H 229 -23.77 -51.91 -12.00
N LEU H 230 -22.88 -52.69 -11.35
CA LEU H 230 -21.59 -53.10 -11.94
C LEU H 230 -21.82 -54.15 -13.04
N ARG H 231 -22.73 -55.10 -12.82
CA ARG H 231 -23.06 -56.12 -13.86
C ARG H 231 -23.59 -55.38 -15.09
N ARG H 232 -24.43 -54.36 -14.92
CA ARG H 232 -24.91 -53.56 -16.08
C ARG H 232 -23.73 -52.85 -16.76
N ALA H 233 -22.76 -52.34 -15.99
CA ALA H 233 -21.59 -51.65 -16.59
C ALA H 233 -20.84 -52.67 -17.44
N ALA H 234 -20.73 -53.91 -16.97
CA ALA H 234 -19.91 -54.97 -17.59
C ALA H 234 -20.64 -55.67 -18.76
N GLU H 235 -21.95 -55.52 -18.88
CA GLU H 235 -22.83 -56.21 -19.87
C GLU H 235 -22.77 -55.48 -21.22
N LYS H 236 -22.39 -56.22 -22.27
CA LYS H 236 -22.59 -55.85 -23.69
C LYS H 236 -24.08 -55.57 -23.87
N PRO H 237 -24.51 -54.40 -24.40
CA PRO H 237 -25.95 -54.09 -24.44
C PRO H 237 -26.70 -55.03 -25.41
N ALA H 238 -27.94 -55.39 -25.06
CA ALA H 238 -28.83 -56.27 -25.85
C ALA H 238 -29.07 -55.66 -27.24
N LYS H 239 -29.50 -54.40 -27.29
CA LYS H 239 -29.82 -53.67 -28.54
C LYS H 239 -29.29 -52.24 -28.48
N LEU H 240 -28.39 -51.88 -29.39
CA LEU H 240 -27.83 -50.51 -29.51
C LEU H 240 -28.93 -49.56 -30.04
N LEU H 241 -29.06 -48.39 -29.42
CA LEU H 241 -30.14 -47.41 -29.68
C LEU H 241 -29.96 -46.73 -31.04
N TYR H 242 -28.75 -46.70 -31.61
CA TYR H 242 -28.53 -46.16 -32.97
C TYR H 242 -29.28 -47.02 -34.00
N GLU H 243 -29.37 -48.34 -33.77
CA GLU H 243 -30.08 -49.32 -34.66
C GLU H 243 -31.41 -48.71 -35.13
N GLU H 244 -32.18 -48.19 -34.17
CA GLU H 244 -33.63 -47.87 -34.28
C GLU H 244 -33.78 -46.34 -34.29
N ALA H 245 -33.26 -45.70 -35.34
CA ALA H 245 -33.20 -44.23 -35.52
C ALA H 245 -33.48 -43.88 -36.98
N PRO I 2 -7.42 26.19 -1.80
CA PRO I 2 -7.66 24.92 -2.52
C PRO I 2 -7.66 25.02 -4.06
N GLY I 3 -6.54 25.49 -4.63
CA GLY I 3 -6.22 25.39 -6.08
C GLY I 3 -4.75 25.67 -6.36
N SER I 4 -4.17 25.00 -7.36
CA SER I 4 -2.73 25.05 -7.74
C SER I 4 -2.53 26.00 -8.94
N ILE I 5 -1.48 26.83 -8.92
CA ILE I 5 -1.17 27.79 -10.02
C ILE I 5 0.29 27.62 -10.43
N PRO I 6 0.67 27.94 -11.69
CA PRO I 6 2.08 28.05 -12.03
C PRO I 6 2.63 29.25 -11.24
N LEU I 7 3.94 29.49 -11.29
CA LEU I 7 4.58 30.50 -10.40
C LEU I 7 5.47 31.44 -11.21
N ILE I 8 5.59 32.68 -10.75
CA ILE I 8 6.59 33.69 -11.20
C ILE I 8 7.96 33.04 -11.09
N GLY I 9 8.78 33.14 -12.16
CA GLY I 9 10.11 32.53 -12.27
C GLY I 9 10.13 31.14 -12.89
N GLU I 10 9.01 30.41 -12.88
CA GLU I 10 8.84 29.14 -13.64
C GLU I 10 8.69 29.47 -15.15
N ARG I 11 9.20 28.62 -16.02
CA ARG I 11 8.86 28.62 -17.47
C ARG I 11 7.35 28.37 -17.58
N PHE I 12 6.65 29.10 -18.45
CA PHE I 12 5.21 28.86 -18.79
C PHE I 12 5.06 27.39 -19.20
N PRO I 13 4.07 26.66 -18.68
CA PRO I 13 3.98 25.22 -18.93
C PRO I 13 3.83 24.89 -20.43
N GLU I 14 4.64 23.95 -20.92
CA GLU I 14 4.62 23.44 -22.32
C GLU I 14 3.22 22.92 -22.65
N MET I 15 2.55 23.45 -23.66
CA MET I 15 1.20 22.93 -24.03
C MET I 15 0.90 23.30 -25.47
N GLU I 16 0.14 22.44 -26.14
CA GLU I 16 -0.49 22.70 -27.45
C GLU I 16 -1.89 23.23 -27.16
N VAL I 17 -2.25 24.38 -27.72
CA VAL I 17 -3.59 25.02 -27.55
C VAL I 17 -4.19 25.28 -28.93
N THR I 18 -5.51 25.17 -29.03
CA THR I 18 -6.31 25.50 -30.24
C THR I 18 -6.85 26.92 -30.04
N THR I 19 -6.53 27.81 -30.96
CA THR I 19 -7.05 29.19 -31.02
C THR I 19 -7.90 29.31 -32.28
N ASP I 20 -8.57 30.45 -32.42
CA ASP I 20 -9.33 30.82 -33.64
C ASP I 20 -8.38 31.31 -34.74
N HIS I 21 -7.06 31.30 -34.52
CA HIS I 21 -6.03 31.55 -35.58
C HIS I 21 -5.36 30.22 -35.97
N GLY I 22 -5.62 29.13 -35.26
CA GLY I 22 -4.91 27.86 -35.51
C GLY I 22 -4.35 27.27 -34.23
N VAL I 23 -3.62 26.18 -34.35
CA VAL I 23 -2.98 25.42 -33.24
C VAL I 23 -1.59 26.06 -33.05
N ILE I 24 -1.23 26.39 -31.82
CA ILE I 24 0.14 26.85 -31.49
C ILE I 24 0.62 26.10 -30.26
N LYS I 25 1.93 26.06 -30.09
CA LYS I 25 2.61 25.51 -28.90
C LYS I 25 2.99 26.70 -28.02
N LEU I 26 2.65 26.70 -26.73
CA LEU I 26 3.05 27.76 -25.78
C LEU I 26 4.13 27.17 -24.89
N PRO I 27 5.13 27.96 -24.45
CA PRO I 27 5.32 29.35 -24.87
C PRO I 27 6.06 29.49 -26.21
N ASP I 28 6.46 28.33 -26.77
CA ASP I 28 7.46 28.21 -27.86
C ASP I 28 7.11 29.14 -29.01
N HIS I 29 5.81 29.27 -29.33
CA HIS I 29 5.32 30.06 -30.49
C HIS I 29 5.74 31.53 -30.36
N TYR I 30 5.81 32.07 -29.15
CA TYR I 30 6.22 33.49 -28.95
C TYR I 30 7.74 33.57 -28.68
N VAL I 31 8.30 32.63 -27.90
CA VAL I 31 9.77 32.54 -27.66
C VAL I 31 10.54 32.55 -28.98
N SER I 32 10.12 31.70 -29.93
CA SER I 32 10.60 31.60 -31.34
C SER I 32 10.76 32.98 -31.97
N GLN I 33 9.82 33.91 -31.71
CA GLN I 33 9.76 35.22 -32.39
C GLN I 33 10.44 36.31 -31.54
N GLY I 34 11.02 35.94 -30.39
CA GLY I 34 11.55 36.88 -29.39
C GLY I 34 10.47 37.78 -28.80
N LYS I 35 9.22 37.30 -28.76
CA LYS I 35 8.08 38.13 -28.26
C LYS I 35 7.74 37.71 -26.83
N TRP I 36 7.39 38.68 -26.01
CA TRP I 36 6.57 38.46 -24.78
C TRP I 36 5.14 38.09 -25.21
N PHE I 37 4.35 37.47 -24.35
CA PHE I 37 2.89 37.48 -24.52
C PHE I 37 2.19 37.73 -23.19
N VAL I 38 0.99 38.27 -23.29
CA VAL I 38 0.01 38.38 -22.18
C VAL I 38 -1.11 37.42 -22.51
N LEU I 39 -1.15 36.27 -21.81
CA LEU I 39 -2.29 35.36 -21.88
C LEU I 39 -3.26 35.85 -20.82
N PHE I 40 -4.49 36.15 -21.22
CA PHE I 40 -5.55 36.56 -20.27
C PHE I 40 -6.80 35.72 -20.58
N SER I 41 -7.60 35.46 -19.55
CA SER I 41 -8.82 34.62 -19.62
C SER I 41 -10.07 35.47 -19.38
N HIS I 42 -11.21 34.95 -19.81
CA HIS I 42 -12.53 35.57 -19.59
C HIS I 42 -13.51 34.41 -19.46
N PRO I 43 -14.55 34.56 -18.61
CA PRO I 43 -15.45 33.48 -18.28
C PRO I 43 -16.14 32.85 -19.49
N ALA I 44 -16.72 33.67 -20.36
CA ALA I 44 -17.41 33.16 -21.57
C ALA I 44 -17.54 34.23 -22.64
N ASP I 45 -17.70 33.77 -23.87
CA ASP I 45 -17.97 34.68 -25.01
C ASP I 45 -19.38 35.24 -24.81
N PHE I 46 -19.66 36.41 -25.35
CA PHE I 46 -21.03 36.99 -25.33
C PHE I 46 -21.41 37.23 -23.86
N THR I 47 -20.43 37.71 -23.10
CA THR I 47 -20.57 38.32 -21.76
C THR I 47 -20.08 39.76 -21.86
N PRO I 48 -20.78 40.69 -21.19
CA PRO I 48 -20.53 42.12 -21.36
C PRO I 48 -19.22 42.65 -20.72
N VAL I 49 -18.84 42.23 -19.52
CA VAL I 49 -17.55 42.73 -18.94
C VAL I 49 -16.43 42.26 -19.87
N SER I 50 -16.44 40.99 -20.24
CA SER I 50 -15.47 40.35 -21.16
C SER I 50 -15.39 41.16 -22.45
N THR I 51 -16.56 41.53 -23.00
CA THR I 51 -16.64 42.27 -24.27
C THR I 51 -15.89 43.60 -24.10
N THR I 52 -16.11 44.31 -22.99
CA THR I 52 -15.46 45.62 -22.72
C THR I 52 -13.95 45.44 -22.61
N GLU I 53 -13.49 44.32 -22.04
CA GLU I 53 -12.05 44.04 -21.86
C GLU I 53 -11.38 43.75 -23.21
N PHE I 54 -12.02 42.97 -24.07
CA PHE I 54 -11.52 42.71 -25.46
C PHE I 54 -11.42 44.03 -26.22
N VAL I 55 -12.40 44.90 -26.08
CA VAL I 55 -12.36 46.22 -26.77
C VAL I 55 -11.21 47.06 -26.19
N SER I 56 -11.00 47.05 -24.88
CA SER I 56 -9.87 47.77 -24.24
C SER I 56 -8.51 47.23 -24.74
N PHE I 57 -8.33 45.91 -24.78
CA PHE I 57 -7.12 45.26 -25.32
C PHE I 57 -6.92 45.68 -26.79
N ALA I 58 -7.98 45.62 -27.61
CA ALA I 58 -7.88 45.94 -29.05
C ALA I 58 -7.43 47.40 -29.19
N ARG I 59 -7.97 48.31 -28.38
CA ARG I 59 -7.55 49.73 -28.40
C ARG I 59 -6.05 49.86 -28.05
N ARG I 60 -5.52 49.01 -27.17
CA ARG I 60 -4.11 49.10 -26.69
C ARG I 60 -3.18 48.20 -27.52
N TYR I 61 -3.67 47.61 -28.61
CA TYR I 61 -2.95 46.60 -29.43
C TYR I 61 -1.63 47.17 -30.00
N GLU I 62 -1.67 48.40 -30.54
CA GLU I 62 -0.47 49.09 -31.07
C GLU I 62 0.53 49.30 -29.93
N ASP I 63 0.06 49.68 -28.75
CA ASP I 63 0.96 49.95 -27.60
C ASP I 63 1.64 48.64 -27.21
N PHE I 64 0.87 47.55 -27.10
CA PHE I 64 1.43 46.22 -26.79
C PHE I 64 2.47 45.82 -27.87
N GLN I 65 2.11 46.01 -29.15
CA GLN I 65 2.99 45.62 -30.30
C GLN I 65 4.33 46.38 -30.20
N ARG I 66 4.30 47.68 -29.87
CA ARG I 66 5.51 48.52 -29.82
C ARG I 66 6.47 48.00 -28.74
N LEU I 67 5.96 47.29 -27.73
CA LEU I 67 6.80 46.71 -26.66
C LEU I 67 7.21 45.29 -27.03
N GLY I 68 6.82 44.78 -28.20
CA GLY I 68 7.13 43.38 -28.58
C GLY I 68 6.31 42.40 -27.74
N VAL I 69 5.06 42.74 -27.44
CA VAL I 69 4.16 41.89 -26.61
C VAL I 69 2.97 41.49 -27.47
N ASP I 70 2.75 40.19 -27.61
CA ASP I 70 1.55 39.64 -28.28
C ASP I 70 0.51 39.33 -27.20
N LEU I 71 -0.74 39.23 -27.63
CA LEU I 71 -1.94 39.14 -26.77
C LEU I 71 -2.59 37.82 -27.13
N ILE I 72 -3.01 37.04 -26.15
CA ILE I 72 -3.77 35.80 -26.47
C ILE I 72 -4.82 35.58 -25.37
N GLY I 73 -6.09 35.50 -25.79
CA GLY I 73 -7.25 35.26 -24.90
C GLY I 73 -7.46 33.78 -24.65
N LEU I 74 -8.40 33.46 -23.77
CA LEU I 74 -8.72 32.08 -23.30
C LEU I 74 -10.12 32.12 -22.68
N SER I 75 -11.01 31.28 -23.17
CA SER I 75 -12.25 30.88 -22.47
C SER I 75 -12.53 29.40 -22.74
N VAL I 76 -13.47 28.83 -22.00
CA VAL I 76 -13.90 27.42 -22.19
C VAL I 76 -14.85 27.30 -23.40
N ASP I 77 -15.10 28.38 -24.15
CA ASP I 77 -15.95 28.31 -25.37
C ASP I 77 -15.12 27.79 -26.54
N SER I 78 -15.81 27.33 -27.58
CA SER I 78 -15.24 26.67 -28.78
C SER I 78 -14.82 27.75 -29.80
N VAL I 79 -13.98 27.38 -30.75
CA VAL I 79 -13.44 28.29 -31.81
C VAL I 79 -14.61 28.98 -32.53
N CYS I 80 -15.68 28.25 -32.87
CA CYS I 80 -16.86 28.77 -33.60
C CYS I 80 -17.47 29.94 -32.81
N SER I 81 -17.68 29.79 -31.51
CA SER I 81 -18.18 30.87 -30.62
C SER I 81 -17.23 32.06 -30.71
N HIS I 82 -15.92 31.81 -30.60
CA HIS I 82 -14.90 32.91 -30.59
C HIS I 82 -15.10 33.76 -31.85
N ILE I 83 -15.27 33.11 -32.99
CA ILE I 83 -15.32 33.82 -34.29
C ILE I 83 -16.65 34.55 -34.38
N LYS I 84 -17.76 33.93 -33.91
CA LYS I 84 -19.08 34.61 -33.94
C LYS I 84 -19.03 35.85 -33.03
N TRP I 85 -18.43 35.71 -31.85
CA TRP I 85 -18.35 36.81 -30.86
C TRP I 85 -17.51 37.96 -31.44
N LYS I 86 -16.37 37.65 -32.06
CA LYS I 86 -15.52 38.69 -32.71
C LYS I 86 -16.32 39.37 -33.83
N GLU I 87 -17.09 38.59 -34.58
CA GLU I 87 -17.97 39.12 -35.67
C GLU I 87 -18.96 40.10 -35.01
N TRP I 88 -19.55 39.69 -33.88
CA TRP I 88 -20.51 40.56 -33.17
C TRP I 88 -19.84 41.86 -32.71
N ILE I 89 -18.67 41.80 -32.07
CA ILE I 89 -17.97 43.03 -31.60
C ILE I 89 -17.69 43.94 -32.80
N GLU I 90 -17.27 43.40 -33.95
CA GLU I 90 -16.93 44.25 -35.12
C GLU I 90 -18.20 44.95 -35.63
N ARG I 91 -19.30 44.21 -35.82
CA ARG I 91 -20.55 44.78 -36.42
C ARG I 91 -21.16 45.79 -35.44
N HIS I 92 -21.31 45.44 -34.15
CA HIS I 92 -22.09 46.26 -33.18
C HIS I 92 -21.24 47.34 -32.49
N ILE I 93 -19.92 47.18 -32.35
CA ILE I 93 -19.06 48.16 -31.62
C ILE I 93 -18.05 48.81 -32.59
N GLY I 94 -17.84 48.21 -33.77
CA GLY I 94 -16.97 48.77 -34.83
C GLY I 94 -15.51 48.62 -34.50
N VAL I 95 -15.15 47.55 -33.82
CA VAL I 95 -13.77 47.30 -33.30
C VAL I 95 -13.42 45.88 -33.69
N ARG I 96 -12.33 45.74 -34.45
CA ARG I 96 -11.78 44.43 -34.84
C ARG I 96 -10.82 43.96 -33.73
N ILE I 97 -10.99 42.72 -33.28
CA ILE I 97 -10.08 42.06 -32.31
C ILE I 97 -9.02 41.35 -33.16
N PRO I 98 -7.77 41.86 -33.22
CA PRO I 98 -6.76 41.24 -34.09
C PRO I 98 -6.07 40.00 -33.49
N PHE I 99 -6.19 39.72 -32.19
CA PHE I 99 -5.35 38.69 -31.53
C PHE I 99 -6.16 37.40 -31.34
N PRO I 100 -5.50 36.25 -31.14
CA PRO I 100 -6.21 34.99 -31.02
C PRO I 100 -6.85 34.78 -29.64
N ILE I 101 -7.83 33.89 -29.61
CA ILE I 101 -8.47 33.42 -28.38
C ILE I 101 -8.34 31.90 -28.37
N ILE I 102 -7.78 31.36 -27.29
CA ILE I 102 -7.73 29.91 -27.02
C ILE I 102 -9.15 29.41 -26.74
N ALA I 103 -9.51 28.27 -27.34
CA ALA I 103 -10.72 27.49 -27.06
C ALA I 103 -10.34 26.37 -26.08
N ASP I 104 -10.91 26.35 -24.87
CA ASP I 104 -10.54 25.36 -23.81
C ASP I 104 -11.79 24.62 -23.32
N PRO I 105 -12.57 23.95 -24.20
CA PRO I 105 -13.83 23.33 -23.79
C PRO I 105 -13.75 22.38 -22.57
N GLN I 106 -12.69 21.62 -22.37
CA GLN I 106 -12.66 20.70 -21.21
C GLN I 106 -11.94 21.35 -20.01
N GLY I 107 -11.46 22.59 -20.14
CA GLY I 107 -10.77 23.32 -19.06
C GLY I 107 -9.38 22.77 -18.80
N THR I 108 -8.80 22.08 -19.79
CA THR I 108 -7.42 21.49 -19.71
C THR I 108 -6.42 22.61 -19.39
N VAL I 109 -6.45 23.70 -20.17
CA VAL I 109 -5.55 24.88 -20.00
C VAL I 109 -5.93 25.58 -18.69
N ALA I 110 -7.23 25.84 -18.48
CA ALA I 110 -7.78 26.51 -17.27
C ALA I 110 -7.18 25.87 -16.01
N ARG I 111 -7.28 24.54 -15.92
CA ARG I 111 -6.90 23.75 -14.72
C ARG I 111 -5.39 23.85 -14.52
N ARG I 112 -4.62 23.72 -15.60
CA ARG I 112 -3.14 23.82 -15.59
C ARG I 112 -2.71 25.21 -15.09
N LEU I 113 -3.47 26.28 -15.37
CA LEU I 113 -3.08 27.68 -15.05
C LEU I 113 -3.82 28.15 -13.78
N GLY I 114 -4.62 27.27 -13.15
CA GLY I 114 -5.40 27.57 -11.93
C GLY I 114 -6.37 28.71 -12.14
N LEU I 115 -7.07 28.69 -13.29
CA LEU I 115 -8.00 29.77 -13.69
C LEU I 115 -9.44 29.41 -13.28
N LEU I 116 -9.64 28.26 -12.63
CA LEU I 116 -10.96 27.84 -12.09
C LEU I 116 -10.95 28.12 -10.58
N HIS I 117 -11.63 29.18 -10.15
CA HIS I 117 -11.71 29.61 -8.73
C HIS I 117 -13.08 29.21 -8.17
N ALA I 118 -13.39 29.55 -6.92
CA ALA I 118 -14.64 29.14 -6.24
C ALA I 118 -15.85 29.88 -6.83
N GLU I 119 -15.67 31.08 -7.39
CA GLU I 119 -16.78 31.84 -8.03
C GLU I 119 -17.51 31.03 -9.12
N SER I 120 -16.82 30.14 -9.85
CA SER I 120 -17.45 29.28 -10.89
C SER I 120 -16.64 27.99 -11.06
N ALA I 121 -17.30 26.83 -11.03
CA ALA I 121 -16.67 25.52 -11.25
C ALA I 121 -16.45 25.28 -12.75
N THR I 122 -17.13 26.04 -13.62
CA THR I 122 -17.24 25.78 -15.09
C THR I 122 -16.53 26.88 -15.92
N HIS I 123 -16.47 28.11 -15.42
CA HIS I 123 -15.91 29.27 -16.15
C HIS I 123 -14.68 29.82 -15.41
N THR I 124 -13.76 30.33 -16.22
CA THR I 124 -12.44 30.86 -15.87
C THR I 124 -12.66 32.26 -15.28
N VAL I 125 -11.93 32.63 -14.24
CA VAL I 125 -11.89 34.03 -13.76
C VAL I 125 -11.07 34.84 -14.77
N ARG I 126 -10.73 36.07 -14.42
CA ARG I 126 -10.02 37.04 -15.30
C ARG I 126 -8.53 36.98 -14.94
N GLY I 127 -7.90 35.88 -15.31
CA GLY I 127 -6.45 35.64 -15.13
C GLY I 127 -5.63 36.48 -16.10
N VAL I 128 -4.43 36.83 -15.69
CA VAL I 128 -3.45 37.53 -16.56
C VAL I 128 -2.09 36.89 -16.25
N PHE I 129 -1.47 36.30 -17.28
CA PHE I 129 -0.08 35.80 -17.27
C PHE I 129 0.74 36.67 -18.20
N ILE I 130 1.75 37.33 -17.65
CA ILE I 130 2.72 38.14 -18.44
C ILE I 130 3.98 37.29 -18.55
N VAL I 131 4.34 36.92 -19.78
CA VAL I 131 5.37 35.87 -20.06
C VAL I 131 6.43 36.54 -20.94
N ASP I 132 7.70 36.48 -20.54
CA ASP I 132 8.79 37.21 -21.27
C ASP I 132 9.22 36.39 -22.49
N ALA I 133 10.19 36.88 -23.25
CA ALA I 133 10.68 36.27 -24.50
C ALA I 133 11.49 34.99 -24.20
N ARG I 134 11.77 34.68 -22.93
CA ARG I 134 12.39 33.39 -22.52
C ARG I 134 11.30 32.39 -22.15
N GLY I 135 10.04 32.77 -22.21
CA GLY I 135 8.91 31.91 -21.82
C GLY I 135 8.76 31.82 -20.32
N VAL I 136 9.30 32.80 -19.60
CA VAL I 136 9.26 32.77 -18.10
C VAL I 136 8.09 33.64 -17.63
N ILE I 137 7.28 33.12 -16.74
CA ILE I 137 6.17 33.89 -16.12
C ILE I 137 6.77 34.96 -15.21
N ARG I 138 6.41 36.23 -15.46
CA ARG I 138 6.98 37.43 -14.79
C ARG I 138 5.99 38.07 -13.80
N THR I 139 4.67 37.91 -14.01
CA THR I 139 3.57 38.51 -13.18
C THR I 139 2.28 37.71 -13.43
N MET I 140 1.41 37.59 -12.41
CA MET I 140 0.08 36.93 -12.52
C MET I 140 -0.94 37.81 -11.78
N LEU I 141 -2.06 38.09 -12.45
CA LEU I 141 -3.22 38.83 -11.86
C LEU I 141 -4.43 37.91 -11.94
N TYR I 142 -5.24 37.89 -10.90
CA TYR I 142 -6.52 37.13 -10.90
C TYR I 142 -7.64 38.12 -10.56
N TYR I 143 -8.34 38.60 -11.58
CA TYR I 143 -9.51 39.50 -11.38
C TYR I 143 -10.74 38.61 -11.38
N PRO I 144 -11.82 39.01 -10.68
CA PRO I 144 -13.02 38.18 -10.60
C PRO I 144 -14.02 38.41 -11.75
N MET I 145 -15.06 37.58 -11.81
CA MET I 145 -16.17 37.75 -12.79
C MET I 145 -16.69 39.19 -12.81
N GLU I 146 -16.82 39.83 -11.65
CA GLU I 146 -17.65 41.05 -11.50
C GLU I 146 -16.88 42.35 -11.73
N LEU I 147 -15.57 42.29 -12.04
CA LEU I 147 -14.66 43.47 -12.12
C LEU I 147 -13.80 43.36 -13.38
N GLY I 148 -13.96 44.30 -14.32
CA GLY I 148 -13.02 44.49 -15.44
C GLY I 148 -11.61 44.91 -15.00
N ARG I 149 -10.60 44.40 -15.69
CA ARG I 149 -9.17 44.78 -15.59
C ARG I 149 -8.97 46.26 -15.99
N LEU I 150 -7.92 46.88 -15.46
CA LEU I 150 -7.38 48.18 -15.93
C LEU I 150 -6.20 47.84 -16.85
N VAL I 151 -6.44 47.86 -18.17
CA VAL I 151 -5.49 47.28 -19.15
C VAL I 151 -4.24 48.17 -19.22
N ASP I 152 -4.35 49.48 -18.95
CA ASP I 152 -3.17 50.38 -18.89
C ASP I 152 -2.17 49.93 -17.81
N GLU I 153 -2.61 49.20 -16.79
CA GLU I 153 -1.68 48.72 -15.75
C GLU I 153 -0.92 47.52 -16.30
N ILE I 154 -1.53 46.72 -17.17
CA ILE I 154 -0.83 45.57 -17.82
C ILE I 154 0.28 46.13 -18.71
N LEU I 155 0.02 47.21 -19.45
CA LEU I 155 1.03 47.93 -20.27
C LEU I 155 2.12 48.44 -19.34
N ARG I 156 1.76 49.13 -18.26
CA ARG I 156 2.74 49.69 -17.29
C ARG I 156 3.64 48.57 -16.77
N ILE I 157 3.09 47.44 -16.37
CA ILE I 157 3.85 46.29 -15.81
C ILE I 157 4.84 45.82 -16.88
N VAL I 158 4.39 45.60 -18.10
CA VAL I 158 5.26 45.11 -19.21
C VAL I 158 6.36 46.12 -19.48
N LYS I 159 6.02 47.39 -19.65
CA LYS I 159 6.99 48.46 -19.95
C LYS I 159 8.07 48.42 -18.87
N ALA I 160 7.64 48.43 -17.60
CA ALA I 160 8.53 48.59 -16.44
C ALA I 160 9.45 47.37 -16.34
N LEU I 161 8.91 46.18 -16.52
CA LEU I 161 9.65 44.89 -16.46
C LEU I 161 10.76 44.90 -17.52
N LYS I 162 10.43 45.25 -18.77
CA LYS I 162 11.43 45.36 -19.88
C LYS I 162 12.48 46.40 -19.52
N LEU I 163 12.07 47.52 -18.92
CA LEU I 163 13.02 48.60 -18.54
C LEU I 163 13.99 48.06 -17.48
N GLY I 164 13.48 47.36 -16.47
CA GLY I 164 14.31 46.83 -15.37
C GLY I 164 15.28 45.76 -15.88
N ASP I 165 14.83 44.92 -16.82
CA ASP I 165 15.63 43.85 -17.46
C ASP I 165 16.82 44.49 -18.20
N SER I 166 16.59 45.50 -19.03
CA SER I 166 17.67 46.08 -19.87
C SER I 166 18.56 47.01 -19.02
N LEU I 167 18.03 47.75 -18.03
CA LEU I 167 18.85 48.69 -17.21
C LEU I 167 19.37 48.01 -15.93
N LYS I 168 18.99 46.76 -15.66
CA LYS I 168 19.39 46.01 -14.43
C LYS I 168 18.98 46.83 -13.19
N ARG I 169 17.68 47.10 -13.10
CA ARG I 169 17.11 47.99 -12.06
C ARG I 169 15.83 47.36 -11.52
N ALA I 170 15.52 47.65 -10.27
CA ALA I 170 14.22 47.34 -9.66
C ALA I 170 13.38 48.62 -9.81
N VAL I 171 12.06 48.47 -9.93
CA VAL I 171 11.12 49.57 -10.29
C VAL I 171 10.32 49.96 -9.04
N PRO I 172 10.34 51.24 -8.61
CA PRO I 172 9.71 51.62 -7.35
C PRO I 172 8.18 51.61 -7.50
N ALA I 173 7.46 51.51 -6.38
CA ALA I 173 5.99 51.68 -6.31
C ALA I 173 5.56 52.84 -7.21
N ASP I 174 4.53 52.65 -8.03
CA ASP I 174 3.84 53.76 -8.75
C ASP I 174 4.74 54.38 -9.83
N TRP I 175 5.84 53.74 -10.19
CA TRP I 175 6.74 54.21 -11.27
C TRP I 175 5.88 54.46 -12.52
N PRO I 176 6.05 55.55 -13.31
CA PRO I 176 7.11 56.55 -13.15
C PRO I 176 6.83 57.78 -12.26
N ASN I 177 5.82 57.70 -11.40
CA ASN I 177 5.42 58.82 -10.50
C ASN I 177 5.64 58.37 -9.06
N ASN I 178 6.77 57.72 -8.75
CA ASN I 178 7.05 57.30 -7.37
C ASN I 178 7.15 58.58 -6.53
N GLU I 179 6.66 58.57 -5.29
CA GLU I 179 6.55 59.81 -4.46
C GLU I 179 7.91 60.14 -3.84
N ILE I 180 8.76 59.11 -3.65
CA ILE I 180 10.13 59.26 -3.07
C ILE I 180 11.12 59.63 -4.18
N ILE I 181 11.16 58.92 -5.32
CA ILE I 181 12.26 59.11 -6.31
C ILE I 181 11.75 59.34 -7.74
N GLY I 182 10.47 59.67 -7.90
CA GLY I 182 9.89 60.08 -9.19
C GLY I 182 10.01 58.98 -10.23
N GLU I 183 10.73 59.25 -11.33
CA GLU I 183 10.98 58.29 -12.45
C GLU I 183 12.33 57.58 -12.21
N GLY I 184 12.90 57.75 -11.02
CA GLY I 184 14.10 57.00 -10.63
C GLY I 184 13.85 55.51 -10.57
N LEU I 185 14.92 54.76 -10.81
CA LEU I 185 14.91 53.29 -10.76
C LEU I 185 15.94 52.87 -9.72
N ILE I 186 15.72 51.73 -9.08
CA ILE I 186 16.44 51.30 -7.86
C ILE I 186 17.56 50.33 -8.27
N VAL I 187 18.76 50.57 -7.73
CA VAL I 187 19.93 49.65 -7.86
C VAL I 187 19.65 48.46 -6.95
N PRO I 188 19.77 47.21 -7.45
CA PRO I 188 19.63 46.02 -6.59
C PRO I 188 20.58 46.13 -5.40
N PRO I 189 20.12 45.91 -4.16
CA PRO I 189 20.98 46.14 -2.99
C PRO I 189 22.19 45.21 -2.89
N PRO I 190 23.23 45.64 -2.14
CA PRO I 190 24.39 44.80 -1.86
C PRO I 190 23.89 43.59 -1.07
N THR I 191 24.51 42.43 -1.27
CA THR I 191 24.18 41.13 -0.63
C THR I 191 25.23 40.76 0.43
N THR I 192 26.26 41.60 0.62
CA THR I 192 27.36 41.39 1.59
C THR I 192 27.79 42.70 2.23
N GLU I 193 28.39 42.60 3.41
CA GLU I 193 28.95 43.73 4.16
C GLU I 193 30.03 44.43 3.34
N ASP I 194 30.93 43.69 2.70
CA ASP I 194 31.95 44.32 1.81
C ASP I 194 31.25 45.14 0.71
N GLN I 195 30.37 44.56 -0.12
CA GLN I 195 29.67 45.31 -1.20
C GLN I 195 28.92 46.52 -0.63
N ALA I 196 28.32 46.41 0.56
CA ALA I 196 27.60 47.54 1.23
C ALA I 196 28.56 48.69 1.53
N ARG I 197 29.72 48.40 2.12
CA ARG I 197 30.78 49.42 2.42
C ARG I 197 31.25 50.04 1.09
N ALA I 198 31.68 49.21 0.13
CA ALA I 198 32.21 49.65 -1.19
C ALA I 198 31.18 50.55 -1.89
N ARG I 199 29.87 50.26 -1.75
CA ARG I 199 28.79 51.05 -2.43
C ARG I 199 28.65 52.43 -1.77
N MET I 200 28.60 52.49 -0.43
CA MET I 200 28.55 53.76 0.33
C MET I 200 29.78 54.62 -0.07
N GLU I 201 31.00 54.05 -0.07
CA GLU I 201 32.27 54.83 -0.18
C GLU I 201 32.57 55.22 -1.65
N SER I 202 31.76 54.79 -2.61
CA SER I 202 31.92 55.16 -4.05
C SER I 202 31.22 56.50 -4.33
N GLY I 203 30.12 56.82 -3.65
CA GLY I 203 29.28 58.01 -3.95
C GLY I 203 28.78 58.03 -5.39
N GLN I 204 28.84 56.89 -6.09
CA GLN I 204 28.38 56.73 -7.50
C GLN I 204 26.87 57.05 -7.61
N TYR I 205 26.05 56.67 -6.62
CA TYR I 205 24.56 56.69 -6.73
C TYR I 205 23.98 57.56 -5.62
N ARG I 206 22.82 58.21 -5.86
CA ARG I 206 21.98 58.85 -4.81
C ARG I 206 21.47 57.72 -3.89
N SER I 207 21.59 57.86 -2.57
CA SER I 207 21.31 56.81 -1.55
C SER I 207 20.53 57.41 -0.37
N LEU I 208 19.66 56.63 0.25
CA LEU I 208 19.05 56.90 1.58
C LEU I 208 19.74 56.00 2.62
N ASP I 209 20.38 54.92 2.16
CA ASP I 209 21.15 53.95 2.98
C ASP I 209 21.88 53.00 2.01
N TRP I 210 22.67 52.07 2.54
CA TRP I 210 23.51 51.15 1.72
C TRP I 210 22.61 50.20 0.89
N TRP I 211 21.34 50.05 1.29
CA TRP I 211 20.37 49.07 0.69
C TRP I 211 19.39 49.83 -0.21
N PHE I 212 19.51 51.15 -0.32
CA PHE I 212 18.54 52.01 -1.04
C PHE I 212 19.30 53.05 -1.86
N SER I 213 19.77 52.63 -3.03
CA SER I 213 20.39 53.53 -4.03
C SER I 213 19.52 53.56 -5.29
N TRP I 214 19.50 54.69 -5.98
CA TRP I 214 18.77 54.82 -7.26
C TRP I 214 19.50 55.82 -8.14
N ASP I 215 19.09 55.84 -9.41
CA ASP I 215 19.51 56.81 -10.44
C ASP I 215 18.32 56.99 -11.38
N THR I 216 18.51 57.72 -12.49
CA THR I 216 17.45 58.04 -13.49
C THR I 216 17.92 57.60 -14.88
N PRO I 217 18.13 56.30 -15.12
CA PRO I 217 18.75 55.84 -16.35
C PRO I 217 17.75 55.62 -17.49
N ALA I 218 16.45 55.80 -17.24
CA ALA I 218 15.40 55.61 -18.28
C ALA I 218 15.33 56.85 -19.16
N SER I 219 15.34 56.66 -20.47
CA SER I 219 15.11 57.70 -21.53
C SER I 219 13.84 58.51 -21.26
N ARG I 220 13.84 59.77 -21.71
CA ARG I 220 12.65 60.66 -21.74
C ARG I 220 11.51 59.88 -22.41
N ASP I 221 11.79 59.13 -23.49
CA ASP I 221 10.74 58.46 -24.29
C ASP I 221 10.15 57.29 -23.49
N ASP I 222 10.97 56.57 -22.73
CA ASP I 222 10.54 55.41 -21.91
C ASP I 222 9.58 55.94 -20.85
N VAL I 223 9.98 57.00 -20.15
CA VAL I 223 9.20 57.55 -19.01
C VAL I 223 7.89 58.11 -19.55
N GLU I 224 7.95 58.87 -20.66
CA GLU I 224 6.77 59.51 -21.26
C GLU I 224 5.81 58.44 -21.77
N GLU I 225 6.31 57.32 -22.29
CA GLU I 225 5.41 56.26 -22.81
C GLU I 225 4.61 55.67 -21.64
N ALA I 226 5.28 55.32 -20.54
CA ALA I 226 4.69 54.82 -19.27
C ALA I 226 3.66 55.84 -18.76
N ARG I 227 3.99 57.12 -18.81
CA ARG I 227 3.13 58.22 -18.30
C ARG I 227 1.88 58.31 -19.19
N ARG I 228 2.00 58.15 -20.51
CA ARG I 228 0.82 58.14 -21.42
C ARG I 228 -0.17 57.05 -20.97
N TYR I 229 0.28 55.85 -20.61
CA TYR I 229 -0.62 54.73 -20.22
C TYR I 229 -1.52 55.21 -19.08
N LEU I 230 -0.91 55.78 -18.03
CA LEU I 230 -1.64 56.21 -16.81
C LEU I 230 -2.54 57.41 -17.12
N ARG I 231 -2.11 58.34 -17.97
CA ARG I 231 -2.95 59.48 -18.41
C ARG I 231 -4.21 58.95 -19.09
N ARG I 232 -4.08 57.96 -19.98
CA ARG I 232 -5.24 57.34 -20.66
C ARG I 232 -6.16 56.70 -19.59
N ALA I 233 -5.63 55.92 -18.65
CA ALA I 233 -6.43 55.30 -17.58
C ALA I 233 -7.24 56.39 -16.85
N ALA I 234 -6.60 57.52 -16.57
CA ALA I 234 -7.12 58.67 -15.78
C ALA I 234 -8.18 59.51 -16.53
N GLU I 235 -8.17 59.56 -17.86
CA GLU I 235 -8.99 60.52 -18.67
C GLU I 235 -10.39 59.97 -18.98
N LYS I 236 -11.43 60.76 -18.69
CA LYS I 236 -12.82 60.61 -19.20
C LYS I 236 -12.73 60.55 -20.73
N PRO I 237 -13.14 59.46 -21.42
CA PRO I 237 -12.97 59.37 -22.86
C PRO I 237 -13.74 60.51 -23.56
N ALA I 238 -13.20 61.01 -24.68
CA ALA I 238 -13.81 62.07 -25.51
C ALA I 238 -15.23 61.64 -25.92
N LYS I 239 -15.34 60.43 -26.49
CA LYS I 239 -16.58 59.87 -27.09
C LYS I 239 -16.74 58.41 -26.66
N LEU I 240 -17.97 57.99 -26.37
CA LEU I 240 -18.29 56.59 -25.95
C LEU I 240 -18.73 55.76 -27.17
N LEU I 241 -18.25 54.52 -27.29
CA LEU I 241 -18.43 53.68 -28.51
C LEU I 241 -19.89 53.20 -28.64
N TYR I 242 -20.67 53.15 -27.56
CA TYR I 242 -22.10 52.75 -27.62
C TYR I 242 -22.92 53.80 -28.40
N GLU I 243 -22.48 55.07 -28.37
CA GLU I 243 -23.08 56.20 -29.11
C GLU I 243 -22.77 56.05 -30.61
N GLU I 244 -21.50 55.75 -30.96
CA GLU I 244 -21.02 55.58 -32.37
C GLU I 244 -21.93 54.57 -33.11
N ALA I 245 -22.36 53.52 -32.43
CA ALA I 245 -23.37 52.51 -32.89
C ALA I 245 -24.70 53.21 -33.19
N PRO J 2 4.58 23.97 -10.58
CA PRO J 2 3.58 24.88 -9.98
C PRO J 2 3.70 25.03 -8.45
N GLY J 3 2.60 25.47 -7.82
CA GLY J 3 2.44 25.70 -6.37
C GLY J 3 1.01 26.12 -6.06
N SER J 4 0.53 25.88 -4.83
CA SER J 4 -0.90 25.99 -4.43
C SER J 4 -1.24 27.43 -3.98
N ILE J 5 -2.52 27.82 -4.02
CA ILE J 5 -3.09 29.11 -3.53
C ILE J 5 -4.49 28.86 -2.99
N PRO J 6 -5.09 29.83 -2.25
CA PRO J 6 -6.54 29.85 -2.06
C PRO J 6 -7.13 30.58 -3.29
N LEU J 7 -8.46 30.64 -3.42
CA LEU J 7 -9.07 31.06 -4.70
C LEU J 7 -10.08 32.16 -4.45
N ILE J 8 -10.35 32.96 -5.48
CA ILE J 8 -11.41 34.00 -5.49
C ILE J 8 -12.72 33.29 -5.16
N GLY J 9 -13.48 33.88 -4.22
CA GLY J 9 -14.76 33.36 -3.72
C GLY J 9 -14.58 32.30 -2.63
N GLU J 10 -13.35 31.94 -2.25
CA GLU J 10 -13.12 31.10 -1.04
C GLU J 10 -13.01 32.03 0.16
N ARG J 11 -13.40 31.54 1.34
CA ARG J 11 -13.16 32.25 2.61
C ARG J 11 -11.64 32.31 2.80
N PHE J 12 -11.13 33.45 3.21
CA PHE J 12 -9.69 33.60 3.54
C PHE J 12 -9.40 32.56 4.62
N PRO J 13 -8.32 31.77 4.49
CA PRO J 13 -8.05 30.67 5.45
C PRO J 13 -7.91 31.16 6.90
N GLU J 14 -8.73 30.59 7.79
CA GLU J 14 -8.65 30.69 9.28
C GLU J 14 -7.19 30.56 9.74
N MET J 15 -6.63 31.61 10.35
CA MET J 15 -5.24 31.56 10.88
C MET J 15 -5.03 32.66 11.91
N GLU J 16 -4.20 32.36 12.91
CA GLU J 16 -3.64 33.34 13.89
C GLU J 16 -2.26 33.73 13.37
N VAL J 17 -1.98 35.02 13.27
CA VAL J 17 -0.70 35.52 12.72
C VAL J 17 -0.10 36.48 13.74
N THR J 18 1.21 36.42 13.92
CA THR J 18 1.96 37.35 14.81
C THR J 18 2.30 38.58 13.99
N THR J 19 1.73 39.74 14.33
CA THR J 19 2.05 41.04 13.72
C THR J 19 2.84 41.89 14.71
N ASP J 20 3.27 43.06 14.27
CA ASP J 20 4.03 44.03 15.11
C ASP J 20 3.05 44.89 15.92
N HIS J 21 1.75 44.62 15.82
CA HIS J 21 0.65 45.15 16.69
C HIS J 21 0.11 44.02 17.59
N GLY J 22 0.69 42.82 17.49
CA GLY J 22 0.31 41.65 18.30
C GLY J 22 -0.45 40.60 17.49
N VAL J 23 -0.89 39.55 18.15
CA VAL J 23 -1.54 38.37 17.50
C VAL J 23 -2.93 38.82 17.03
N ILE J 24 -3.29 38.53 15.79
CA ILE J 24 -4.71 38.62 15.36
C ILE J 24 -5.08 37.34 14.61
N LYS J 25 -6.36 37.00 14.65
CA LYS J 25 -6.93 35.89 13.85
C LYS J 25 -7.44 36.49 12.52
N LEU J 26 -7.07 35.87 11.41
CA LEU J 26 -7.58 36.25 10.07
C LEU J 26 -8.57 35.18 9.64
N PRO J 27 -9.65 35.56 8.95
CA PRO J 27 -10.03 36.96 8.76
C PRO J 27 -10.89 37.61 9.86
N ASP J 28 -11.15 36.90 10.96
CA ASP J 28 -12.20 37.27 11.96
C ASP J 28 -11.92 38.69 12.48
N HIS J 29 -10.66 39.02 12.74
CA HIS J 29 -10.28 40.33 13.31
C HIS J 29 -10.95 41.42 12.51
N TYR J 30 -11.08 41.30 11.18
CA TYR J 30 -11.64 42.36 10.31
C TYR J 30 -13.13 42.11 10.05
N VAL J 31 -13.54 40.86 9.86
CA VAL J 31 -14.98 40.48 9.74
C VAL J 31 -15.79 41.15 10.88
N SER J 32 -15.45 40.89 12.12
CA SER J 32 -16.21 41.38 13.31
C SER J 32 -16.15 42.91 13.46
N GLN J 33 -15.37 43.65 12.64
CA GLN J 33 -15.45 45.14 12.56
C GLN J 33 -16.21 45.59 11.31
N GLY J 34 -16.77 44.66 10.53
CA GLY J 34 -17.35 44.97 9.20
C GLY J 34 -16.33 45.62 8.27
N LYS J 35 -15.05 45.30 8.44
CA LYS J 35 -13.99 45.88 7.57
C LYS J 35 -13.58 44.88 6.48
N TRP J 36 -13.35 45.40 5.29
CA TRP J 36 -12.50 44.75 4.27
C TRP J 36 -11.05 44.85 4.74
N PHE J 37 -10.17 43.96 4.28
CA PHE J 37 -8.71 44.17 4.40
C PHE J 37 -7.98 43.78 3.11
N VAL J 38 -6.90 44.50 2.88
CA VAL J 38 -5.88 44.17 1.85
C VAL J 38 -4.68 43.60 2.58
N LEU J 39 -4.46 42.30 2.43
CA LEU J 39 -3.19 41.67 2.85
C LEU J 39 -2.25 41.69 1.66
N PHE J 40 -1.06 42.26 1.87
CA PHE J 40 0.01 42.33 0.85
C PHE J 40 1.30 41.83 1.51
N SER J 41 2.19 41.26 0.68
CA SER J 41 3.50 40.72 1.10
C SER J 41 4.61 41.50 0.42
N HIS J 42 5.82 41.32 0.92
CA HIS J 42 7.08 41.89 0.43
C HIS J 42 8.20 40.95 0.89
N PRO J 43 9.30 40.88 0.13
CA PRO J 43 10.27 39.82 0.33
C PRO J 43 10.98 39.89 1.68
N ALA J 44 11.48 41.05 2.05
CA ALA J 44 12.29 41.30 3.28
C ALA J 44 12.19 42.78 3.68
N ASP J 45 12.28 43.06 4.99
CA ASP J 45 12.40 44.45 5.48
C ASP J 45 13.74 45.01 5.00
N PHE J 46 13.83 46.34 4.93
CA PHE J 46 15.08 47.08 4.59
C PHE J 46 15.51 46.67 3.19
N THR J 47 14.53 46.59 2.31
CA THR J 47 14.71 46.46 0.84
C THR J 47 14.00 47.65 0.23
N PRO J 48 14.56 48.22 -0.85
CA PRO J 48 14.12 49.53 -1.34
C PRO J 48 12.74 49.55 -2.04
N VAL J 49 12.44 48.61 -2.95
CA VAL J 49 11.08 48.62 -3.60
C VAL J 49 10.04 48.46 -2.49
N SER J 50 10.23 47.48 -1.60
CA SER J 50 9.35 47.24 -0.46
C SER J 50 9.10 48.55 0.31
N THR J 51 10.16 49.32 0.59
CA THR J 51 10.11 50.64 1.28
C THR J 51 9.23 51.64 0.49
N THR J 52 9.42 51.76 -0.83
CA THR J 52 8.58 52.63 -1.69
C THR J 52 7.11 52.19 -1.57
N GLU J 53 6.82 50.88 -1.48
CA GLU J 53 5.40 50.41 -1.50
C GLU J 53 4.74 50.72 -0.15
N PHE J 54 5.48 50.58 0.97
CA PHE J 54 4.97 50.95 2.31
C PHE J 54 4.65 52.45 2.39
N VAL J 55 5.52 53.29 1.85
CA VAL J 55 5.31 54.76 1.85
C VAL J 55 4.07 55.05 1.01
N SER J 56 3.88 54.34 -0.10
CA SER J 56 2.73 54.56 -1.02
C SER J 56 1.41 54.17 -0.31
N PHE J 57 1.38 53.03 0.36
CA PHE J 57 0.22 52.54 1.14
C PHE J 57 -0.13 53.54 2.27
N ALA J 58 0.88 53.98 3.05
CA ALA J 58 0.76 54.98 4.15
C ALA J 58 0.15 56.29 3.63
N ARG J 59 0.62 56.80 2.50
CA ARG J 59 0.05 58.02 1.83
C ARG J 59 -1.42 57.83 1.46
N ARG J 60 -1.81 56.61 1.07
CA ARG J 60 -3.18 56.26 0.65
C ARG J 60 -3.99 55.68 1.82
N TYR J 61 -3.50 55.76 3.06
CA TYR J 61 -4.11 55.07 4.23
C TYR J 61 -5.51 55.64 4.51
N GLU J 62 -5.67 56.97 4.49
CA GLU J 62 -6.97 57.66 4.68
C GLU J 62 -7.93 57.30 3.55
N ASP J 63 -7.43 57.13 2.31
CA ASP J 63 -8.27 56.72 1.15
C ASP J 63 -8.84 55.32 1.45
N PHE J 64 -8.03 54.42 2.00
CA PHE J 64 -8.49 53.05 2.35
C PHE J 64 -9.48 53.10 3.54
N GLN J 65 -9.14 53.89 4.57
CA GLN J 65 -9.94 54.07 5.81
C GLN J 65 -11.34 54.58 5.45
N ARG J 66 -11.44 55.55 4.53
CA ARG J 66 -12.72 56.10 3.98
C ARG J 66 -13.58 54.98 3.37
N LEU J 67 -12.98 53.98 2.71
CA LEU J 67 -13.73 52.84 2.11
C LEU J 67 -14.10 51.77 3.13
N GLY J 68 -13.66 51.86 4.39
CA GLY J 68 -13.83 50.79 5.39
C GLY J 68 -12.88 49.64 5.11
N VAL J 69 -11.64 49.96 4.75
CA VAL J 69 -10.59 48.96 4.34
C VAL J 69 -9.36 49.13 5.23
N ASP J 70 -8.94 48.04 5.84
CA ASP J 70 -7.69 48.00 6.63
C ASP J 70 -6.58 47.40 5.77
N LEU J 71 -5.35 47.70 6.14
CA LEU J 71 -4.09 47.26 5.51
C LEU J 71 -3.35 46.35 6.48
N ILE J 72 -2.80 45.25 5.97
CA ILE J 72 -1.89 44.38 6.76
C ILE J 72 -0.82 43.80 5.83
N GLY J 73 0.45 44.00 6.23
CA GLY J 73 1.65 43.58 5.48
C GLY J 73 2.10 42.20 5.92
N LEU J 74 3.09 41.64 5.21
CA LEU J 74 3.59 40.24 5.39
C LEU J 74 5.03 40.18 4.85
N SER J 75 5.97 39.73 5.68
CA SER J 75 7.31 39.26 5.26
C SER J 75 7.78 38.10 6.18
N VAL J 76 8.83 37.41 5.77
CA VAL J 76 9.46 36.27 6.52
C VAL J 76 10.34 36.82 7.66
N ASP J 77 10.56 38.14 7.70
CA ASP J 77 11.31 38.84 8.78
C ASP J 77 10.47 38.85 10.07
N SER J 78 11.14 39.01 11.21
CA SER J 78 10.55 38.93 12.57
C SER J 78 10.04 40.30 13.02
N VAL J 79 9.24 40.32 14.10
CA VAL J 79 8.57 41.55 14.64
C VAL J 79 9.62 42.63 14.93
N CYS J 80 10.74 42.28 15.57
CA CYS J 80 11.76 43.29 15.97
C CYS J 80 12.23 44.01 14.70
N SER J 81 12.59 43.25 13.66
CA SER J 81 13.04 43.81 12.36
C SER J 81 11.93 44.69 11.78
N HIS J 82 10.67 44.27 11.84
CA HIS J 82 9.55 45.09 11.33
C HIS J 82 9.53 46.44 12.04
N ILE J 83 9.73 46.48 13.37
CA ILE J 83 9.56 47.75 14.14
C ILE J 83 10.79 48.61 13.83
N LYS J 84 11.97 48.01 13.76
CA LYS J 84 13.21 48.75 13.42
C LYS J 84 13.10 49.34 12.01
N TRP J 85 12.51 48.60 11.07
CA TRP J 85 12.32 49.05 9.67
C TRP J 85 11.35 50.23 9.64
N LYS J 86 10.23 50.14 10.36
CA LYS J 86 9.23 51.25 10.41
C LYS J 86 9.87 52.50 11.02
N GLU J 87 10.72 52.33 12.05
CA GLU J 87 11.46 53.44 12.69
C GLU J 87 12.31 54.13 11.63
N TRP J 88 13.08 53.34 10.88
CA TRP J 88 13.99 53.85 9.83
C TRP J 88 13.20 54.71 8.83
N ILE J 89 12.10 54.19 8.31
CA ILE J 89 11.21 54.90 7.34
C ILE J 89 10.72 56.20 7.97
N GLU J 90 10.22 56.20 9.21
CA GLU J 90 9.73 57.44 9.87
C GLU J 90 10.87 58.48 9.97
N ARG J 91 12.05 58.06 10.44
CA ARG J 91 13.21 58.97 10.66
C ARG J 91 13.76 59.50 9.32
N HIS J 92 13.91 58.65 8.30
CA HIS J 92 14.69 58.96 7.06
C HIS J 92 13.79 59.47 5.94
N ILE J 93 12.51 59.12 5.93
CA ILE J 93 11.52 59.51 4.87
C ILE J 93 10.46 60.45 5.48
N GLY J 94 10.26 60.41 6.81
CA GLY J 94 9.31 61.28 7.52
C GLY J 94 7.87 60.82 7.32
N VAL J 95 7.67 59.52 7.15
CA VAL J 95 6.32 58.90 6.97
C VAL J 95 6.16 57.84 8.06
N ARG J 96 5.06 57.88 8.79
CA ARG J 96 4.72 56.82 9.77
C ARG J 96 3.92 55.77 9.01
N ILE J 97 4.27 54.52 9.22
CA ILE J 97 3.49 53.35 8.73
C ILE J 97 2.48 52.99 9.81
N PRO J 98 1.18 53.32 9.64
CA PRO J 98 0.22 53.11 10.72
C PRO J 98 -0.29 51.67 10.87
N PHE J 99 -0.07 50.78 9.91
CA PHE J 99 -0.77 49.47 9.85
C PHE J 99 0.18 48.36 10.26
N PRO J 100 -0.33 47.17 10.66
CA PRO J 100 0.53 46.06 11.02
C PRO J 100 1.23 45.34 9.84
N ILE J 101 2.35 44.68 10.16
CA ILE J 101 3.07 43.72 9.29
C ILE J 101 3.12 42.38 10.03
N ILE J 102 2.60 41.33 9.42
CA ILE J 102 2.79 39.93 9.87
C ILE J 102 4.28 39.58 9.78
N ALA J 103 4.80 38.90 10.81
CA ALA J 103 6.10 38.20 10.80
C ALA J 103 5.82 36.75 10.42
N ASP J 104 6.43 36.23 9.35
CA ASP J 104 6.19 34.84 8.86
C ASP J 104 7.51 34.08 8.75
N PRO J 105 8.32 33.93 9.83
CA PRO J 105 9.67 33.37 9.72
C PRO J 105 9.81 31.96 9.11
N GLN J 106 8.90 31.03 9.33
CA GLN J 106 9.03 29.68 8.72
C GLN J 106 8.18 29.60 7.44
N GLY J 107 7.68 30.75 6.95
CA GLY J 107 6.85 30.86 5.74
C GLY J 107 5.56 30.06 5.84
N THR J 108 5.01 29.90 7.06
CA THR J 108 3.73 29.16 7.30
C THR J 108 2.59 29.87 6.55
N VAL J 109 2.49 31.19 6.69
CA VAL J 109 1.40 32.00 6.05
C VAL J 109 1.66 32.02 4.54
N ALA J 110 2.87 32.37 4.11
CA ALA J 110 3.34 32.38 2.71
C ALA J 110 2.96 31.08 1.98
N ARG J 111 3.22 29.90 2.56
CA ARG J 111 2.94 28.59 1.90
C ARG J 111 1.42 28.40 1.80
N ARG J 112 0.65 28.85 2.78
CA ARG J 112 -0.84 28.79 2.78
C ARG J 112 -1.42 29.72 1.70
N LEU J 113 -0.76 30.84 1.38
CA LEU J 113 -1.27 31.89 0.45
C LEU J 113 -0.55 31.81 -0.90
N GLY J 114 0.31 30.82 -1.10
CA GLY J 114 1.10 30.60 -2.32
C GLY J 114 1.95 31.80 -2.65
N LEU J 115 2.61 32.39 -1.65
CA LEU J 115 3.41 33.63 -1.82
C LEU J 115 4.88 33.30 -2.07
N LEU J 116 5.26 32.01 -2.04
CA LEU J 116 6.63 31.55 -2.39
C LEU J 116 6.60 31.04 -3.84
N HIS J 117 7.17 31.82 -4.76
CA HIS J 117 7.24 31.48 -6.20
C HIS J 117 8.69 31.07 -6.51
N ALA J 118 9.02 30.87 -7.78
CA ALA J 118 10.30 30.28 -8.23
C ALA J 118 11.40 31.34 -8.18
N GLU J 119 11.03 32.63 -8.17
CA GLU J 119 12.03 33.74 -8.08
C GLU J 119 12.83 33.69 -6.76
N SER J 120 12.26 33.12 -5.70
CA SER J 120 12.94 32.96 -4.38
C SER J 120 12.31 31.81 -3.61
N ALA J 121 13.14 30.84 -3.23
CA ALA J 121 12.82 29.76 -2.26
C ALA J 121 12.55 30.37 -0.88
N THR J 122 13.13 31.55 -0.54
CA THR J 122 13.19 32.02 0.88
C THR J 122 12.28 33.22 1.18
N HIS J 123 11.93 34.05 0.21
CA HIS J 123 11.22 35.35 0.41
C HIS J 123 9.93 35.34 -0.41
N THR J 124 8.87 35.96 0.12
CA THR J 124 7.58 36.06 -0.60
C THR J 124 7.78 36.99 -1.78
N VAL J 125 6.98 36.81 -2.83
CA VAL J 125 6.80 37.82 -3.91
C VAL J 125 5.84 38.91 -3.37
N ARG J 126 5.45 39.86 -4.23
CA ARG J 126 4.56 41.01 -3.92
C ARG J 126 3.09 40.58 -4.12
N GLY J 127 2.62 39.72 -3.22
CA GLY J 127 1.24 39.20 -3.21
C GLY J 127 0.26 40.27 -2.74
N VAL J 128 -1.00 40.19 -3.17
CA VAL J 128 -2.08 41.13 -2.76
C VAL J 128 -3.37 40.31 -2.75
N PHE J 129 -3.98 40.21 -1.57
CA PHE J 129 -5.30 39.60 -1.31
C PHE J 129 -6.24 40.70 -0.85
N ILE J 130 -7.30 40.91 -1.63
CA ILE J 130 -8.42 41.80 -1.33
C ILE J 130 -9.52 40.90 -0.77
N VAL J 131 -9.84 41.12 0.50
CA VAL J 131 -10.77 40.30 1.32
C VAL J 131 -11.88 41.23 1.78
N ASP J 132 -13.13 40.84 1.52
CA ASP J 132 -14.32 41.66 1.85
C ASP J 132 -14.71 41.41 3.32
N ALA J 133 -15.73 42.12 3.78
CA ALA J 133 -16.20 42.16 5.18
C ALA J 133 -16.75 40.79 5.60
N ARG J 134 -17.03 39.87 4.67
CA ARG J 134 -17.49 38.48 4.96
C ARG J 134 -16.32 37.50 5.03
N GLY J 135 -15.08 37.97 4.89
CA GLY J 135 -13.87 37.13 4.85
C GLY J 135 -13.62 36.45 3.50
N VAL J 136 -14.25 36.92 2.43
CA VAL J 136 -14.17 36.22 1.11
C VAL J 136 -13.08 36.89 0.28
N ILE J 137 -12.19 36.08 -0.29
CA ILE J 137 -11.14 36.56 -1.26
C ILE J 137 -11.85 37.06 -2.53
N ARG J 138 -11.66 38.33 -2.88
CA ARG J 138 -12.39 39.00 -4.00
C ARG J 138 -11.45 39.18 -5.20
N THR J 139 -10.14 39.29 -4.97
CA THR J 139 -9.10 39.51 -6.02
C THR J 139 -7.76 39.06 -5.42
N MET J 140 -6.83 38.59 -6.27
CA MET J 140 -5.45 38.19 -5.88
C MET J 140 -4.49 38.68 -6.95
N LEU J 141 -3.48 39.47 -6.56
CA LEU J 141 -2.43 40.01 -7.45
C LEU J 141 -1.10 39.38 -7.04
N TYR J 142 -0.25 39.05 -7.99
CA TYR J 142 1.11 38.53 -7.71
C TYR J 142 2.12 39.35 -8.52
N TYR J 143 2.69 40.38 -7.91
CA TYR J 143 3.79 41.15 -8.57
C TYR J 143 5.10 40.50 -8.16
N PRO J 144 6.16 40.65 -8.98
CA PRO J 144 7.45 40.02 -8.70
C PRO J 144 8.35 40.93 -7.85
N MET J 145 9.53 40.43 -7.48
CA MET J 145 10.54 41.16 -6.68
C MET J 145 10.87 42.50 -7.31
N GLU J 146 11.04 42.54 -8.63
CA GLU J 146 11.71 43.66 -9.36
C GLU J 146 10.71 44.76 -9.73
N LEU J 147 9.42 44.58 -9.41
CA LEU J 147 8.34 45.50 -9.87
C LEU J 147 7.50 45.92 -8.67
N GLY J 148 7.53 47.22 -8.32
CA GLY J 148 6.61 47.84 -7.35
C GLY J 148 5.16 47.85 -7.85
N ARG J 149 4.20 47.71 -6.93
CA ARG J 149 2.74 47.76 -7.23
C ARG J 149 2.33 49.20 -7.59
N LEU J 150 1.20 49.29 -8.30
CA LEU J 150 0.44 50.55 -8.51
C LEU J 150 -0.69 50.53 -7.47
N VAL J 151 -0.48 51.21 -6.35
CA VAL J 151 -1.38 51.12 -5.17
C VAL J 151 -2.73 51.77 -5.52
N ASP J 152 -2.76 52.77 -6.38
CA ASP J 152 -4.02 53.37 -6.87
C ASP J 152 -4.93 52.32 -7.56
N GLU J 153 -4.38 51.30 -8.20
CA GLU J 153 -5.20 50.23 -8.82
C GLU J 153 -5.80 49.35 -7.70
N ILE J 154 -5.10 49.20 -6.58
CA ILE J 154 -5.67 48.46 -5.42
C ILE J 154 -6.88 49.23 -4.87
N LEU J 155 -6.77 50.55 -4.72
CA LEU J 155 -7.94 51.42 -4.36
C LEU J 155 -9.07 51.28 -5.41
N ARG J 156 -8.75 51.37 -6.70
CA ARG J 156 -9.79 51.30 -7.74
C ARG J 156 -10.50 49.95 -7.58
N ILE J 157 -9.74 48.87 -7.35
CA ILE J 157 -10.36 47.51 -7.25
C ILE J 157 -11.37 47.56 -6.10
N VAL J 158 -10.99 48.00 -4.90
CA VAL J 158 -11.84 47.87 -3.68
C VAL J 158 -13.07 48.80 -3.85
N LYS J 159 -12.87 50.00 -4.37
CA LYS J 159 -13.97 50.95 -4.66
C LYS J 159 -15.01 50.28 -5.58
N ALA J 160 -14.55 49.67 -6.66
CA ALA J 160 -15.41 49.16 -7.73
C ALA J 160 -16.09 47.86 -7.28
N LEU J 161 -15.40 47.05 -6.49
CA LEU J 161 -16.00 45.82 -5.93
C LEU J 161 -17.13 46.25 -4.97
N LYS J 162 -16.87 47.20 -4.08
CA LYS J 162 -17.90 47.71 -3.12
C LYS J 162 -19.10 48.27 -3.91
N LEU J 163 -18.89 49.05 -4.96
CA LEU J 163 -19.99 49.60 -5.80
C LEU J 163 -20.76 48.47 -6.46
N GLY J 164 -20.06 47.46 -6.98
CA GLY J 164 -20.69 46.33 -7.65
C GLY J 164 -21.59 45.59 -6.68
N ASP J 165 -21.10 45.41 -5.44
CA ASP J 165 -21.80 44.71 -4.33
C ASP J 165 -23.05 45.52 -3.94
N SER J 166 -22.97 46.84 -3.83
CA SER J 166 -24.06 47.66 -3.24
C SER J 166 -25.11 47.97 -4.31
N LEU J 167 -24.74 48.11 -5.59
CA LEU J 167 -25.65 48.43 -6.73
C LEU J 167 -26.04 47.17 -7.53
N LYS J 168 -25.52 46.00 -7.16
CA LYS J 168 -25.78 44.72 -7.88
C LYS J 168 -25.42 44.89 -9.36
N ARG J 169 -24.20 45.34 -9.64
CA ARG J 169 -23.71 45.55 -11.03
C ARG J 169 -22.33 44.92 -11.20
N ALA J 170 -21.99 44.61 -12.45
CA ALA J 170 -20.64 44.21 -12.86
C ALA J 170 -19.98 45.48 -13.41
N VAL J 171 -18.65 45.57 -13.25
CA VAL J 171 -17.89 46.81 -13.52
C VAL J 171 -17.11 46.60 -14.83
N PRO J 172 -17.28 47.49 -15.83
CA PRO J 172 -16.65 47.29 -17.13
C PRO J 172 -15.15 47.57 -17.01
N ALA J 173 -14.36 47.07 -17.99
CA ALA J 173 -12.93 47.40 -18.21
C ALA J 173 -12.69 48.90 -17.99
N ASP J 174 -11.66 49.22 -17.20
CA ASP J 174 -11.07 50.58 -17.09
C ASP J 174 -12.07 51.55 -16.41
N TRP J 175 -13.13 51.04 -15.79
CA TRP J 175 -14.08 51.91 -15.04
C TRP J 175 -13.32 52.78 -14.03
N PRO J 176 -13.65 54.08 -13.85
CA PRO J 176 -14.83 54.72 -14.46
C PRO J 176 -14.65 55.36 -15.84
N ASN J 177 -13.62 54.96 -16.61
CA ASN J 177 -13.27 55.60 -17.90
C ASN J 177 -13.38 54.56 -19.02
N ASN J 178 -14.42 53.73 -19.01
CA ASN J 178 -14.58 52.66 -20.03
C ASN J 178 -14.91 53.34 -21.35
N GLU J 179 -14.40 52.80 -22.45
CA GLU J 179 -14.44 53.47 -23.78
C GLU J 179 -15.82 53.29 -24.43
N ILE J 180 -16.51 52.20 -24.09
CA ILE J 180 -17.88 51.88 -24.58
C ILE J 180 -18.94 52.65 -23.78
N ILE J 181 -18.96 52.55 -22.44
CA ILE J 181 -20.11 53.03 -21.62
C ILE J 181 -19.66 54.01 -20.53
N GLY J 182 -18.41 54.48 -20.56
CA GLY J 182 -17.90 55.49 -19.62
C GLY J 182 -17.93 54.98 -18.19
N GLU J 183 -18.72 55.65 -17.32
CA GLU J 183 -18.89 55.31 -15.89
C GLU J 183 -20.13 54.43 -15.71
N GLY J 184 -20.76 54.01 -16.79
CA GLY J 184 -21.79 52.95 -16.75
C GLY J 184 -21.33 51.71 -16.01
N LEU J 185 -22.27 51.04 -15.36
CA LEU J 185 -22.11 49.71 -14.75
C LEU J 185 -23.03 48.73 -15.46
N ILE J 186 -22.63 47.48 -15.48
CA ILE J 186 -23.30 46.44 -16.33
C ILE J 186 -24.34 45.67 -15.49
N VAL J 187 -25.52 45.43 -16.06
CA VAL J 187 -26.55 44.57 -15.41
C VAL J 187 -26.14 43.12 -15.65
N PRO J 188 -26.12 42.24 -14.64
CA PRO J 188 -25.77 40.85 -14.90
C PRO J 188 -26.67 40.28 -16.01
N PRO J 189 -26.10 39.57 -17.01
CA PRO J 189 -26.91 39.11 -18.13
C PRO J 189 -27.98 38.09 -17.74
N PRO J 190 -29.06 37.96 -18.54
CA PRO J 190 -30.02 36.87 -18.38
C PRO J 190 -29.34 35.49 -18.45
N THR J 191 -29.93 34.47 -17.81
CA THR J 191 -29.41 33.08 -17.74
C THR J 191 -30.39 32.07 -18.35
N THR J 192 -31.49 32.51 -18.94
CA THR J 192 -32.49 31.65 -19.61
C THR J 192 -33.08 32.40 -20.79
N GLU J 193 -33.73 31.70 -21.70
CA GLU J 193 -34.35 32.28 -22.92
C GLU J 193 -35.49 33.23 -22.55
N ASP J 194 -36.32 32.86 -21.55
CA ASP J 194 -37.47 33.68 -21.10
C ASP J 194 -36.91 35.01 -20.55
N GLN J 195 -35.94 34.95 -19.61
CA GLN J 195 -35.30 36.19 -19.07
C GLN J 195 -34.71 37.01 -20.23
N ALA J 196 -34.02 36.39 -21.18
CA ALA J 196 -33.46 37.12 -22.35
C ALA J 196 -34.58 37.88 -23.09
N ARG J 197 -35.72 37.23 -23.34
CA ARG J 197 -36.84 37.84 -24.13
C ARG J 197 -37.43 38.98 -23.32
N ALA J 198 -37.71 38.73 -22.03
CA ALA J 198 -38.34 39.68 -21.09
C ALA J 198 -37.46 40.95 -20.99
N ARG J 199 -36.14 40.78 -20.90
CA ARG J 199 -35.17 41.90 -20.78
C ARG J 199 -35.30 42.77 -22.04
N MET J 200 -35.38 42.15 -23.22
CA MET J 200 -35.30 42.90 -24.48
C MET J 200 -36.65 43.53 -24.83
N GLU J 201 -37.76 43.09 -24.22
CA GLU J 201 -39.10 43.71 -24.45
C GLU J 201 -39.36 44.74 -23.32
N SER J 202 -38.39 44.91 -22.42
CA SER J 202 -38.51 45.73 -21.18
C SER J 202 -38.38 47.22 -21.52
N GLY J 203 -37.36 47.59 -22.30
CA GLY J 203 -36.92 48.99 -22.49
C GLY J 203 -36.34 49.62 -21.23
N GLN J 204 -36.16 48.86 -20.16
CA GLN J 204 -35.69 49.37 -18.85
C GLN J 204 -34.25 49.90 -18.93
N TYR J 205 -33.37 49.23 -19.70
CA TYR J 205 -31.90 49.52 -19.68
C TYR J 205 -31.42 49.86 -21.08
N ARG J 206 -30.45 50.77 -21.18
CA ARG J 206 -29.60 50.91 -22.39
C ARG J 206 -28.96 49.54 -22.68
N SER J 207 -28.90 49.15 -23.95
CA SER J 207 -28.61 47.75 -24.35
C SER J 207 -27.90 47.73 -25.70
N LEU J 208 -26.98 46.79 -25.91
CA LEU J 208 -26.32 46.52 -27.21
C LEU J 208 -26.84 45.18 -27.72
N ASP J 209 -27.29 44.33 -26.80
CA ASP J 209 -27.92 43.01 -27.06
C ASP J 209 -28.53 42.56 -25.73
N TRP J 210 -29.28 41.47 -25.74
CA TRP J 210 -29.97 40.96 -24.53
C TRP J 210 -28.95 40.62 -23.43
N TRP J 211 -27.67 40.41 -23.77
CA TRP J 211 -26.64 39.95 -22.79
C TRP J 211 -25.79 41.14 -22.33
N PHE J 212 -26.02 42.33 -22.91
CA PHE J 212 -25.20 43.54 -22.69
C PHE J 212 -26.14 44.71 -22.44
N SER J 213 -26.55 44.87 -21.18
CA SER J 213 -27.34 46.00 -20.67
C SER J 213 -26.51 46.75 -19.63
N TRP J 214 -26.67 48.07 -19.55
CA TRP J 214 -26.03 48.87 -18.48
C TRP J 214 -26.89 50.09 -18.14
N ASP J 215 -26.51 50.77 -17.05
CA ASP J 215 -27.14 52.02 -16.57
C ASP J 215 -26.06 52.85 -15.86
N THR J 216 -26.41 53.97 -15.23
CA THR J 216 -25.45 54.92 -14.56
C THR J 216 -25.84 55.11 -13.10
N PRO J 217 -25.87 54.02 -12.29
CA PRO J 217 -26.39 54.11 -10.92
C PRO J 217 -25.37 54.61 -9.89
N ALA J 218 -24.11 54.83 -10.26
CA ALA J 218 -23.08 55.32 -9.29
C ALA J 218 -23.26 56.83 -9.12
N SER J 219 -23.16 57.31 -7.89
CA SER J 219 -23.26 58.74 -7.55
C SER J 219 -22.10 59.49 -8.22
N ARG J 220 -22.18 60.82 -8.30
CA ARG J 220 -21.08 61.70 -8.78
C ARG J 220 -19.88 61.54 -7.84
N ASP J 221 -20.12 61.49 -6.54
CA ASP J 221 -19.10 61.28 -5.47
C ASP J 221 -18.38 59.94 -5.65
N ASP J 222 -19.10 58.83 -5.92
CA ASP J 222 -18.51 57.48 -6.10
C ASP J 222 -17.53 57.51 -7.28
N VAL J 223 -18.03 57.93 -8.44
CA VAL J 223 -17.29 58.09 -9.72
C VAL J 223 -16.07 58.99 -9.47
N GLU J 224 -16.27 60.15 -8.85
CA GLU J 224 -15.18 61.16 -8.68
C GLU J 224 -14.07 60.56 -7.81
N GLU J 225 -14.46 59.83 -6.76
CA GLU J 225 -13.50 59.19 -5.82
C GLU J 225 -12.59 58.21 -6.61
N ALA J 226 -13.13 57.45 -7.55
CA ALA J 226 -12.37 56.49 -8.40
C ALA J 226 -11.49 57.26 -9.39
N ARG J 227 -11.99 58.34 -9.98
CA ARG J 227 -11.22 59.15 -10.94
C ARG J 227 -10.00 59.78 -10.25
N ARG J 228 -10.14 60.20 -9.01
CA ARG J 228 -9.06 60.84 -8.24
C ARG J 228 -7.90 59.85 -8.03
N TYR J 229 -8.19 58.57 -7.72
CA TYR J 229 -7.15 57.52 -7.63
C TYR J 229 -6.31 57.51 -8.92
N LEU J 230 -6.98 57.47 -10.07
CA LEU J 230 -6.27 57.31 -11.36
C LEU J 230 -5.53 58.60 -11.69
N ARG J 231 -6.13 59.76 -11.38
CA ARG J 231 -5.46 61.06 -11.60
C ARG J 231 -4.16 61.09 -10.80
N ARG J 232 -4.20 60.65 -9.54
CA ARG J 232 -2.99 60.63 -8.69
C ARG J 232 -1.95 59.73 -9.38
N ALA J 233 -2.35 58.56 -9.86
CA ALA J 233 -1.41 57.55 -10.42
C ALA J 233 -0.69 58.18 -11.61
N ALA J 234 -1.43 58.99 -12.40
CA ALA J 234 -1.00 59.62 -13.67
C ALA J 234 -0.21 60.93 -13.43
N GLU J 235 -0.24 61.53 -12.25
CA GLU J 235 0.36 62.87 -12.04
C GLU J 235 1.78 62.69 -11.50
N LYS J 236 2.74 63.35 -12.16
CA LYS J 236 4.12 63.61 -11.65
C LYS J 236 3.98 64.26 -10.29
N PRO J 237 4.52 63.71 -9.17
CA PRO J 237 4.23 64.24 -7.84
C PRO J 237 4.83 65.64 -7.67
N ALA J 238 4.19 66.48 -6.83
CA ALA J 238 4.56 67.89 -6.56
C ALA J 238 6.00 67.98 -6.05
N LYS J 239 6.27 67.33 -4.91
CA LYS J 239 7.62 67.21 -4.26
C LYS J 239 8.02 65.73 -4.25
N LEU J 240 9.33 65.44 -4.33
CA LEU J 240 9.88 64.08 -4.08
C LEU J 240 10.37 63.98 -2.63
N LEU J 241 9.93 62.97 -1.88
CA LEU J 241 10.24 62.81 -0.42
C LEU J 241 11.74 62.56 -0.19
N TYR J 242 12.55 62.21 -1.20
CA TYR J 242 14.02 62.09 -1.03
C TYR J 242 14.61 63.50 -0.85
N GLU J 243 13.96 64.53 -1.40
CA GLU J 243 14.50 65.92 -1.54
C GLU J 243 14.40 66.73 -0.24
N GLU J 244 13.69 66.22 0.77
CA GLU J 244 13.63 66.83 2.13
C GLU J 244 13.76 65.72 3.18
N ALA J 245 14.64 64.74 2.94
CA ALA J 245 14.86 63.53 3.76
C ALA J 245 16.12 63.71 4.60
C1 CIT K . 14.09 37.21 26.06
O1 CIT K . 13.13 37.00 26.83
O2 CIT K . 14.81 38.23 26.06
C2 CIT K . 14.39 36.15 25.01
C3 CIT K . 14.32 36.72 23.59
O7 CIT K . 14.17 38.12 23.59
C4 CIT K . 15.63 36.43 22.87
C5 CIT K . 16.82 37.30 23.28
O3 CIT K . 16.73 38.11 24.26
O4 CIT K . 17.86 37.12 22.62
C6 CIT K . 13.11 36.07 22.85
O5 CIT K . 12.99 34.83 22.89
O6 CIT K . 12.31 36.87 22.32
C1 CIT L . 38.54 7.40 27.09
O1 CIT L . 38.96 7.28 28.27
O2 CIT L . 39.24 7.25 26.09
C2 CIT L . 37.07 7.66 26.88
C3 CIT L . 36.19 6.46 27.25
O7 CIT L . 36.96 5.44 27.89
C4 CIT L . 35.16 6.91 28.27
C5 CIT L . 35.70 7.37 29.62
O3 CIT L . 34.81 7.61 30.44
O4 CIT L . 36.95 7.53 29.86
C6 CIT L . 35.46 5.92 25.98
O5 CIT L . 34.57 5.06 26.15
O6 CIT L . 35.80 6.40 24.89
C1 CIT M . 19.43 -41.69 13.15
O1 CIT M . 19.17 -42.81 13.67
O2 CIT M . 20.26 -41.52 12.27
C2 CIT M . 18.53 -40.55 13.50
C3 CIT M . 17.12 -40.82 12.99
O7 CIT M . 16.95 -42.21 12.71
C4 CIT M . 16.14 -40.52 14.10
C5 CIT M . 16.11 -41.59 15.19
O3 CIT M . 15.23 -41.43 16.05
O4 CIT M . 17.00 -42.51 15.21
C6 CIT M . 16.84 -40.01 11.70
O5 CIT M . 16.66 -38.79 11.78
O6 CIT M . 16.84 -40.68 10.66
C1 CIT N . 21.90 -14.71 38.52
O1 CIT N . 21.84 -15.03 39.75
O2 CIT N . 22.82 -15.07 37.75
C2 CIT N . 20.78 -13.91 37.87
C3 CIT N . 19.66 -13.56 38.84
O7 CIT N . 20.30 -12.91 39.92
C4 CIT N . 18.99 -14.85 39.30
C5 CIT N . 18.84 -14.89 40.79
O3 CIT N . 19.91 -14.99 41.47
O4 CIT N . 17.70 -14.69 41.27
C6 CIT N . 18.62 -12.57 38.26
O5 CIT N . 18.19 -11.72 39.07
O6 CIT N . 18.27 -12.69 37.07
C1 CIT O . -17.70 18.02 -39.71
O1 CIT O . -17.46 16.89 -39.25
O2 CIT O . -17.05 18.54 -40.62
C2 CIT O . -18.86 18.81 -39.13
C3 CIT O . -18.70 19.36 -37.70
O7 CIT O . -18.82 20.77 -37.77
C4 CIT O . -19.87 18.87 -36.86
C5 CIT O . -21.20 19.44 -37.28
O3 CIT O . -22.12 19.50 -36.45
O4 CIT O . -21.32 19.82 -38.45
C6 CIT O . -17.35 18.99 -37.02
O5 CIT O . -17.36 18.15 -36.09
O6 CIT O . -16.33 19.62 -37.41
C1 CIT P . -38.39 -11.50 -26.02
O1 CIT P . -39.18 -11.10 -25.14
O2 CIT P . -38.70 -12.24 -26.96
C2 CIT P . -36.95 -11.06 -25.95
C3 CIT P . -35.97 -12.24 -25.89
O7 CIT P . -36.62 -13.46 -26.19
C4 CIT P . -34.91 -12.02 -26.96
C5 CIT P . -35.39 -12.30 -28.37
O3 CIT P . -36.63 -12.48 -28.61
O4 CIT P . -34.50 -12.30 -29.24
C6 CIT P . -35.35 -12.32 -24.47
O5 CIT P . -35.79 -13.24 -23.73
O6 CIT P . -34.51 -11.46 -24.16
C1 CIT Q . -12.85 -45.12 8.21
O1 CIT Q . -12.41 -46.30 8.07
O2 CIT Q . -13.79 -44.81 8.95
C2 CIT Q . -12.09 -44.02 7.52
C3 CIT Q . -10.60 -44.01 7.89
O7 CIT Q . -10.29 -45.04 8.81
C4 CIT Q . -9.79 -44.27 6.63
C5 CIT Q . -9.59 -45.73 6.23
O3 CIT Q . -10.27 -46.66 6.73
O4 CIT Q . -8.75 -45.92 5.37
C6 CIT Q . -10.21 -42.63 8.52
O5 CIT Q . -9.25 -42.65 9.35
O6 CIT Q . -10.85 -41.62 8.18
C1 CIT R . -15.16 -34.64 -28.63
O1 CIT R . -16.13 -35.28 -29.12
O2 CIT R . -14.05 -34.53 -29.17
C2 CIT R . -15.39 -33.87 -27.35
C3 CIT R . -16.33 -32.68 -27.54
O7 CIT R . -16.95 -32.76 -28.81
C4 CIT R . -17.44 -32.76 -26.50
C5 CIT R . -18.37 -33.96 -26.62
O3 CIT R . -19.18 -34.08 -25.71
O4 CIT R . -18.24 -34.81 -27.54
C6 CIT R . -15.51 -31.36 -27.43
O5 CIT R . -15.12 -30.98 -26.30
O6 CIT R . -15.30 -30.75 -28.50
C1 CIT S . -21.64 39.70 -14.87
O1 CIT S . -22.48 39.50 -13.99
O2 CIT S . -21.75 40.59 -15.75
C2 CIT S . -20.45 38.77 -14.92
C3 CIT S . -20.53 37.77 -16.07
O7 CIT S . -21.66 38.04 -16.88
C4 CIT S . -19.25 37.95 -16.90
C5 CIT S . -19.11 39.21 -17.77
O3 CIT S . -18.09 39.23 -18.45
O4 CIT S . -19.98 40.13 -17.82
C6 CIT S . -20.64 36.31 -15.53
O5 CIT S . -19.72 35.84 -14.83
O6 CIT S . -21.67 35.68 -15.85
C1 CIT T . 15.62 44.70 -5.88
O1 CIT T . 15.76 45.85 -5.39
O2 CIT T . 16.41 44.21 -6.72
C2 CIT T . 14.48 43.84 -5.39
C3 CIT T . 14.68 43.29 -3.98
O7 CIT T . 15.82 43.90 -3.39
C4 CIT T . 13.47 43.67 -3.12
C5 CIT T . 13.16 45.16 -2.96
O3 CIT T . 12.17 45.44 -2.27
O4 CIT T . 13.85 46.03 -3.54
C6 CIT T . 14.91 41.74 -4.04
O5 CIT T . 14.11 40.98 -3.46
O6 CIT T . 15.89 41.36 -4.70
#